data_5F08
# 
_entry.id   5F08 
# 
_audit_conform.dict_name       mmcif_pdbx.dic 
_audit_conform.dict_version    5.383 
_audit_conform.dict_location   http://mmcif.pdb.org/dictionaries/ascii/mmcif_pdbx.dic 
# 
loop_
_database_2.database_id 
_database_2.database_code 
_database_2.pdbx_database_accession 
_database_2.pdbx_DOI 
PDB   5F08         pdb_00005f08 10.2210/pdb5f08/pdb 
WWPDB D_1000215789 ?            ?                   
# 
loop_
_pdbx_audit_revision_history.ordinal 
_pdbx_audit_revision_history.data_content_type 
_pdbx_audit_revision_history.major_revision 
_pdbx_audit_revision_history.minor_revision 
_pdbx_audit_revision_history.revision_date 
1 'Structure model' 1 0 2016-02-03 
2 'Structure model' 1 1 2016-02-17 
3 'Structure model' 1 2 2017-09-13 
4 'Structure model' 1 3 2024-01-10 
# 
_pdbx_audit_revision_details.ordinal             1 
_pdbx_audit_revision_details.revision_ordinal    1 
_pdbx_audit_revision_details.data_content_type   'Structure model' 
_pdbx_audit_revision_details.provider            repository 
_pdbx_audit_revision_details.type                'Initial release' 
_pdbx_audit_revision_details.description         ? 
_pdbx_audit_revision_details.details             ? 
# 
loop_
_pdbx_audit_revision_group.ordinal 
_pdbx_audit_revision_group.revision_ordinal 
_pdbx_audit_revision_group.data_content_type 
_pdbx_audit_revision_group.group 
1 2 'Structure model' 'Database references'        
2 3 'Structure model' 'Author supporting evidence' 
3 4 'Structure model' 'Data collection'            
4 4 'Structure model' 'Database references'        
5 4 'Structure model' 'Refinement description'     
# 
loop_
_pdbx_audit_revision_category.ordinal 
_pdbx_audit_revision_category.revision_ordinal 
_pdbx_audit_revision_category.data_content_type 
_pdbx_audit_revision_category.category 
1 3 'Structure model' pdbx_audit_support            
2 4 'Structure model' chem_comp_atom                
3 4 'Structure model' chem_comp_bond                
4 4 'Structure model' database_2                    
5 4 'Structure model' pdbx_initial_refinement_model 
# 
loop_
_pdbx_audit_revision_item.ordinal 
_pdbx_audit_revision_item.revision_ordinal 
_pdbx_audit_revision_item.data_content_type 
_pdbx_audit_revision_item.item 
1 3 'Structure model' '_pdbx_audit_support.funding_organization' 
2 4 'Structure model' '_database_2.pdbx_DOI'                     
3 4 'Structure model' '_database_2.pdbx_database_accession'      
# 
_pdbx_database_status.status_code                     REL 
_pdbx_database_status.status_code_sf                  REL 
_pdbx_database_status.status_code_mr                  ? 
_pdbx_database_status.entry_id                        5F08 
_pdbx_database_status.recvd_initial_deposition_date   2015-11-27 
_pdbx_database_status.SG_entry                        N 
_pdbx_database_status.deposit_site                    RCSB 
_pdbx_database_status.process_site                    PDBE 
_pdbx_database_status.status_code_cs                  ? 
_pdbx_database_status.methods_development_category    ? 
_pdbx_database_status.pdb_format_compatible           Y 
_pdbx_database_status.status_code_nmr_data            ? 
# 
loop_
_audit_author.name 
_audit_author.pdbx_ordinal 
'Surade, S.'      1 
'Blaszczyk, M.'   2 
'Nikiforov, P.O.' 3 
'Abell, C.'       4 
'Blundell, T.L.'  5 
# 
_citation.abstract                  ? 
_citation.abstract_id_CAS           ? 
_citation.book_id_ISBN              ? 
_citation.book_publisher            ? 
_citation.book_publisher_city       ? 
_citation.book_title                ? 
_citation.coordinate_linkage        ? 
_citation.country                   UK 
_citation.database_id_Medline       ? 
_citation.details                   ? 
_citation.id                        primary 
_citation.journal_abbrev            Org.Biomol.Chem. 
_citation.journal_id_ASTM           ? 
_citation.journal_id_CSD            ? 
_citation.journal_id_ISSN           1477-0539 
_citation.journal_full              ? 
_citation.journal_issue             ? 
_citation.journal_volume            14 
_citation.language                  ? 
_citation.page_first                2318 
_citation.page_last                 2326 
_citation.title                     
;A fragment merging approach towards the development of small molecule inhibitors of Mycobacterium tuberculosis EthR for use as ethionamide boosters.
;
_citation.year                      2016 
_citation.database_id_CSD           ? 
_citation.pdbx_database_id_DOI      10.1039/c5ob02630j 
_citation.pdbx_database_id_PubMed   26806381 
_citation.unpublished_flag          ? 
# 
loop_
_citation_author.citation_id 
_citation_author.name 
_citation_author.ordinal 
_citation_author.identifier_ORCID 
primary 'Nikiforov, P.O.' 1 ? 
primary 'Surade, S.'      2 ? 
primary 'Blaszczyk, M.'   3 ? 
primary 'Delorme, V.'     4 ? 
primary 'Brodin, P.'      5 ? 
primary 'Baulard, A.R.'   6 ? 
primary 'Blundell, T.L.'  7 ? 
primary 'Abell, C.'       8 ? 
# 
loop_
_entity.id 
_entity.type 
_entity.src_method 
_entity.pdbx_description 
_entity.formula_weight 
_entity.pdbx_number_of_molecules 
_entity.pdbx_ec 
_entity.pdbx_mutation 
_entity.pdbx_fragment 
_entity.details 
1 polymer     man 'HTH-type transcriptional regulator EthR' 25259.254 1  ? ? ? ? 
2 non-polymer syn 
'~{tert}-butyl ~{N}-methyl-~{N}-[[4-[4-(3-oxidanylidene-3-pyrrolidin-1-yl-propyl)piperidin-1-yl]phenyl]methyl]carbamate' 429.595   
1  ? ? ? ? 
3 water       nat water 18.015    18 ? ? ? ? 
# 
_entity_poly.entity_id                      1 
_entity_poly.type                           'polypeptide(L)' 
_entity_poly.nstd_linkage                   no 
_entity_poly.nstd_monomer                   no 
_entity_poly.pdbx_seq_one_letter_code       
;MDIEFTTSAASQASLPRGRRTARPSGDDRELAILATAENLLEDRPLADISVDDLAKGAGISRPTFYFYFPSKEAVLLTLL
DRVVNQADMALQTLAENPADTDRENMWRTGINVFFETFGSHKAVTRAGQAARATSVEVAELWSTFMQKWIAYTAAVIDAE
RDRGAAPRTLPAHELATALNLMNERTLFASFAGEQPSVPEARVLDTLVHIWVTSIYGENRGSHHHHHH
;
_entity_poly.pdbx_seq_one_letter_code_can   
;MDIEFTTSAASQASLPRGRRTARPSGDDRELAILATAENLLEDRPLADISVDDLAKGAGISRPTFYFYFPSKEAVLLTLL
DRVVNQADMALQTLAENPADTDRENMWRTGINVFFETFGSHKAVTRAGQAARATSVEVAELWSTFMQKWIAYTAAVIDAE
RDRGAAPRTLPAHELATALNLMNERTLFASFAGEQPSVPEARVLDTLVHIWVTSIYGENRGSHHHHHH
;
_entity_poly.pdbx_strand_id                 A 
_entity_poly.pdbx_target_identifier         ? 
# 
loop_
_pdbx_entity_nonpoly.entity_id 
_pdbx_entity_nonpoly.name 
_pdbx_entity_nonpoly.comp_id 
2 '~{tert}-butyl ~{N}-methyl-~{N}-[[4-[4-(3-oxidanylidene-3-pyrrolidin-1-yl-propyl)piperidin-1-yl]phenyl]methyl]carbamate' 5TG 
3 water                                                                                                                    HOH 
# 
loop_
_entity_poly_seq.entity_id 
_entity_poly_seq.num 
_entity_poly_seq.mon_id 
_entity_poly_seq.hetero 
1 1   MET n 
1 2   ASP n 
1 3   ILE n 
1 4   GLU n 
1 5   PHE n 
1 6   THR n 
1 7   THR n 
1 8   SER n 
1 9   ALA n 
1 10  ALA n 
1 11  SER n 
1 12  GLN n 
1 13  ALA n 
1 14  SER n 
1 15  LEU n 
1 16  PRO n 
1 17  ARG n 
1 18  GLY n 
1 19  ARG n 
1 20  ARG n 
1 21  THR n 
1 22  ALA n 
1 23  ARG n 
1 24  PRO n 
1 25  SER n 
1 26  GLY n 
1 27  ASP n 
1 28  ASP n 
1 29  ARG n 
1 30  GLU n 
1 31  LEU n 
1 32  ALA n 
1 33  ILE n 
1 34  LEU n 
1 35  ALA n 
1 36  THR n 
1 37  ALA n 
1 38  GLU n 
1 39  ASN n 
1 40  LEU n 
1 41  LEU n 
1 42  GLU n 
1 43  ASP n 
1 44  ARG n 
1 45  PRO n 
1 46  LEU n 
1 47  ALA n 
1 48  ASP n 
1 49  ILE n 
1 50  SER n 
1 51  VAL n 
1 52  ASP n 
1 53  ASP n 
1 54  LEU n 
1 55  ALA n 
1 56  LYS n 
1 57  GLY n 
1 58  ALA n 
1 59  GLY n 
1 60  ILE n 
1 61  SER n 
1 62  ARG n 
1 63  PRO n 
1 64  THR n 
1 65  PHE n 
1 66  TYR n 
1 67  PHE n 
1 68  TYR n 
1 69  PHE n 
1 70  PRO n 
1 71  SER n 
1 72  LYS n 
1 73  GLU n 
1 74  ALA n 
1 75  VAL n 
1 76  LEU n 
1 77  LEU n 
1 78  THR n 
1 79  LEU n 
1 80  LEU n 
1 81  ASP n 
1 82  ARG n 
1 83  VAL n 
1 84  VAL n 
1 85  ASN n 
1 86  GLN n 
1 87  ALA n 
1 88  ASP n 
1 89  MET n 
1 90  ALA n 
1 91  LEU n 
1 92  GLN n 
1 93  THR n 
1 94  LEU n 
1 95  ALA n 
1 96  GLU n 
1 97  ASN n 
1 98  PRO n 
1 99  ALA n 
1 100 ASP n 
1 101 THR n 
1 102 ASP n 
1 103 ARG n 
1 104 GLU n 
1 105 ASN n 
1 106 MET n 
1 107 TRP n 
1 108 ARG n 
1 109 THR n 
1 110 GLY n 
1 111 ILE n 
1 112 ASN n 
1 113 VAL n 
1 114 PHE n 
1 115 PHE n 
1 116 GLU n 
1 117 THR n 
1 118 PHE n 
1 119 GLY n 
1 120 SER n 
1 121 HIS n 
1 122 LYS n 
1 123 ALA n 
1 124 VAL n 
1 125 THR n 
1 126 ARG n 
1 127 ALA n 
1 128 GLY n 
1 129 GLN n 
1 130 ALA n 
1 131 ALA n 
1 132 ARG n 
1 133 ALA n 
1 134 THR n 
1 135 SER n 
1 136 VAL n 
1 137 GLU n 
1 138 VAL n 
1 139 ALA n 
1 140 GLU n 
1 141 LEU n 
1 142 TRP n 
1 143 SER n 
1 144 THR n 
1 145 PHE n 
1 146 MET n 
1 147 GLN n 
1 148 LYS n 
1 149 TRP n 
1 150 ILE n 
1 151 ALA n 
1 152 TYR n 
1 153 THR n 
1 154 ALA n 
1 155 ALA n 
1 156 VAL n 
1 157 ILE n 
1 158 ASP n 
1 159 ALA n 
1 160 GLU n 
1 161 ARG n 
1 162 ASP n 
1 163 ARG n 
1 164 GLY n 
1 165 ALA n 
1 166 ALA n 
1 167 PRO n 
1 168 ARG n 
1 169 THR n 
1 170 LEU n 
1 171 PRO n 
1 172 ALA n 
1 173 HIS n 
1 174 GLU n 
1 175 LEU n 
1 176 ALA n 
1 177 THR n 
1 178 ALA n 
1 179 LEU n 
1 180 ASN n 
1 181 LEU n 
1 182 MET n 
1 183 ASN n 
1 184 GLU n 
1 185 ARG n 
1 186 THR n 
1 187 LEU n 
1 188 PHE n 
1 189 ALA n 
1 190 SER n 
1 191 PHE n 
1 192 ALA n 
1 193 GLY n 
1 194 GLU n 
1 195 GLN n 
1 196 PRO n 
1 197 SER n 
1 198 VAL n 
1 199 PRO n 
1 200 GLU n 
1 201 ALA n 
1 202 ARG n 
1 203 VAL n 
1 204 LEU n 
1 205 ASP n 
1 206 THR n 
1 207 LEU n 
1 208 VAL n 
1 209 HIS n 
1 210 ILE n 
1 211 TRP n 
1 212 VAL n 
1 213 THR n 
1 214 SER n 
1 215 ILE n 
1 216 TYR n 
1 217 GLY n 
1 218 GLU n 
1 219 ASN n 
1 220 ARG n 
1 221 GLY n 
1 222 SER n 
1 223 HIS n 
1 224 HIS n 
1 225 HIS n 
1 226 HIS n 
1 227 HIS n 
1 228 HIS n 
# 
_entity_src_gen.entity_id                          1 
_entity_src_gen.pdbx_src_id                        1 
_entity_src_gen.pdbx_alt_source_flag               sample 
_entity_src_gen.pdbx_seq_type                      'Biological sequence' 
_entity_src_gen.pdbx_beg_seq_num                   1 
_entity_src_gen.pdbx_end_seq_num                   228 
_entity_src_gen.gene_src_common_name               ? 
_entity_src_gen.gene_src_genus                     ? 
_entity_src_gen.pdbx_gene_src_gene                 'ethR, etaR, MT3970' 
_entity_src_gen.gene_src_species                   ? 
_entity_src_gen.gene_src_strain                    ? 
_entity_src_gen.gene_src_tissue                    ? 
_entity_src_gen.gene_src_tissue_fraction           ? 
_entity_src_gen.gene_src_details                   ? 
_entity_src_gen.pdbx_gene_src_fragment             ? 
_entity_src_gen.pdbx_gene_src_scientific_name      'Mycobacterium tuberculosis CDC1551' 
_entity_src_gen.pdbx_gene_src_ncbi_taxonomy_id     83331 
_entity_src_gen.pdbx_gene_src_variant              ? 
_entity_src_gen.pdbx_gene_src_cell_line            ? 
_entity_src_gen.pdbx_gene_src_atcc                 ? 
_entity_src_gen.pdbx_gene_src_organ                ? 
_entity_src_gen.pdbx_gene_src_organelle            ? 
_entity_src_gen.pdbx_gene_src_cell                 ? 
_entity_src_gen.pdbx_gene_src_cellular_location    ? 
_entity_src_gen.host_org_common_name               ? 
_entity_src_gen.pdbx_host_org_scientific_name      'Escherichia coli' 
_entity_src_gen.pdbx_host_org_ncbi_taxonomy_id     562 
_entity_src_gen.host_org_genus                     ? 
_entity_src_gen.pdbx_host_org_gene                 ? 
_entity_src_gen.pdbx_host_org_organ                ? 
_entity_src_gen.host_org_species                   ? 
_entity_src_gen.pdbx_host_org_tissue               ? 
_entity_src_gen.pdbx_host_org_tissue_fraction      ? 
_entity_src_gen.pdbx_host_org_strain               ? 
_entity_src_gen.pdbx_host_org_variant              ? 
_entity_src_gen.pdbx_host_org_cell_line            ? 
_entity_src_gen.pdbx_host_org_atcc                 ? 
_entity_src_gen.pdbx_host_org_culture_collection   ? 
_entity_src_gen.pdbx_host_org_cell                 ? 
_entity_src_gen.pdbx_host_org_organelle            ? 
_entity_src_gen.pdbx_host_org_cellular_location    ? 
_entity_src_gen.pdbx_host_org_vector_type          ? 
_entity_src_gen.pdbx_host_org_vector               ? 
_entity_src_gen.host_org_details                   ? 
_entity_src_gen.expression_system_id               ? 
_entity_src_gen.plasmid_name                       ? 
_entity_src_gen.plasmid_details                    ? 
_entity_src_gen.pdbx_description                   ? 
# 
loop_
_chem_comp.id 
_chem_comp.type 
_chem_comp.mon_nstd_flag 
_chem_comp.name 
_chem_comp.pdbx_synonyms 
_chem_comp.formula 
_chem_comp.formula_weight 
5TG non-polymer         . 
'~{tert}-butyl ~{N}-methyl-~{N}-[[4-[4-(3-oxidanylidene-3-pyrrolidin-1-yl-propyl)piperidin-1-yl]phenyl]methyl]carbamate' ? 
'C25 H39 N3 O3'  429.595 
ALA 'L-peptide linking' y ALANINE ? 'C3 H7 N O2'     89.093  
ARG 'L-peptide linking' y ARGININE ? 'C6 H15 N4 O2 1' 175.209 
ASN 'L-peptide linking' y ASPARAGINE ? 'C4 H8 N2 O3'    132.118 
ASP 'L-peptide linking' y 'ASPARTIC ACID' ? 'C4 H7 N O4'     133.103 
GLN 'L-peptide linking' y GLUTAMINE ? 'C5 H10 N2 O3'   146.144 
GLU 'L-peptide linking' y 'GLUTAMIC ACID' ? 'C5 H9 N O4'     147.129 
GLY 'peptide linking'   y GLYCINE ? 'C2 H5 N O2'     75.067  
HIS 'L-peptide linking' y HISTIDINE ? 'C6 H10 N3 O2 1' 156.162 
HOH non-polymer         . WATER ? 'H2 O'           18.015  
ILE 'L-peptide linking' y ISOLEUCINE ? 'C6 H13 N O2'    131.173 
LEU 'L-peptide linking' y LEUCINE ? 'C6 H13 N O2'    131.173 
LYS 'L-peptide linking' y LYSINE ? 'C6 H15 N2 O2 1' 147.195 
MET 'L-peptide linking' y METHIONINE ? 'C5 H11 N O2 S'  149.211 
PHE 'L-peptide linking' y PHENYLALANINE ? 'C9 H11 N O2'    165.189 
PRO 'L-peptide linking' y PROLINE ? 'C5 H9 N O2'     115.130 
SER 'L-peptide linking' y SERINE ? 'C3 H7 N O3'     105.093 
THR 'L-peptide linking' y THREONINE ? 'C4 H9 N O3'     119.119 
TRP 'L-peptide linking' y TRYPTOPHAN ? 'C11 H12 N2 O2'  204.225 
TYR 'L-peptide linking' y TYROSINE ? 'C9 H11 N O3'    181.189 
VAL 'L-peptide linking' y VALINE ? 'C5 H11 N O2'    117.146 
# 
loop_
_pdbx_poly_seq_scheme.asym_id 
_pdbx_poly_seq_scheme.entity_id 
_pdbx_poly_seq_scheme.seq_id 
_pdbx_poly_seq_scheme.mon_id 
_pdbx_poly_seq_scheme.ndb_seq_num 
_pdbx_poly_seq_scheme.pdb_seq_num 
_pdbx_poly_seq_scheme.auth_seq_num 
_pdbx_poly_seq_scheme.pdb_mon_id 
_pdbx_poly_seq_scheme.auth_mon_id 
_pdbx_poly_seq_scheme.pdb_strand_id 
_pdbx_poly_seq_scheme.pdb_ins_code 
_pdbx_poly_seq_scheme.hetero 
A 1 1   MET 1   -3  ?   ?   ?   A . n 
A 1 2   ASP 2   -2  ?   ?   ?   A . n 
A 1 3   ILE 3   -1  ?   ?   ?   A . n 
A 1 4   GLU 4   0   ?   ?   ?   A . n 
A 1 5   PHE 5   1   ?   ?   ?   A . n 
A 1 6   THR 6   2   ?   ?   ?   A . n 
A 1 7   THR 7   3   ?   ?   ?   A . n 
A 1 8   SER 8   4   ?   ?   ?   A . n 
A 1 9   ALA 9   5   ?   ?   ?   A . n 
A 1 10  ALA 10  6   ?   ?   ?   A . n 
A 1 11  SER 11  7   ?   ?   ?   A . n 
A 1 12  GLN 12  8   ?   ?   ?   A . n 
A 1 13  ALA 13  9   ?   ?   ?   A . n 
A 1 14  SER 14  10  ?   ?   ?   A . n 
A 1 15  LEU 15  11  ?   ?   ?   A . n 
A 1 16  PRO 16  12  ?   ?   ?   A . n 
A 1 17  ARG 17  13  ?   ?   ?   A . n 
A 1 18  GLY 18  14  ?   ?   ?   A . n 
A 1 19  ARG 19  15  ?   ?   ?   A . n 
A 1 20  ARG 20  16  ?   ?   ?   A . n 
A 1 21  THR 21  17  ?   ?   ?   A . n 
A 1 22  ALA 22  18  ?   ?   ?   A . n 
A 1 23  ARG 23  19  ?   ?   ?   A . n 
A 1 24  PRO 24  20  ?   ?   ?   A . n 
A 1 25  SER 25  21  ?   ?   ?   A . n 
A 1 26  GLY 26  22  22  GLY GLY A . n 
A 1 27  ASP 27  23  23  ASP ASP A . n 
A 1 28  ASP 28  24  24  ASP ASP A . n 
A 1 29  ARG 29  25  25  ARG ARG A . n 
A 1 30  GLU 30  26  26  GLU GLU A . n 
A 1 31  LEU 31  27  27  LEU LEU A . n 
A 1 32  ALA 32  28  28  ALA ALA A . n 
A 1 33  ILE 33  29  29  ILE ILE A . n 
A 1 34  LEU 34  30  30  LEU LEU A . n 
A 1 35  ALA 35  31  31  ALA ALA A . n 
A 1 36  THR 36  32  32  THR THR A . n 
A 1 37  ALA 37  33  33  ALA ALA A . n 
A 1 38  GLU 38  34  34  GLU GLU A . n 
A 1 39  ASN 39  35  35  ASN ASN A . n 
A 1 40  LEU 40  36  36  LEU LEU A . n 
A 1 41  LEU 41  37  37  LEU LEU A . n 
A 1 42  GLU 42  38  38  GLU GLU A . n 
A 1 43  ASP 43  39  39  ASP ASP A . n 
A 1 44  ARG 44  40  40  ARG ARG A . n 
A 1 45  PRO 45  41  41  PRO PRO A . n 
A 1 46  LEU 46  42  42  LEU LEU A . n 
A 1 47  ALA 47  43  43  ALA ALA A . n 
A 1 48  ASP 48  44  44  ASP ASP A . n 
A 1 49  ILE 49  45  45  ILE ILE A . n 
A 1 50  SER 50  46  46  SER SER A . n 
A 1 51  VAL 51  47  47  VAL VAL A . n 
A 1 52  ASP 52  48  48  ASP ASP A . n 
A 1 53  ASP 53  49  49  ASP ASP A . n 
A 1 54  LEU 54  50  50  LEU LEU A . n 
A 1 55  ALA 55  51  51  ALA ALA A . n 
A 1 56  LYS 56  52  52  LYS LYS A . n 
A 1 57  GLY 57  53  53  GLY GLY A . n 
A 1 58  ALA 58  54  54  ALA ALA A . n 
A 1 59  GLY 59  55  55  GLY GLY A . n 
A 1 60  ILE 60  56  56  ILE ILE A . n 
A 1 61  SER 61  57  57  SER SER A . n 
A 1 62  ARG 62  58  58  ARG ARG A . n 
A 1 63  PRO 63  59  59  PRO PRO A . n 
A 1 64  THR 64  60  60  THR THR A . n 
A 1 65  PHE 65  61  61  PHE PHE A . n 
A 1 66  TYR 66  62  62  TYR TYR A . n 
A 1 67  PHE 67  63  63  PHE PHE A . n 
A 1 68  TYR 68  64  64  TYR TYR A . n 
A 1 69  PHE 69  65  65  PHE PHE A . n 
A 1 70  PRO 70  66  66  PRO PRO A . n 
A 1 71  SER 71  67  67  SER SER A . n 
A 1 72  LYS 72  68  68  LYS LYS A . n 
A 1 73  GLU 73  69  69  GLU GLU A . n 
A 1 74  ALA 74  70  70  ALA ALA A . n 
A 1 75  VAL 75  71  71  VAL VAL A . n 
A 1 76  LEU 76  72  72  LEU LEU A . n 
A 1 77  LEU 77  73  73  LEU LEU A . n 
A 1 78  THR 78  74  74  THR THR A . n 
A 1 79  LEU 79  75  75  LEU LEU A . n 
A 1 80  LEU 80  76  76  LEU LEU A . n 
A 1 81  ASP 81  77  77  ASP ASP A . n 
A 1 82  ARG 82  78  78  ARG ARG A . n 
A 1 83  VAL 83  79  79  VAL VAL A . n 
A 1 84  VAL 84  80  80  VAL VAL A . n 
A 1 85  ASN 85  81  81  ASN ASN A . n 
A 1 86  GLN 86  82  82  GLN GLN A . n 
A 1 87  ALA 87  83  83  ALA ALA A . n 
A 1 88  ASP 88  84  84  ASP ASP A . n 
A 1 89  MET 89  85  85  MET MET A . n 
A 1 90  ALA 90  86  86  ALA ALA A . n 
A 1 91  LEU 91  87  87  LEU LEU A . n 
A 1 92  GLN 92  88  88  GLN GLN A . n 
A 1 93  THR 93  89  89  THR THR A . n 
A 1 94  LEU 94  90  90  LEU LEU A . n 
A 1 95  ALA 95  91  91  ALA ALA A . n 
A 1 96  GLU 96  92  92  GLU GLU A . n 
A 1 97  ASN 97  93  93  ASN ASN A . n 
A 1 98  PRO 98  94  94  PRO PRO A . n 
A 1 99  ALA 99  95  95  ALA ALA A . n 
A 1 100 ASP 100 96  96  ASP ASP A . n 
A 1 101 THR 101 97  97  THR THR A . n 
A 1 102 ASP 102 98  98  ASP ASP A . n 
A 1 103 ARG 103 99  99  ARG ARG A . n 
A 1 104 GLU 104 100 100 GLU GLU A . n 
A 1 105 ASN 105 101 101 ASN ASN A . n 
A 1 106 MET 106 102 102 MET MET A . n 
A 1 107 TRP 107 103 103 TRP TRP A . n 
A 1 108 ARG 108 104 104 ARG ARG A . n 
A 1 109 THR 109 105 105 THR THR A . n 
A 1 110 GLY 110 106 106 GLY GLY A . n 
A 1 111 ILE 111 107 107 ILE ILE A . n 
A 1 112 ASN 112 108 108 ASN ASN A . n 
A 1 113 VAL 113 109 109 VAL VAL A . n 
A 1 114 PHE 114 110 110 PHE PHE A . n 
A 1 115 PHE 115 111 111 PHE PHE A . n 
A 1 116 GLU 116 112 112 GLU GLU A . n 
A 1 117 THR 117 113 113 THR THR A . n 
A 1 118 PHE 118 114 114 PHE PHE A . n 
A 1 119 GLY 119 115 115 GLY GLY A . n 
A 1 120 SER 120 116 116 SER SER A . n 
A 1 121 HIS 121 117 117 HIS HIS A . n 
A 1 122 LYS 122 118 118 LYS LYS A . n 
A 1 123 ALA 123 119 119 ALA ALA A . n 
A 1 124 VAL 124 120 120 VAL VAL A . n 
A 1 125 THR 125 121 121 THR THR A . n 
A 1 126 ARG 126 122 122 ARG ARG A . n 
A 1 127 ALA 127 123 123 ALA ALA A . n 
A 1 128 GLY 128 124 124 GLY GLY A . n 
A 1 129 GLN 129 125 125 GLN GLN A . n 
A 1 130 ALA 130 126 126 ALA ALA A . n 
A 1 131 ALA 131 127 127 ALA ALA A . n 
A 1 132 ARG 132 128 128 ARG ARG A . n 
A 1 133 ALA 133 129 129 ALA ALA A . n 
A 1 134 THR 134 130 130 THR THR A . n 
A 1 135 SER 135 131 131 SER SER A . n 
A 1 136 VAL 136 132 132 VAL VAL A . n 
A 1 137 GLU 137 133 133 GLU GLU A . n 
A 1 138 VAL 138 134 134 VAL VAL A . n 
A 1 139 ALA 139 135 135 ALA ALA A . n 
A 1 140 GLU 140 136 136 GLU GLU A . n 
A 1 141 LEU 141 137 137 LEU LEU A . n 
A 1 142 TRP 142 138 138 TRP TRP A . n 
A 1 143 SER 143 139 139 SER SER A . n 
A 1 144 THR 144 140 140 THR THR A . n 
A 1 145 PHE 145 141 141 PHE PHE A . n 
A 1 146 MET 146 142 142 MET MET A . n 
A 1 147 GLN 147 143 143 GLN GLN A . n 
A 1 148 LYS 148 144 144 LYS LYS A . n 
A 1 149 TRP 149 145 145 TRP TRP A . n 
A 1 150 ILE 150 146 146 ILE ILE A . n 
A 1 151 ALA 151 147 147 ALA ALA A . n 
A 1 152 TYR 152 148 148 TYR TYR A . n 
A 1 153 THR 153 149 149 THR THR A . n 
A 1 154 ALA 154 150 150 ALA ALA A . n 
A 1 155 ALA 155 151 151 ALA ALA A . n 
A 1 156 VAL 156 152 152 VAL VAL A . n 
A 1 157 ILE 157 153 153 ILE ILE A . n 
A 1 158 ASP 158 154 154 ASP ASP A . n 
A 1 159 ALA 159 155 155 ALA ALA A . n 
A 1 160 GLU 160 156 156 GLU GLU A . n 
A 1 161 ARG 161 157 157 ARG ARG A . n 
A 1 162 ASP 162 158 158 ASP ASP A . n 
A 1 163 ARG 163 159 159 ARG ARG A . n 
A 1 164 GLY 164 160 160 GLY GLY A . n 
A 1 165 ALA 165 161 161 ALA ALA A . n 
A 1 166 ALA 166 162 162 ALA ALA A . n 
A 1 167 PRO 167 163 163 PRO PRO A . n 
A 1 168 ARG 168 164 164 ARG ARG A . n 
A 1 169 THR 169 165 165 THR THR A . n 
A 1 170 LEU 170 166 166 LEU LEU A . n 
A 1 171 PRO 171 167 167 PRO PRO A . n 
A 1 172 ALA 172 168 168 ALA ALA A . n 
A 1 173 HIS 173 169 169 HIS HIS A . n 
A 1 174 GLU 174 170 170 GLU GLU A . n 
A 1 175 LEU 175 171 171 LEU LEU A . n 
A 1 176 ALA 176 172 172 ALA ALA A . n 
A 1 177 THR 177 173 173 THR THR A . n 
A 1 178 ALA 178 174 174 ALA ALA A . n 
A 1 179 LEU 179 175 175 LEU LEU A . n 
A 1 180 ASN 180 176 176 ASN ASN A . n 
A 1 181 LEU 181 177 177 LEU LEU A . n 
A 1 182 MET 182 178 178 MET MET A . n 
A 1 183 ASN 183 179 179 ASN ASN A . n 
A 1 184 GLU 184 180 180 GLU GLU A . n 
A 1 185 ARG 185 181 181 ARG ARG A . n 
A 1 186 THR 186 182 182 THR THR A . n 
A 1 187 LEU 187 183 183 LEU LEU A . n 
A 1 188 PHE 188 184 184 PHE PHE A . n 
A 1 189 ALA 189 185 185 ALA ALA A . n 
A 1 190 SER 190 186 186 SER SER A . n 
A 1 191 PHE 191 187 187 PHE PHE A . n 
A 1 192 ALA 192 188 188 ALA ALA A . n 
A 1 193 GLY 193 189 189 GLY GLY A . n 
A 1 194 GLU 194 190 190 GLU GLU A . n 
A 1 195 GLN 195 191 191 GLN GLN A . n 
A 1 196 PRO 196 192 192 PRO PRO A . n 
A 1 197 SER 197 193 193 SER SER A . n 
A 1 198 VAL 198 194 194 VAL VAL A . n 
A 1 199 PRO 199 195 195 PRO PRO A . n 
A 1 200 GLU 200 196 196 GLU GLU A . n 
A 1 201 ALA 201 197 197 ALA ALA A . n 
A 1 202 ARG 202 198 198 ARG ARG A . n 
A 1 203 VAL 203 199 199 VAL VAL A . n 
A 1 204 LEU 204 200 200 LEU LEU A . n 
A 1 205 ASP 205 201 201 ASP ASP A . n 
A 1 206 THR 206 202 202 THR THR A . n 
A 1 207 LEU 207 203 203 LEU LEU A . n 
A 1 208 VAL 208 204 204 VAL VAL A . n 
A 1 209 HIS 209 205 205 HIS HIS A . n 
A 1 210 ILE 210 206 206 ILE ILE A . n 
A 1 211 TRP 211 207 207 TRP TRP A . n 
A 1 212 VAL 212 208 208 VAL VAL A . n 
A 1 213 THR 213 209 209 THR THR A . n 
A 1 214 SER 214 210 210 SER SER A . n 
A 1 215 ILE 215 211 211 ILE ILE A . n 
A 1 216 TYR 216 212 212 TYR TYR A . n 
A 1 217 GLY 217 213 213 GLY GLY A . n 
A 1 218 GLU 218 214 214 GLU GLU A . n 
A 1 219 ASN 219 215 ?   ?   ?   A . n 
A 1 220 ARG 220 216 ?   ?   ?   A . n 
A 1 221 GLY 221 217 ?   ?   ?   A . n 
A 1 222 SER 222 218 ?   ?   ?   A . n 
A 1 223 HIS 223 219 ?   ?   ?   A . n 
A 1 224 HIS 224 220 ?   ?   ?   A . n 
A 1 225 HIS 225 221 ?   ?   ?   A . n 
A 1 226 HIS 226 222 ?   ?   ?   A . n 
A 1 227 HIS 227 223 ?   ?   ?   A . n 
A 1 228 HIS 228 224 ?   ?   ?   A . n 
# 
loop_
_pdbx_nonpoly_scheme.asym_id 
_pdbx_nonpoly_scheme.entity_id 
_pdbx_nonpoly_scheme.mon_id 
_pdbx_nonpoly_scheme.ndb_seq_num 
_pdbx_nonpoly_scheme.pdb_seq_num 
_pdbx_nonpoly_scheme.auth_seq_num 
_pdbx_nonpoly_scheme.pdb_mon_id 
_pdbx_nonpoly_scheme.auth_mon_id 
_pdbx_nonpoly_scheme.pdb_strand_id 
_pdbx_nonpoly_scheme.pdb_ins_code 
B 2 5TG 1  301 1  5TG 177 A . 
C 3 HOH 1  401 14 HOH HOH A . 
C 3 HOH 2  402 7  HOH HOH A . 
C 3 HOH 3  403 11 HOH HOH A . 
C 3 HOH 4  404 4  HOH HOH A . 
C 3 HOH 5  405 13 HOH HOH A . 
C 3 HOH 6  406 17 HOH HOH A . 
C 3 HOH 7  407 6  HOH HOH A . 
C 3 HOH 8  408 1  HOH HOH A . 
C 3 HOH 9  409 9  HOH HOH A . 
C 3 HOH 10 410 10 HOH HOH A . 
C 3 HOH 11 411 18 HOH HOH A . 
C 3 HOH 12 412 12 HOH HOH A . 
C 3 HOH 13 413 16 HOH HOH A . 
C 3 HOH 14 414 5  HOH HOH A . 
C 3 HOH 15 415 3  HOH HOH A . 
C 3 HOH 16 416 8  HOH HOH A . 
C 3 HOH 17 417 15 HOH HOH A . 
C 3 HOH 18 418 2  HOH HOH A . 
# 
loop_
_pdbx_unobs_or_zero_occ_atoms.id 
_pdbx_unobs_or_zero_occ_atoms.PDB_model_num 
_pdbx_unobs_or_zero_occ_atoms.polymer_flag 
_pdbx_unobs_or_zero_occ_atoms.occupancy_flag 
_pdbx_unobs_or_zero_occ_atoms.auth_asym_id 
_pdbx_unobs_or_zero_occ_atoms.auth_comp_id 
_pdbx_unobs_or_zero_occ_atoms.auth_seq_id 
_pdbx_unobs_or_zero_occ_atoms.PDB_ins_code 
_pdbx_unobs_or_zero_occ_atoms.auth_atom_id 
_pdbx_unobs_or_zero_occ_atoms.label_alt_id 
_pdbx_unobs_or_zero_occ_atoms.label_asym_id 
_pdbx_unobs_or_zero_occ_atoms.label_comp_id 
_pdbx_unobs_or_zero_occ_atoms.label_seq_id 
_pdbx_unobs_or_zero_occ_atoms.label_atom_id 
1  1 Y 1 A ASP 23  ? CG  ? A ASP 27  CG  
2  1 Y 1 A ASP 23  ? OD1 ? A ASP 27  OD1 
3  1 Y 1 A ASP 23  ? OD2 ? A ASP 27  OD2 
4  1 Y 1 A ARG 25  ? CD  ? A ARG 29  CD  
5  1 Y 1 A ARG 25  ? NE  ? A ARG 29  NE  
6  1 Y 1 A ARG 25  ? CZ  ? A ARG 29  CZ  
7  1 Y 1 A ARG 25  ? NH1 ? A ARG 29  NH1 
8  1 Y 1 A ARG 25  ? NH2 ? A ARG 29  NH2 
9  1 Y 1 A LYS 52  ? CG  ? A LYS 56  CG  
10 1 Y 1 A LYS 52  ? CD  ? A LYS 56  CD  
11 1 Y 1 A LYS 52  ? CE  ? A LYS 56  CE  
12 1 Y 1 A LYS 52  ? NZ  ? A LYS 56  NZ  
13 1 Y 1 A GLU 214 ? CD  ? A GLU 218 CD  
14 1 Y 1 A GLU 214 ? OE1 ? A GLU 218 OE1 
15 1 Y 1 A GLU 214 ? OE2 ? A GLU 218 OE2 
16 1 N 1 A 5TG 301 ? N2  ? B 5TG 1   N2  
17 1 N 1 A 5TG 301 ? C20 ? B 5TG 1   C20 
18 1 N 1 A 5TG 301 ? C19 ? B 5TG 1   C19 
19 1 N 1 A 5TG 301 ? O3  ? B 5TG 1   O3  
20 1 N 1 A 5TG 301 ? C22 ? B 5TG 1   C22 
21 1 N 1 A 5TG 301 ? O1  ? B 5TG 1   O1  
22 1 N 1 A 5TG 301 ? C21 ? B 5TG 1   C21 
23 1 N 1 A 5TG 301 ? C23 ? B 5TG 1   C23 
24 1 N 1 A 5TG 301 ? C24 ? B 5TG 1   C24 
# 
loop_
_software.citation_id 
_software.classification 
_software.compiler_name 
_software.compiler_version 
_software.contact_author 
_software.contact_author_email 
_software.date 
_software.description 
_software.dependencies 
_software.hardware 
_software.language 
_software.location 
_software.mods 
_software.name 
_software.os 
_software.os_version 
_software.type 
_software.version 
_software.pdbx_ordinal 
? 'data scaling'    ? ? ? ? ? ? ? ? ? ? ? Aimless     ? ? ? 0.1.29   1 
? phasing           ? ? ? ? ? ? ? ? ? ? ? PHASER      ? ? ? 2.3.0    2 
? refinement        ? ? ? ? ? ? ? ? ? ? ? REFMAC      ? ? ? 5.6.0117 3 
? 'data extraction' ? ? ? ? ? ? ? ? ? ? ? PDB_EXTRACT ? ? ? 3.15     4 
? 'data reduction'  ? ? ? ? ? ? ? ? ? ? ? xia2        ? ? ? .        5 
? phasing           ? ? ? ? ? ? ? ? ? ? ? PHASER      ? ? ? .        6 
# 
_cell.angle_alpha                  90.000 
_cell.angle_alpha_esd              ? 
_cell.angle_beta                   90.000 
_cell.angle_beta_esd               ? 
_cell.angle_gamma                  90.000 
_cell.angle_gamma_esd              ? 
_cell.entry_id                     5F08 
_cell.details                      ? 
_cell.formula_units_Z              ? 
_cell.length_a                     120.680 
_cell.length_a_esd                 ? 
_cell.length_b                     120.680 
_cell.length_b_esd                 ? 
_cell.length_c                     33.740 
_cell.length_c_esd                 ? 
_cell.volume                       ? 
_cell.volume_esd                   ? 
_cell.Z_PDB                        8 
_cell.reciprocal_angle_alpha       ? 
_cell.reciprocal_angle_beta        ? 
_cell.reciprocal_angle_gamma       ? 
_cell.reciprocal_angle_alpha_esd   ? 
_cell.reciprocal_angle_beta_esd    ? 
_cell.reciprocal_angle_gamma_esd   ? 
_cell.reciprocal_length_a          ? 
_cell.reciprocal_length_b          ? 
_cell.reciprocal_length_c          ? 
_cell.reciprocal_length_a_esd      ? 
_cell.reciprocal_length_b_esd      ? 
_cell.reciprocal_length_c_esd      ? 
_cell.pdbx_unique_axis             ? 
# 
_symmetry.entry_id                         5F08 
_symmetry.cell_setting                     ? 
_symmetry.Int_Tables_number                92 
_symmetry.space_group_name_Hall            ? 
_symmetry.space_group_name_H-M             'P 41 21 2' 
_symmetry.pdbx_full_space_group_name_H-M   ? 
# 
_exptl.absorpt_coefficient_mu     ? 
_exptl.absorpt_correction_T_max   ? 
_exptl.absorpt_correction_T_min   ? 
_exptl.absorpt_correction_type    ? 
_exptl.absorpt_process_details    ? 
_exptl.entry_id                   5F08 
_exptl.crystals_number            1 
_exptl.details                    ? 
_exptl.method                     'X-RAY DIFFRACTION' 
_exptl.method_details             ? 
# 
_exptl_crystal.colour                      ? 
_exptl_crystal.density_diffrn              ? 
_exptl_crystal.density_Matthews            2.43 
_exptl_crystal.density_method              ? 
_exptl_crystal.density_percent_sol         49.42 
_exptl_crystal.description                 ? 
_exptl_crystal.F_000                       ? 
_exptl_crystal.id                          1 
_exptl_crystal.preparation                 ? 
_exptl_crystal.size_max                    ? 
_exptl_crystal.size_mid                    ? 
_exptl_crystal.size_min                    ? 
_exptl_crystal.size_rad                    ? 
_exptl_crystal.colour_lustre               ? 
_exptl_crystal.colour_modifier             ? 
_exptl_crystal.colour_primary              ? 
_exptl_crystal.density_meas                ? 
_exptl_crystal.density_meas_esd            ? 
_exptl_crystal.density_meas_gt             ? 
_exptl_crystal.density_meas_lt             ? 
_exptl_crystal.density_meas_temp           ? 
_exptl_crystal.density_meas_temp_esd       ? 
_exptl_crystal.density_meas_temp_gt        ? 
_exptl_crystal.density_meas_temp_lt        ? 
_exptl_crystal.pdbx_crystal_image_url      ? 
_exptl_crystal.pdbx_crystal_image_format   ? 
_exptl_crystal.pdbx_mosaicity              ? 
_exptl_crystal.pdbx_mosaicity_esd          ? 
# 
_exptl_crystal_grow.apparatus       ? 
_exptl_crystal_grow.atmosphere      ? 
_exptl_crystal_grow.crystal_id      1 
_exptl_crystal_grow.details         ? 
_exptl_crystal_grow.method          'VAPOR DIFFUSION, SITTING DROP' 
_exptl_crystal_grow.method_ref      ? 
_exptl_crystal_grow.pH              6.5 
_exptl_crystal_grow.pressure        ? 
_exptl_crystal_grow.pressure_esd    ? 
_exptl_crystal_grow.seeding         ? 
_exptl_crystal_grow.seeding_ref     ? 
_exptl_crystal_grow.temp            298 
_exptl_crystal_grow.temp_details    ? 
_exptl_crystal_grow.temp_esd        ? 
_exptl_crystal_grow.time            ? 
_exptl_crystal_grow.pdbx_details    'Ammonium sulphate, Glycerol, MES' 
_exptl_crystal_grow.pdbx_pH_range   '6.3 - 6.5' 
# 
_diffrn.ambient_environment    ? 
_diffrn.ambient_temp           100 
_diffrn.ambient_temp_details   ? 
_diffrn.ambient_temp_esd       ? 
_diffrn.crystal_id             1 
_diffrn.crystal_support        ? 
_diffrn.crystal_treatment      ? 
_diffrn.details                ? 
_diffrn.id                     1 
_diffrn.ambient_pressure       ? 
_diffrn.ambient_pressure_esd   ? 
_diffrn.ambient_pressure_gt    ? 
_diffrn.ambient_pressure_lt    ? 
_diffrn.ambient_temp_gt        ? 
_diffrn.ambient_temp_lt        ? 
# 
_diffrn_detector.details                      ? 
_diffrn_detector.detector                     PIXEL 
_diffrn_detector.diffrn_id                    1 
_diffrn_detector.type                         'DECTRIS PILATUS 6M' 
_diffrn_detector.area_resol_mean              ? 
_diffrn_detector.dtime                        ? 
_diffrn_detector.pdbx_frames_total            ? 
_diffrn_detector.pdbx_collection_time_total   ? 
_diffrn_detector.pdbx_collection_date         2013-12-11 
# 
_diffrn_radiation.collimation                      ? 
_diffrn_radiation.diffrn_id                        1 
_diffrn_radiation.filter_edge                      ? 
_diffrn_radiation.inhomogeneity                    ? 
_diffrn_radiation.monochromator                    ? 
_diffrn_radiation.polarisn_norm                    ? 
_diffrn_radiation.polarisn_ratio                   ? 
_diffrn_radiation.probe                            ? 
_diffrn_radiation.type                             ? 
_diffrn_radiation.xray_symbol                      ? 
_diffrn_radiation.wavelength_id                    1 
_diffrn_radiation.pdbx_monochromatic_or_laue_m_l   M 
_diffrn_radiation.pdbx_wavelength_list             ? 
_diffrn_radiation.pdbx_wavelength                  ? 
_diffrn_radiation.pdbx_diffrn_protocol             'SINGLE WAVELENGTH' 
_diffrn_radiation.pdbx_analyzer                    ? 
_diffrn_radiation.pdbx_scattering_type             x-ray 
# 
_diffrn_radiation_wavelength.id           1 
_diffrn_radiation_wavelength.wavelength   0.97943 
_diffrn_radiation_wavelength.wt           1.0 
# 
_diffrn_source.current                     ? 
_diffrn_source.details                     ? 
_diffrn_source.diffrn_id                   1 
_diffrn_source.power                       ? 
_diffrn_source.size                        ? 
_diffrn_source.source                      SYNCHROTRON 
_diffrn_source.target                      ? 
_diffrn_source.type                        'DIAMOND BEAMLINE I04' 
_diffrn_source.voltage                     ? 
_diffrn_source.take-off_angle              ? 
_diffrn_source.pdbx_wavelength_list        0.97943 
_diffrn_source.pdbx_wavelength             ? 
_diffrn_source.pdbx_synchrotron_beamline   I04 
_diffrn_source.pdbx_synchrotron_site       Diamond 
# 
_reflns.B_iso_Wilson_estimate            ? 
_reflns.entry_id                         5F08 
_reflns.data_reduction_details           ? 
_reflns.data_reduction_method            ? 
_reflns.d_resolution_high                1.920 
_reflns.d_resolution_low                 53.970 
_reflns.details                          ? 
_reflns.limit_h_max                      ? 
_reflns.limit_h_min                      ? 
_reflns.limit_k_max                      ? 
_reflns.limit_k_min                      ? 
_reflns.limit_l_max                      ? 
_reflns.limit_l_min                      ? 
_reflns.number_all                       ? 
_reflns.number_obs                       19677 
_reflns.observed_criterion               ? 
_reflns.observed_criterion_F_max         ? 
_reflns.observed_criterion_F_min         ? 
_reflns.observed_criterion_I_max         ? 
_reflns.observed_criterion_I_min         ? 
_reflns.observed_criterion_sigma_F       ? 
_reflns.observed_criterion_sigma_I       ? 
_reflns.percent_possible_obs             99.800 
_reflns.R_free_details                   ? 
_reflns.Rmerge_F_all                     ? 
_reflns.Rmerge_F_obs                     ? 
_reflns.Friedel_coverage                 ? 
_reflns.number_gt                        ? 
_reflns.threshold_expression             ? 
_reflns.pdbx_redundancy                  12.600 
_reflns.pdbx_Rmerge_I_obs                0.069 
_reflns.pdbx_Rmerge_I_all                ? 
_reflns.pdbx_Rsym_value                  ? 
_reflns.pdbx_netI_over_av_sigmaI         ? 
_reflns.pdbx_netI_over_sigmaI            23.200 
_reflns.pdbx_res_netI_over_av_sigmaI_2   ? 
_reflns.pdbx_res_netI_over_sigmaI_2      ? 
_reflns.pdbx_chi_squared                 ? 
_reflns.pdbx_scaling_rejects             ? 
_reflns.pdbx_d_res_high_opt              ? 
_reflns.pdbx_d_res_low_opt               ? 
_reflns.pdbx_d_res_opt_method            ? 
_reflns.phase_calculation_details        ? 
_reflns.pdbx_Rrim_I_all                  ? 
_reflns.pdbx_Rpim_I_all                  0.020 
_reflns.pdbx_d_opt                       ? 
_reflns.pdbx_number_measured_all         247645 
_reflns.pdbx_diffrn_id                   1 
_reflns.pdbx_ordinal                     1 
_reflns.pdbx_CC_half                     0.999 
_reflns.pdbx_R_split                     ? 
# 
loop_
_reflns_shell.d_res_high 
_reflns_shell.d_res_low 
_reflns_shell.meanI_over_sigI_all 
_reflns_shell.meanI_over_sigI_obs 
_reflns_shell.number_measured_all 
_reflns_shell.number_measured_obs 
_reflns_shell.number_possible 
_reflns_shell.number_unique_all 
_reflns_shell.number_unique_obs 
_reflns_shell.percent_possible_all 
_reflns_shell.percent_possible_obs 
_reflns_shell.Rmerge_F_all 
_reflns_shell.Rmerge_F_obs 
_reflns_shell.Rmerge_I_all 
_reflns_shell.Rmerge_I_obs 
_reflns_shell.meanI_over_sigI_gt 
_reflns_shell.meanI_over_uI_all 
_reflns_shell.meanI_over_uI_gt 
_reflns_shell.number_measured_gt 
_reflns_shell.number_unique_gt 
_reflns_shell.percent_possible_gt 
_reflns_shell.Rmerge_F_gt 
_reflns_shell.Rmerge_I_gt 
_reflns_shell.pdbx_redundancy 
_reflns_shell.pdbx_Rsym_value 
_reflns_shell.pdbx_chi_squared 
_reflns_shell.pdbx_netI_over_sigmaI_all 
_reflns_shell.pdbx_netI_over_sigmaI_obs 
_reflns_shell.pdbx_Rrim_I_all 
_reflns_shell.pdbx_Rpim_I_all 
_reflns_shell.pdbx_rejects 
_reflns_shell.pdbx_ordinal 
_reflns_shell.pdbx_diffrn_id 
_reflns_shell.pdbx_CC_half 
_reflns_shell.pdbx_R_split 
1.920 1.970  ? 3.900  18789 ? ? 1421 ? 99.800 ? ? ? ? 0.785 ? ? ? ? ? ? ? ? 13.200 ? ? ? ? ? 0.224 0 1 1 0.921 ? 
8.590 53.970 ? 55.500 2593  ? ? 277  ? 98.800 ? ? ? ? 0.027 ? ? ? ? ? ? ? ? 9.400  ? ? ? ? ? 0.009 0 2 1 0.999 ? 
# 
_refine.aniso_B[1][1]                            0.0500 
_refine.aniso_B[1][2]                            0.0000 
_refine.aniso_B[1][3]                            0.0000 
_refine.aniso_B[2][2]                            0.0500 
_refine.aniso_B[2][3]                            0.0000 
_refine.aniso_B[3][3]                            -0.1000 
_refine.B_iso_max                                102.350 
_refine.B_iso_mean                               34.9620 
_refine.B_iso_min                                16.070 
_refine.correlation_coeff_Fo_to_Fc               0.9560 
_refine.correlation_coeff_Fo_to_Fc_free          0.9470 
_refine.details                                  
'HYDROGENS HAVE BEEN USED IF PRESENT IN THE INPUT U VALUES      : REFINED INDIVIDUALLY' 
_refine.diff_density_max                         ? 
_refine.diff_density_max_esd                     ? 
_refine.diff_density_min                         ? 
_refine.diff_density_min_esd                     ? 
_refine.diff_density_rms                         ? 
_refine.diff_density_rms_esd                     ? 
_refine.entry_id                                 5F08 
_refine.pdbx_refine_id                           'X-RAY DIFFRACTION' 
_refine.ls_abs_structure_details                 ? 
_refine.ls_abs_structure_Flack                   ? 
_refine.ls_abs_structure_Flack_esd               ? 
_refine.ls_abs_structure_Rogers                  ? 
_refine.ls_abs_structure_Rogers_esd              ? 
_refine.ls_d_res_high                            1.9200 
_refine.ls_d_res_low                             38.1600 
_refine.ls_extinction_coef                       ? 
_refine.ls_extinction_coef_esd                   ? 
_refine.ls_extinction_expression                 ? 
_refine.ls_extinction_method                     ? 
_refine.ls_goodness_of_fit_all                   ? 
_refine.ls_goodness_of_fit_all_esd               ? 
_refine.ls_goodness_of_fit_obs                   ? 
_refine.ls_goodness_of_fit_obs_esd               ? 
_refine.ls_hydrogen_treatment                    ? 
_refine.ls_matrix_type                           ? 
_refine.ls_number_constraints                    ? 
_refine.ls_number_parameters                     ? 
_refine.ls_number_reflns_all                     ? 
_refine.ls_number_reflns_obs                     18625 
_refine.ls_number_reflns_R_free                  1004 
_refine.ls_number_reflns_R_work                  ? 
_refine.ls_number_restraints                     ? 
_refine.ls_percent_reflns_obs                    99.7700 
_refine.ls_percent_reflns_R_free                 5.1000 
_refine.ls_R_factor_all                          ? 
_refine.ls_R_factor_obs                          0.1993 
_refine.ls_R_factor_R_free                       0.2334 
_refine.ls_R_factor_R_free_error                 ? 
_refine.ls_R_factor_R_free_error_details         ? 
_refine.ls_R_factor_R_work                       0.1975 
_refine.ls_R_Fsqd_factor_obs                     ? 
_refine.ls_R_I_factor_obs                        ? 
_refine.ls_redundancy_reflns_all                 ? 
_refine.ls_redundancy_reflns_obs                 ? 
_refine.ls_restrained_S_all                      ? 
_refine.ls_restrained_S_obs                      ? 
_refine.ls_shift_over_esd_max                    ? 
_refine.ls_shift_over_esd_mean                   ? 
_refine.ls_structure_factor_coef                 ? 
_refine.ls_weighting_details                     ? 
_refine.ls_weighting_scheme                      ? 
_refine.ls_wR_factor_all                         ? 
_refine.ls_wR_factor_obs                         ? 
_refine.ls_wR_factor_R_free                      0.2215 
_refine.ls_wR_factor_R_work                      0.1885 
_refine.occupancy_max                            ? 
_refine.occupancy_min                            ? 
_refine.solvent_model_details                    MASK 
_refine.solvent_model_param_bsol                 ? 
_refine.solvent_model_param_ksol                 ? 
_refine.ls_R_factor_gt                           ? 
_refine.ls_goodness_of_fit_gt                    ? 
_refine.ls_goodness_of_fit_ref                   ? 
_refine.ls_shift_over_su_max                     ? 
_refine.ls_shift_over_su_max_lt                  ? 
_refine.ls_shift_over_su_mean                    ? 
_refine.ls_shift_over_su_mean_lt                 ? 
_refine.pdbx_ls_sigma_I                          ? 
_refine.pdbx_ls_sigma_F                          0.000 
_refine.pdbx_ls_sigma_Fsqd                       ? 
_refine.pdbx_data_cutoff_high_absF               ? 
_refine.pdbx_data_cutoff_high_rms_absF           ? 
_refine.pdbx_data_cutoff_low_absF                ? 
_refine.pdbx_isotropic_thermal_model             ? 
_refine.pdbx_ls_cross_valid_method               THROUGHOUT 
_refine.pdbx_method_to_determine_struct          'MOLECULAR REPLACEMENT' 
_refine.pdbx_starting_model                      1T56 
_refine.pdbx_stereochemistry_target_values       'MAXIMUM LIKELIHOOD' 
_refine.pdbx_R_Free_selection_details            RANDOM 
_refine.pdbx_stereochem_target_val_spec_case     ? 
_refine.pdbx_overall_ESU_R                       0.1350 
_refine.pdbx_overall_ESU_R_Free                  0.1310 
_refine.pdbx_solvent_vdw_probe_radii             1.2000 
_refine.pdbx_solvent_ion_probe_radii             0.8000 
_refine.pdbx_solvent_shrinkage_radii             0.8000 
_refine.pdbx_real_space_R                        ? 
_refine.pdbx_density_correlation                 ? 
_refine.pdbx_pd_number_of_powder_patterns        ? 
_refine.pdbx_pd_number_of_points                 ? 
_refine.pdbx_pd_meas_number_of_points            ? 
_refine.pdbx_pd_proc_ls_prof_R_factor            ? 
_refine.pdbx_pd_proc_ls_prof_wR_factor           ? 
_refine.pdbx_pd_Marquardt_correlation_coeff      ? 
_refine.pdbx_pd_Fsqrd_R_factor                   ? 
_refine.pdbx_pd_ls_matrix_band_width             ? 
_refine.pdbx_overall_phase_error                 ? 
_refine.pdbx_overall_SU_R_free_Cruickshank_DPI   ? 
_refine.pdbx_overall_SU_R_free_Blow_DPI          ? 
_refine.pdbx_overall_SU_R_Blow_DPI               ? 
_refine.pdbx_TLS_residual_ADP_flag               ? 
_refine.pdbx_diffrn_id                           1 
_refine.overall_SU_B                             3.0300 
_refine.overall_SU_ML                            0.0890 
_refine.overall_SU_R_Cruickshank_DPI             0.1349 
_refine.overall_SU_R_free                        0.1307 
_refine.overall_FOM_free_R_set                   ? 
_refine.overall_FOM_work_R_set                   0.8520 
_refine.pdbx_average_fsc_overall                 ? 
_refine.pdbx_average_fsc_work                    ? 
_refine.pdbx_average_fsc_free                    ? 
# 
_refine_hist.cycle_id                         final 
_refine_hist.pdbx_refine_id                   'X-RAY DIFFRACTION' 
_refine_hist.d_res_high                       1.9200 
_refine_hist.d_res_low                        38.1600 
_refine_hist.pdbx_number_atoms_ligand         22 
_refine_hist.number_atoms_solvent             18 
_refine_hist.number_atoms_total               1527 
_refine_hist.pdbx_number_residues_total       193 
_refine_hist.pdbx_B_iso_mean_ligand           37.11 
_refine_hist.pdbx_B_iso_mean_solvent          30.94 
_refine_hist.pdbx_number_atoms_protein        1487 
_refine_hist.pdbx_number_atoms_nucleic_acid   0 
# 
loop_
_refine_ls_restr.pdbx_refine_id 
_refine_ls_restr.criterion 
_refine_ls_restr.dev_ideal 
_refine_ls_restr.dev_ideal_target 
_refine_ls_restr.number 
_refine_ls_restr.rejects 
_refine_ls_restr.type 
_refine_ls_restr.weight 
_refine_ls_restr.pdbx_restraint_function 
'X-RAY DIFFRACTION' ? 0.022  0.020  1542 ? r_bond_refined_d       ? ? 
'X-RAY DIFFRACTION' ? 2.006  1.962  2104 ? r_angle_refined_deg    ? ? 
'X-RAY DIFFRACTION' ? 5.342  5.000  192  ? r_dihedral_angle_1_deg ? ? 
'X-RAY DIFFRACTION' ? 37.594 23.714 70   ? r_dihedral_angle_2_deg ? ? 
'X-RAY DIFFRACTION' ? 14.088 15.000 233  ? r_dihedral_angle_3_deg ? ? 
'X-RAY DIFFRACTION' ? 13.579 15.000 12   ? r_dihedral_angle_4_deg ? ? 
'X-RAY DIFFRACTION' ? 0.150  0.200  242  ? r_chiral_restr         ? ? 
'X-RAY DIFFRACTION' ? 0.012  0.021  1185 ? r_gen_planes_refined   ? ? 
# 
_refine_ls_shell.pdbx_refine_id                   'X-RAY DIFFRACTION' 
_refine_ls_shell.d_res_high                       1.9200 
_refine_ls_shell.d_res_low                        1.9700 
_refine_ls_shell.number_reflns_all                1274 
_refine_ls_shell.number_reflns_obs                ? 
_refine_ls_shell.number_reflns_R_free             73 
_refine_ls_shell.number_reflns_R_work             1201 
_refine_ls_shell.percent_reflns_obs               99.7700 
_refine_ls_shell.percent_reflns_R_free            ? 
_refine_ls_shell.R_factor_all                     ? 
_refine_ls_shell.R_factor_obs                     ? 
_refine_ls_shell.R_factor_R_free                  0.2960 
_refine_ls_shell.R_factor_R_free_error            ? 
_refine_ls_shell.R_factor_R_work                  0.2650 
_refine_ls_shell.redundancy_reflns_all            ? 
_refine_ls_shell.redundancy_reflns_obs            ? 
_refine_ls_shell.wR_factor_all                    ? 
_refine_ls_shell.wR_factor_obs                    ? 
_refine_ls_shell.wR_factor_R_free                 ? 
_refine_ls_shell.wR_factor_R_work                 ? 
_refine_ls_shell.pdbx_total_number_of_bins_used   20 
_refine_ls_shell.pdbx_phase_error                 ? 
_refine_ls_shell.pdbx_fsc_work                    ? 
_refine_ls_shell.pdbx_fsc_free                    ? 
# 
_struct.entry_id                     5F08 
_struct.title                        
;Structure of Transcriptional Regulatory Repressor Protein - EthR from Mycobacterium tuberculosis in complex with compound 14 at 1.92A resolution
;
_struct.pdbx_model_details           ? 
_struct.pdbx_formula_weight          ? 
_struct.pdbx_formula_weight_method   ? 
_struct.pdbx_model_type_details      ? 
_struct.pdbx_CASP_flag               ? 
# 
_struct_keywords.entry_id        5F08 
_struct_keywords.text            'EthR, transcription, repressor, Mycobacterium tuberculosis' 
_struct_keywords.pdbx_keywords   TRANSCRIPTION 
# 
loop_
_struct_asym.id 
_struct_asym.pdbx_blank_PDB_chainid_flag 
_struct_asym.pdbx_modified 
_struct_asym.entity_id 
_struct_asym.details 
A N N 1 ? 
B N N 2 ? 
C N N 3 ? 
# 
_struct_ref.id                         1 
_struct_ref.db_name                    UNP 
_struct_ref.db_code                    ETHR_MYCTO 
_struct_ref.pdbx_db_accession          P9WMC0 
_struct_ref.pdbx_db_isoform            ? 
_struct_ref.entity_id                  1 
_struct_ref.pdbx_seq_one_letter_code   
;TTSAASQASLPRGRRTARPSGDDRELAILATAENLLEDRPLADISVDDLAKGAGISRPTFYFYFPSKEAVLLTLLDRVVN
QADMALQTLAENPADTDRENMWRTGINVFFETFGSHKAVTRAGQAARATSVEVAELWSTFMQKWIAYTAAVIDAERDRGA
APRTLPAHELATALNLMNERTLFASFAGEQPSVPEARVLDTLVHIWVTSIYGENR
;
_struct_ref.pdbx_align_begin           2 
# 
_struct_ref_seq.align_id                      1 
_struct_ref_seq.ref_id                        1 
_struct_ref_seq.pdbx_PDB_id_code              5F08 
_struct_ref_seq.pdbx_strand_id                A 
_struct_ref_seq.seq_align_beg                 6 
_struct_ref_seq.pdbx_seq_align_beg_ins_code   ? 
_struct_ref_seq.seq_align_end                 220 
_struct_ref_seq.pdbx_seq_align_end_ins_code   ? 
_struct_ref_seq.pdbx_db_accession             P9WMC0 
_struct_ref_seq.db_align_beg                  2 
_struct_ref_seq.pdbx_db_align_beg_ins_code    ? 
_struct_ref_seq.db_align_end                  216 
_struct_ref_seq.pdbx_db_align_end_ins_code    ? 
_struct_ref_seq.pdbx_auth_seq_align_beg       2 
_struct_ref_seq.pdbx_auth_seq_align_end       216 
# 
loop_
_struct_ref_seq_dif.align_id 
_struct_ref_seq_dif.pdbx_pdb_id_code 
_struct_ref_seq_dif.mon_id 
_struct_ref_seq_dif.pdbx_pdb_strand_id 
_struct_ref_seq_dif.seq_num 
_struct_ref_seq_dif.pdbx_pdb_ins_code 
_struct_ref_seq_dif.pdbx_seq_db_name 
_struct_ref_seq_dif.pdbx_seq_db_accession_code 
_struct_ref_seq_dif.db_mon_id 
_struct_ref_seq_dif.pdbx_seq_db_seq_num 
_struct_ref_seq_dif.details 
_struct_ref_seq_dif.pdbx_auth_seq_num 
_struct_ref_seq_dif.pdbx_ordinal 
1 5F08 MET A 1   ? UNP P9WMC0 ? ? 'initiating methionine' -3  1  
1 5F08 ASP A 2   ? UNP P9WMC0 ? ? 'expression tag'        -2  2  
1 5F08 ILE A 3   ? UNP P9WMC0 ? ? 'expression tag'        -1  3  
1 5F08 GLU A 4   ? UNP P9WMC0 ? ? 'expression tag'        0   4  
1 5F08 PHE A 5   ? UNP P9WMC0 ? ? 'expression tag'        1   5  
1 5F08 GLY A 221 ? UNP P9WMC0 ? ? 'expression tag'        217 6  
1 5F08 SER A 222 ? UNP P9WMC0 ? ? 'expression tag'        218 7  
1 5F08 HIS A 223 ? UNP P9WMC0 ? ? 'expression tag'        219 8  
1 5F08 HIS A 224 ? UNP P9WMC0 ? ? 'expression tag'        220 9  
1 5F08 HIS A 225 ? UNP P9WMC0 ? ? 'expression tag'        221 10 
1 5F08 HIS A 226 ? UNP P9WMC0 ? ? 'expression tag'        222 11 
1 5F08 HIS A 227 ? UNP P9WMC0 ? ? 'expression tag'        223 12 
1 5F08 HIS A 228 ? UNP P9WMC0 ? ? 'expression tag'        224 13 
# 
_pdbx_struct_assembly.id                   1 
_pdbx_struct_assembly.details              author_and_software_defined_assembly 
_pdbx_struct_assembly.method_details       PISA 
_pdbx_struct_assembly.oligomeric_details   dimeric 
_pdbx_struct_assembly.oligomeric_count     2 
# 
loop_
_pdbx_struct_assembly_prop.biol_id 
_pdbx_struct_assembly_prop.type 
_pdbx_struct_assembly_prop.value 
_pdbx_struct_assembly_prop.details 
1 'ABSA (A^2)' 2780  ? 
1 MORE         -22   ? 
1 'SSA (A^2)'  16860 ? 
# 
_pdbx_struct_assembly_gen.assembly_id       1 
_pdbx_struct_assembly_gen.oper_expression   1,2 
_pdbx_struct_assembly_gen.asym_id_list      A,B,C 
# 
loop_
_pdbx_struct_oper_list.id 
_pdbx_struct_oper_list.type 
_pdbx_struct_oper_list.name 
_pdbx_struct_oper_list.symmetry_operation 
_pdbx_struct_oper_list.matrix[1][1] 
_pdbx_struct_oper_list.matrix[1][2] 
_pdbx_struct_oper_list.matrix[1][3] 
_pdbx_struct_oper_list.vector[1] 
_pdbx_struct_oper_list.matrix[2][1] 
_pdbx_struct_oper_list.matrix[2][2] 
_pdbx_struct_oper_list.matrix[2][3] 
_pdbx_struct_oper_list.vector[2] 
_pdbx_struct_oper_list.matrix[3][1] 
_pdbx_struct_oper_list.matrix[3][2] 
_pdbx_struct_oper_list.matrix[3][3] 
_pdbx_struct_oper_list.vector[3] 
1 'identity operation'         1_555 x,y,z  1.0000000000  0.0000000000 0.0000000000 0.0000000000   0.0000000000 1.0000000000  0.0000000000 0.0000000000  0.0000000000 0.0000000000 1.0000000000 0.0000000000   
2 'crystal symmetry operation' 7_555 y,x,-z -0.9669865820 0.1600968037 0.1982573168 -16.6574881675 0.1600968037 -0.2236191188 0.9614382472 15.8392635078 0.1982573168 0.9614382472 0.1906057008 -10.0167543517 
# 
loop_
_struct_conf.conf_type_id 
_struct_conf.id 
_struct_conf.pdbx_PDB_helix_id 
_struct_conf.beg_label_comp_id 
_struct_conf.beg_label_asym_id 
_struct_conf.beg_label_seq_id 
_struct_conf.pdbx_beg_PDB_ins_code 
_struct_conf.end_label_comp_id 
_struct_conf.end_label_asym_id 
_struct_conf.end_label_seq_id 
_struct_conf.pdbx_end_PDB_ins_code 
_struct_conf.beg_auth_comp_id 
_struct_conf.beg_auth_asym_id 
_struct_conf.beg_auth_seq_id 
_struct_conf.end_auth_comp_id 
_struct_conf.end_auth_asym_id 
_struct_conf.end_auth_seq_id 
_struct_conf.pdbx_PDB_helix_class 
_struct_conf.details 
_struct_conf.pdbx_PDB_helix_length 
HELX_P HELX_P1  AA1 GLY A 26  ? ARG A 44  ? GLY A 22  ARG A 40  1 ? 19 
HELX_P HELX_P2  AA2 PRO A 45  ? ILE A 49  ? PRO A 41  ILE A 45  5 ? 5  
HELX_P HELX_P3  AA3 SER A 50  ? GLY A 59  ? SER A 46  GLY A 55  1 ? 10 
HELX_P HELX_P4  AA4 SER A 61  ? PHE A 69  ? SER A 57  PHE A 65  1 ? 9  
HELX_P HELX_P5  AA5 SER A 71  ? ASN A 97  ? SER A 67  ASN A 93  1 ? 27 
HELX_P HELX_P6  AA6 ASP A 102 ? SER A 120 ? ASP A 98  SER A 116 1 ? 19 
HELX_P HELX_P7  AA7 HIS A 121 ? ALA A 131 ? HIS A 117 ALA A 127 1 ? 11 
HELX_P HELX_P8  AA8 ARG A 132 ? THR A 134 ? ARG A 128 THR A 130 5 ? 3  
HELX_P HELX_P9  AA9 SER A 135 ? ARG A 163 ? SER A 131 ARG A 159 1 ? 29 
HELX_P HELX_P10 AB1 PRO A 171 ? ALA A 192 ? PRO A 167 ALA A 188 1 ? 22 
HELX_P HELX_P11 AB2 PRO A 199 ? GLY A 217 ? PRO A 195 GLY A 213 1 ? 19 
# 
_struct_conf_type.id          HELX_P 
_struct_conf_type.criteria    ? 
_struct_conf_type.reference   ? 
# 
_struct_mon_prot_cis.pdbx_id                1 
_struct_mon_prot_cis.label_comp_id          GLN 
_struct_mon_prot_cis.label_seq_id           195 
_struct_mon_prot_cis.label_asym_id          A 
_struct_mon_prot_cis.label_alt_id           . 
_struct_mon_prot_cis.pdbx_PDB_ins_code      ? 
_struct_mon_prot_cis.auth_comp_id           GLN 
_struct_mon_prot_cis.auth_seq_id            191 
_struct_mon_prot_cis.auth_asym_id           A 
_struct_mon_prot_cis.pdbx_label_comp_id_2   PRO 
_struct_mon_prot_cis.pdbx_label_seq_id_2    196 
_struct_mon_prot_cis.pdbx_label_asym_id_2   A 
_struct_mon_prot_cis.pdbx_PDB_ins_code_2    ? 
_struct_mon_prot_cis.pdbx_auth_comp_id_2    PRO 
_struct_mon_prot_cis.pdbx_auth_seq_id_2     192 
_struct_mon_prot_cis.pdbx_auth_asym_id_2    A 
_struct_mon_prot_cis.pdbx_PDB_model_num     1 
_struct_mon_prot_cis.pdbx_omega_angle       3.12 
# 
_struct_site.id                   AC1 
_struct_site.pdbx_evidence_code   Software 
_struct_site.pdbx_auth_asym_id    A 
_struct_site.pdbx_auth_comp_id    5TG 
_struct_site.pdbx_auth_seq_id     301 
_struct_site.pdbx_auth_ins_code   ? 
_struct_site.pdbx_num_residues    11 
_struct_site.details              'binding site for residue 5TG A 301' 
# 
loop_
_struct_site_gen.id 
_struct_site_gen.site_id 
_struct_site_gen.pdbx_num_res 
_struct_site_gen.label_comp_id 
_struct_site_gen.label_asym_id 
_struct_site_gen.label_seq_id 
_struct_site_gen.pdbx_auth_ins_code 
_struct_site_gen.auth_comp_id 
_struct_site_gen.auth_asym_id 
_struct_site_gen.auth_seq_id 
_struct_site_gen.label_atom_id 
_struct_site_gen.label_alt_id 
_struct_site_gen.symmetry 
_struct_site_gen.details 
1  AC1 11 LEU A 91  ? LEU A 87  . ? 1_555 ? 
2  AC1 11 MET A 106 ? MET A 102 . ? 1_555 ? 
3  AC1 11 TRP A 107 ? TRP A 103 . ? 1_555 ? 
4  AC1 11 ILE A 111 ? ILE A 107 . ? 1_555 ? 
5  AC1 11 PHE A 114 ? PHE A 110 . ? 1_555 ? 
6  AC1 11 MET A 146 ? MET A 142 . ? 1_555 ? 
7  AC1 11 TRP A 149 ? TRP A 145 . ? 1_555 ? 
8  AC1 11 TYR A 152 ? TYR A 148 . ? 1_555 ? 
9  AC1 11 ASN A 180 ? ASN A 176 . ? 1_555 ? 
10 AC1 11 ASN A 183 ? ASN A 179 . ? 1_555 ? 
11 AC1 11 TRP A 211 ? TRP A 207 . ? 1_555 ? 
# 
loop_
_pdbx_validate_rmsd_bond.id 
_pdbx_validate_rmsd_bond.PDB_model_num 
_pdbx_validate_rmsd_bond.auth_atom_id_1 
_pdbx_validate_rmsd_bond.auth_asym_id_1 
_pdbx_validate_rmsd_bond.auth_comp_id_1 
_pdbx_validate_rmsd_bond.auth_seq_id_1 
_pdbx_validate_rmsd_bond.PDB_ins_code_1 
_pdbx_validate_rmsd_bond.label_alt_id_1 
_pdbx_validate_rmsd_bond.auth_atom_id_2 
_pdbx_validate_rmsd_bond.auth_asym_id_2 
_pdbx_validate_rmsd_bond.auth_comp_id_2 
_pdbx_validate_rmsd_bond.auth_seq_id_2 
_pdbx_validate_rmsd_bond.PDB_ins_code_2 
_pdbx_validate_rmsd_bond.label_alt_id_2 
_pdbx_validate_rmsd_bond.bond_value 
_pdbx_validate_rmsd_bond.bond_target_value 
_pdbx_validate_rmsd_bond.bond_deviation 
_pdbx_validate_rmsd_bond.bond_standard_deviation 
_pdbx_validate_rmsd_bond.linker_flag 
1 1 CE2 A TRP 103 ? ? CD2 A TRP 103 ? ? 1.494 1.409 0.085 0.012 N 
2 1 CG  A HIS 117 ? ? CD2 A HIS 117 ? ? 1.434 1.354 0.080 0.009 N 
3 1 CG  A HIS 169 ? ? CD2 A HIS 169 ? ? 1.428 1.354 0.074 0.009 N 
# 
_pdbx_validate_rmsd_angle.id                         1 
_pdbx_validate_rmsd_angle.PDB_model_num              1 
_pdbx_validate_rmsd_angle.auth_atom_id_1             NE 
_pdbx_validate_rmsd_angle.auth_asym_id_1             A 
_pdbx_validate_rmsd_angle.auth_comp_id_1             ARG 
_pdbx_validate_rmsd_angle.auth_seq_id_1              104 
_pdbx_validate_rmsd_angle.PDB_ins_code_1             ? 
_pdbx_validate_rmsd_angle.label_alt_id_1             ? 
_pdbx_validate_rmsd_angle.auth_atom_id_2             CZ 
_pdbx_validate_rmsd_angle.auth_asym_id_2             A 
_pdbx_validate_rmsd_angle.auth_comp_id_2             ARG 
_pdbx_validate_rmsd_angle.auth_seq_id_2              104 
_pdbx_validate_rmsd_angle.PDB_ins_code_2             ? 
_pdbx_validate_rmsd_angle.label_alt_id_2             ? 
_pdbx_validate_rmsd_angle.auth_atom_id_3             NH2 
_pdbx_validate_rmsd_angle.auth_asym_id_3             A 
_pdbx_validate_rmsd_angle.auth_comp_id_3             ARG 
_pdbx_validate_rmsd_angle.auth_seq_id_3              104 
_pdbx_validate_rmsd_angle.PDB_ins_code_3             ? 
_pdbx_validate_rmsd_angle.label_alt_id_3             ? 
_pdbx_validate_rmsd_angle.angle_value                117.24 
_pdbx_validate_rmsd_angle.angle_target_value         120.30 
_pdbx_validate_rmsd_angle.angle_deviation            -3.06 
_pdbx_validate_rmsd_angle.angle_standard_deviation   0.50 
_pdbx_validate_rmsd_angle.linker_flag                N 
# 
loop_
_pdbx_validate_torsion.id 
_pdbx_validate_torsion.PDB_model_num 
_pdbx_validate_torsion.auth_comp_id 
_pdbx_validate_torsion.auth_asym_id 
_pdbx_validate_torsion.auth_seq_id 
_pdbx_validate_torsion.PDB_ins_code 
_pdbx_validate_torsion.label_alt_id 
_pdbx_validate_torsion.phi 
_pdbx_validate_torsion.psi 
1 1 PRO A 94  ? ? -36.19  123.29  
2 1 THR A 130 ? ? -141.43 -21.68  
3 1 THR A 165 ? ? -101.10 -106.39 
# 
_pdbx_phasing_MR.entry_id                     5F08 
_pdbx_phasing_MR.method_rotation              ? 
_pdbx_phasing_MR.method_translation           ? 
_pdbx_phasing_MR.model_details                'Phaser MODE: MR_AUTO' 
_pdbx_phasing_MR.R_factor                     ? 
_pdbx_phasing_MR.R_rigid_body                 ? 
_pdbx_phasing_MR.correlation_coeff_Fo_to_Fc   ? 
_pdbx_phasing_MR.correlation_coeff_Io_to_Ic   ? 
_pdbx_phasing_MR.d_res_high_rotation          2.500 
_pdbx_phasing_MR.d_res_low_rotation           53.970 
_pdbx_phasing_MR.d_res_high_translation       2.500 
_pdbx_phasing_MR.d_res_low_translation        53.970 
_pdbx_phasing_MR.packing                      ? 
_pdbx_phasing_MR.reflns_percent_rotation      ? 
_pdbx_phasing_MR.reflns_percent_translation   ? 
_pdbx_phasing_MR.sigma_F_rotation             ? 
_pdbx_phasing_MR.sigma_F_translation          ? 
_pdbx_phasing_MR.sigma_I_rotation             ? 
_pdbx_phasing_MR.sigma_I_translation          ? 
# 
_phasing.method   MR 
# 
loop_
_pdbx_unobs_or_zero_occ_residues.id 
_pdbx_unobs_or_zero_occ_residues.PDB_model_num 
_pdbx_unobs_or_zero_occ_residues.polymer_flag 
_pdbx_unobs_or_zero_occ_residues.occupancy_flag 
_pdbx_unobs_or_zero_occ_residues.auth_asym_id 
_pdbx_unobs_or_zero_occ_residues.auth_comp_id 
_pdbx_unobs_or_zero_occ_residues.auth_seq_id 
_pdbx_unobs_or_zero_occ_residues.PDB_ins_code 
_pdbx_unobs_or_zero_occ_residues.label_asym_id 
_pdbx_unobs_or_zero_occ_residues.label_comp_id 
_pdbx_unobs_or_zero_occ_residues.label_seq_id 
1  1 Y 1 A MET -3  ? A MET 1   
2  1 Y 1 A ASP -2  ? A ASP 2   
3  1 Y 1 A ILE -1  ? A ILE 3   
4  1 Y 1 A GLU 0   ? A GLU 4   
5  1 Y 1 A PHE 1   ? A PHE 5   
6  1 Y 1 A THR 2   ? A THR 6   
7  1 Y 1 A THR 3   ? A THR 7   
8  1 Y 1 A SER 4   ? A SER 8   
9  1 Y 1 A ALA 5   ? A ALA 9   
10 1 Y 1 A ALA 6   ? A ALA 10  
11 1 Y 1 A SER 7   ? A SER 11  
12 1 Y 1 A GLN 8   ? A GLN 12  
13 1 Y 1 A ALA 9   ? A ALA 13  
14 1 Y 1 A SER 10  ? A SER 14  
15 1 Y 1 A LEU 11  ? A LEU 15  
16 1 Y 1 A PRO 12  ? A PRO 16  
17 1 Y 1 A ARG 13  ? A ARG 17  
18 1 Y 1 A GLY 14  ? A GLY 18  
19 1 Y 1 A ARG 15  ? A ARG 19  
20 1 Y 1 A ARG 16  ? A ARG 20  
21 1 Y 1 A THR 17  ? A THR 21  
22 1 Y 1 A ALA 18  ? A ALA 22  
23 1 Y 1 A ARG 19  ? A ARG 23  
24 1 Y 1 A PRO 20  ? A PRO 24  
25 1 Y 1 A SER 21  ? A SER 25  
26 1 Y 1 A ASN 215 ? A ASN 219 
27 1 Y 1 A ARG 216 ? A ARG 220 
28 1 Y 1 A GLY 217 ? A GLY 221 
29 1 Y 1 A SER 218 ? A SER 222 
30 1 Y 1 A HIS 219 ? A HIS 223 
31 1 Y 1 A HIS 220 ? A HIS 224 
32 1 Y 1 A HIS 221 ? A HIS 225 
33 1 Y 1 A HIS 222 ? A HIS 226 
34 1 Y 1 A HIS 223 ? A HIS 227 
35 1 Y 1 A HIS 224 ? A HIS 228 
# 
loop_
_chem_comp_atom.comp_id 
_chem_comp_atom.atom_id 
_chem_comp_atom.type_symbol 
_chem_comp_atom.pdbx_aromatic_flag 
_chem_comp_atom.pdbx_stereo_config 
_chem_comp_atom.pdbx_ordinal 
5TG N    N N N 1   
5TG C    C N N 2   
5TG O2   O N N 3   
5TG C4   C N N 4   
5TG C3   C N N 5   
5TG C2   C N N 6   
5TG C1   C N N 7   
5TG C5   C N N 8   
5TG C6   C N N 9   
5TG C7   C N N 10  
5TG C11  C N N 11  
5TG C10  C N N 12  
5TG N1   N N N 13  
5TG C9   C N N 14  
5TG C8   C N N 15  
5TG C12  C Y N 16  
5TG C17  C Y N 17  
5TG C16  C Y N 18  
5TG C15  C Y N 19  
5TG C14  C Y N 20  
5TG C13  C Y N 21  
5TG C18  C N N 22  
5TG H1   H N N 23  
5TG H2   H N N 24  
5TG H3   H N N 25  
5TG H4   H N N 26  
5TG H5   H N N 27  
5TG H6   H N N 28  
5TG H7   H N N 29  
5TG H8   H N N 30  
5TG H9   H N N 31  
5TG H10  H N N 32  
5TG H11  H N N 33  
5TG H12  H N N 34  
5TG H13  H N N 35  
5TG H14  H N N 36  
5TG H15  H N N 37  
5TG H16  H N N 38  
5TG H17  H N N 39  
5TG H18  H N N 40  
5TG H19  H N N 41  
5TG H20  H N N 42  
5TG H21  H N N 43  
5TG H22  H N N 44  
5TG H23  H N N 45  
5TG H24  H N N 46  
5TG H25  H N N 47  
5TG H26  H N N 48  
5TG H27  H N N 49  
5TG N2   N N N 50  
5TG C20  C N N 51  
5TG C19  C N N 52  
5TG O3   O N N 53  
5TG C22  C N N 54  
5TG O1   O N N 55  
5TG C21  C N N 56  
5TG C23  C N N 57  
5TG C24  C N N 58  
5TG H28  H N N 59  
5TG H29  H N N 60  
5TG H30  H N N 61  
5TG H31  H N N 62  
5TG H32  H N N 63  
5TG H33  H N N 64  
5TG H34  H N N 65  
5TG H35  H N N 66  
5TG H36  H N N 67  
5TG H37  H N N 68  
5TG H38  H N N 69  
5TG H39  H N N 70  
ALA N    N N N 71  
ALA CA   C N S 72  
ALA C    C N N 73  
ALA O    O N N 74  
ALA CB   C N N 75  
ALA OXT  O N N 76  
ALA H    H N N 77  
ALA H2   H N N 78  
ALA HA   H N N 79  
ALA HB1  H N N 80  
ALA HB2  H N N 81  
ALA HB3  H N N 82  
ALA HXT  H N N 83  
ARG N    N N N 84  
ARG CA   C N S 85  
ARG C    C N N 86  
ARG O    O N N 87  
ARG CB   C N N 88  
ARG CG   C N N 89  
ARG CD   C N N 90  
ARG NE   N N N 91  
ARG CZ   C N N 92  
ARG NH1  N N N 93  
ARG NH2  N N N 94  
ARG OXT  O N N 95  
ARG H    H N N 96  
ARG H2   H N N 97  
ARG HA   H N N 98  
ARG HB2  H N N 99  
ARG HB3  H N N 100 
ARG HG2  H N N 101 
ARG HG3  H N N 102 
ARG HD2  H N N 103 
ARG HD3  H N N 104 
ARG HE   H N N 105 
ARG HH11 H N N 106 
ARG HH12 H N N 107 
ARG HH21 H N N 108 
ARG HH22 H N N 109 
ARG HXT  H N N 110 
ASN N    N N N 111 
ASN CA   C N S 112 
ASN C    C N N 113 
ASN O    O N N 114 
ASN CB   C N N 115 
ASN CG   C N N 116 
ASN OD1  O N N 117 
ASN ND2  N N N 118 
ASN OXT  O N N 119 
ASN H    H N N 120 
ASN H2   H N N 121 
ASN HA   H N N 122 
ASN HB2  H N N 123 
ASN HB3  H N N 124 
ASN HD21 H N N 125 
ASN HD22 H N N 126 
ASN HXT  H N N 127 
ASP N    N N N 128 
ASP CA   C N S 129 
ASP C    C N N 130 
ASP O    O N N 131 
ASP CB   C N N 132 
ASP CG   C N N 133 
ASP OD1  O N N 134 
ASP OD2  O N N 135 
ASP OXT  O N N 136 
ASP H    H N N 137 
ASP H2   H N N 138 
ASP HA   H N N 139 
ASP HB2  H N N 140 
ASP HB3  H N N 141 
ASP HD2  H N N 142 
ASP HXT  H N N 143 
GLN N    N N N 144 
GLN CA   C N S 145 
GLN C    C N N 146 
GLN O    O N N 147 
GLN CB   C N N 148 
GLN CG   C N N 149 
GLN CD   C N N 150 
GLN OE1  O N N 151 
GLN NE2  N N N 152 
GLN OXT  O N N 153 
GLN H    H N N 154 
GLN H2   H N N 155 
GLN HA   H N N 156 
GLN HB2  H N N 157 
GLN HB3  H N N 158 
GLN HG2  H N N 159 
GLN HG3  H N N 160 
GLN HE21 H N N 161 
GLN HE22 H N N 162 
GLN HXT  H N N 163 
GLU N    N N N 164 
GLU CA   C N S 165 
GLU C    C N N 166 
GLU O    O N N 167 
GLU CB   C N N 168 
GLU CG   C N N 169 
GLU CD   C N N 170 
GLU OE1  O N N 171 
GLU OE2  O N N 172 
GLU OXT  O N N 173 
GLU H    H N N 174 
GLU H2   H N N 175 
GLU HA   H N N 176 
GLU HB2  H N N 177 
GLU HB3  H N N 178 
GLU HG2  H N N 179 
GLU HG3  H N N 180 
GLU HE2  H N N 181 
GLU HXT  H N N 182 
GLY N    N N N 183 
GLY CA   C N N 184 
GLY C    C N N 185 
GLY O    O N N 186 
GLY OXT  O N N 187 
GLY H    H N N 188 
GLY H2   H N N 189 
GLY HA2  H N N 190 
GLY HA3  H N N 191 
GLY HXT  H N N 192 
HIS N    N N N 193 
HIS CA   C N S 194 
HIS C    C N N 195 
HIS O    O N N 196 
HIS CB   C N N 197 
HIS CG   C Y N 198 
HIS ND1  N Y N 199 
HIS CD2  C Y N 200 
HIS CE1  C Y N 201 
HIS NE2  N Y N 202 
HIS OXT  O N N 203 
HIS H    H N N 204 
HIS H2   H N N 205 
HIS HA   H N N 206 
HIS HB2  H N N 207 
HIS HB3  H N N 208 
HIS HD1  H N N 209 
HIS HD2  H N N 210 
HIS HE1  H N N 211 
HIS HE2  H N N 212 
HIS HXT  H N N 213 
HOH O    O N N 214 
HOH H1   H N N 215 
HOH H2   H N N 216 
ILE N    N N N 217 
ILE CA   C N S 218 
ILE C    C N N 219 
ILE O    O N N 220 
ILE CB   C N S 221 
ILE CG1  C N N 222 
ILE CG2  C N N 223 
ILE CD1  C N N 224 
ILE OXT  O N N 225 
ILE H    H N N 226 
ILE H2   H N N 227 
ILE HA   H N N 228 
ILE HB   H N N 229 
ILE HG12 H N N 230 
ILE HG13 H N N 231 
ILE HG21 H N N 232 
ILE HG22 H N N 233 
ILE HG23 H N N 234 
ILE HD11 H N N 235 
ILE HD12 H N N 236 
ILE HD13 H N N 237 
ILE HXT  H N N 238 
LEU N    N N N 239 
LEU CA   C N S 240 
LEU C    C N N 241 
LEU O    O N N 242 
LEU CB   C N N 243 
LEU CG   C N N 244 
LEU CD1  C N N 245 
LEU CD2  C N N 246 
LEU OXT  O N N 247 
LEU H    H N N 248 
LEU H2   H N N 249 
LEU HA   H N N 250 
LEU HB2  H N N 251 
LEU HB3  H N N 252 
LEU HG   H N N 253 
LEU HD11 H N N 254 
LEU HD12 H N N 255 
LEU HD13 H N N 256 
LEU HD21 H N N 257 
LEU HD22 H N N 258 
LEU HD23 H N N 259 
LEU HXT  H N N 260 
LYS N    N N N 261 
LYS CA   C N S 262 
LYS C    C N N 263 
LYS O    O N N 264 
LYS CB   C N N 265 
LYS CG   C N N 266 
LYS CD   C N N 267 
LYS CE   C N N 268 
LYS NZ   N N N 269 
LYS OXT  O N N 270 
LYS H    H N N 271 
LYS H2   H N N 272 
LYS HA   H N N 273 
LYS HB2  H N N 274 
LYS HB3  H N N 275 
LYS HG2  H N N 276 
LYS HG3  H N N 277 
LYS HD2  H N N 278 
LYS HD3  H N N 279 
LYS HE2  H N N 280 
LYS HE3  H N N 281 
LYS HZ1  H N N 282 
LYS HZ2  H N N 283 
LYS HZ3  H N N 284 
LYS HXT  H N N 285 
MET N    N N N 286 
MET CA   C N S 287 
MET C    C N N 288 
MET O    O N N 289 
MET CB   C N N 290 
MET CG   C N N 291 
MET SD   S N N 292 
MET CE   C N N 293 
MET OXT  O N N 294 
MET H    H N N 295 
MET H2   H N N 296 
MET HA   H N N 297 
MET HB2  H N N 298 
MET HB3  H N N 299 
MET HG2  H N N 300 
MET HG3  H N N 301 
MET HE1  H N N 302 
MET HE2  H N N 303 
MET HE3  H N N 304 
MET HXT  H N N 305 
PHE N    N N N 306 
PHE CA   C N S 307 
PHE C    C N N 308 
PHE O    O N N 309 
PHE CB   C N N 310 
PHE CG   C Y N 311 
PHE CD1  C Y N 312 
PHE CD2  C Y N 313 
PHE CE1  C Y N 314 
PHE CE2  C Y N 315 
PHE CZ   C Y N 316 
PHE OXT  O N N 317 
PHE H    H N N 318 
PHE H2   H N N 319 
PHE HA   H N N 320 
PHE HB2  H N N 321 
PHE HB3  H N N 322 
PHE HD1  H N N 323 
PHE HD2  H N N 324 
PHE HE1  H N N 325 
PHE HE2  H N N 326 
PHE HZ   H N N 327 
PHE HXT  H N N 328 
PRO N    N N N 329 
PRO CA   C N S 330 
PRO C    C N N 331 
PRO O    O N N 332 
PRO CB   C N N 333 
PRO CG   C N N 334 
PRO CD   C N N 335 
PRO OXT  O N N 336 
PRO H    H N N 337 
PRO HA   H N N 338 
PRO HB2  H N N 339 
PRO HB3  H N N 340 
PRO HG2  H N N 341 
PRO HG3  H N N 342 
PRO HD2  H N N 343 
PRO HD3  H N N 344 
PRO HXT  H N N 345 
SER N    N N N 346 
SER CA   C N S 347 
SER C    C N N 348 
SER O    O N N 349 
SER CB   C N N 350 
SER OG   O N N 351 
SER OXT  O N N 352 
SER H    H N N 353 
SER H2   H N N 354 
SER HA   H N N 355 
SER HB2  H N N 356 
SER HB3  H N N 357 
SER HG   H N N 358 
SER HXT  H N N 359 
THR N    N N N 360 
THR CA   C N S 361 
THR C    C N N 362 
THR O    O N N 363 
THR CB   C N R 364 
THR OG1  O N N 365 
THR CG2  C N N 366 
THR OXT  O N N 367 
THR H    H N N 368 
THR H2   H N N 369 
THR HA   H N N 370 
THR HB   H N N 371 
THR HG1  H N N 372 
THR HG21 H N N 373 
THR HG22 H N N 374 
THR HG23 H N N 375 
THR HXT  H N N 376 
TRP N    N N N 377 
TRP CA   C N S 378 
TRP C    C N N 379 
TRP O    O N N 380 
TRP CB   C N N 381 
TRP CG   C Y N 382 
TRP CD1  C Y N 383 
TRP CD2  C Y N 384 
TRP NE1  N Y N 385 
TRP CE2  C Y N 386 
TRP CE3  C Y N 387 
TRP CZ2  C Y N 388 
TRP CZ3  C Y N 389 
TRP CH2  C Y N 390 
TRP OXT  O N N 391 
TRP H    H N N 392 
TRP H2   H N N 393 
TRP HA   H N N 394 
TRP HB2  H N N 395 
TRP HB3  H N N 396 
TRP HD1  H N N 397 
TRP HE1  H N N 398 
TRP HE3  H N N 399 
TRP HZ2  H N N 400 
TRP HZ3  H N N 401 
TRP HH2  H N N 402 
TRP HXT  H N N 403 
TYR N    N N N 404 
TYR CA   C N S 405 
TYR C    C N N 406 
TYR O    O N N 407 
TYR CB   C N N 408 
TYR CG   C Y N 409 
TYR CD1  C Y N 410 
TYR CD2  C Y N 411 
TYR CE1  C Y N 412 
TYR CE2  C Y N 413 
TYR CZ   C Y N 414 
TYR OH   O N N 415 
TYR OXT  O N N 416 
TYR H    H N N 417 
TYR H2   H N N 418 
TYR HA   H N N 419 
TYR HB2  H N N 420 
TYR HB3  H N N 421 
TYR HD1  H N N 422 
TYR HD2  H N N 423 
TYR HE1  H N N 424 
TYR HE2  H N N 425 
TYR HH   H N N 426 
TYR HXT  H N N 427 
VAL N    N N N 428 
VAL CA   C N S 429 
VAL C    C N N 430 
VAL O    O N N 431 
VAL CB   C N N 432 
VAL CG1  C N N 433 
VAL CG2  C N N 434 
VAL OXT  O N N 435 
VAL H    H N N 436 
VAL H2   H N N 437 
VAL HA   H N N 438 
VAL HB   H N N 439 
VAL HG11 H N N 440 
VAL HG12 H N N 441 
VAL HG13 H N N 442 
VAL HG21 H N N 443 
VAL HG22 H N N 444 
VAL HG23 H N N 445 
VAL HXT  H N N 446 
# 
loop_
_chem_comp_bond.comp_id 
_chem_comp_bond.atom_id_1 
_chem_comp_bond.atom_id_2 
_chem_comp_bond.value_order 
_chem_comp_bond.pdbx_aromatic_flag 
_chem_comp_bond.pdbx_stereo_config 
_chem_comp_bond.pdbx_ordinal 
5TG C9  N1   sing N N 1   
5TG C9  C8   sing N N 2   
5TG C17 C16  doub Y N 3   
5TG C17 C12  sing Y N 4   
5TG C16 C15  sing Y N 5   
5TG N1  C12  sing N N 6   
5TG N1  C10  sing N N 7   
5TG C12 C13  doub Y N 8   
5TG C15 C18  sing N N 9   
5TG C15 C14  doub Y N 10  
5TG C8  C7   sing N N 11  
5TG C13 C14  sing Y N 12  
5TG C10 C11  sing N N 13  
5TG C7  C11  sing N N 14  
5TG C7  C6   sing N N 15  
5TG C3  C2   sing N N 16  
5TG C3  N    sing N N 17  
5TG C2  C1   sing N N 18  
5TG C5  C6   sing N N 19  
5TG C5  C4   sing N N 20  
5TG N   C4   sing N N 21  
5TG N   C    sing N N 22  
5TG C1  C    sing N N 23  
5TG C4  O2   doub N N 24  
5TG C   H1   sing N N 25  
5TG C   H2   sing N N 26  
5TG C3  H3   sing N N 27  
5TG C3  H4   sing N N 28  
5TG C2  H5   sing N N 29  
5TG C2  H6   sing N N 30  
5TG C1  H7   sing N N 31  
5TG C1  H8   sing N N 32  
5TG C5  H9   sing N N 33  
5TG C5  H10  sing N N 34  
5TG C6  H11  sing N N 35  
5TG C6  H12  sing N N 36  
5TG C7  H13  sing N N 37  
5TG C11 H14  sing N N 38  
5TG C11 H15  sing N N 39  
5TG C10 H16  sing N N 40  
5TG C10 H17  sing N N 41  
5TG C9  H18  sing N N 42  
5TG C9  H19  sing N N 43  
5TG C8  H20  sing N N 44  
5TG C8  H21  sing N N 45  
5TG C17 H22  sing N N 46  
5TG C16 H23  sing N N 47  
5TG C14 H24  sing N N 48  
5TG C13 H25  sing N N 49  
5TG C18 H26  sing N N 50  
5TG C18 H27  sing N N 51  
5TG C18 N2   sing N N 52  
5TG N2  C20  sing N N 53  
5TG N2  C19  sing N N 54  
5TG C20 O3   sing N N 55  
5TG O3  C22  sing N N 56  
5TG C20 O1   doub N N 57  
5TG C22 C21  sing N N 58  
5TG C22 C23  sing N N 59  
5TG C22 C24  sing N N 60  
5TG C19 H28  sing N N 61  
5TG C19 H29  sing N N 62  
5TG C19 H30  sing N N 63  
5TG C21 H31  sing N N 64  
5TG C21 H32  sing N N 65  
5TG C21 H33  sing N N 66  
5TG C23 H34  sing N N 67  
5TG C23 H35  sing N N 68  
5TG C23 H36  sing N N 69  
5TG C24 H37  sing N N 70  
5TG C24 H38  sing N N 71  
5TG C24 H39  sing N N 72  
ALA N   CA   sing N N 73  
ALA N   H    sing N N 74  
ALA N   H2   sing N N 75  
ALA CA  C    sing N N 76  
ALA CA  CB   sing N N 77  
ALA CA  HA   sing N N 78  
ALA C   O    doub N N 79  
ALA C   OXT  sing N N 80  
ALA CB  HB1  sing N N 81  
ALA CB  HB2  sing N N 82  
ALA CB  HB3  sing N N 83  
ALA OXT HXT  sing N N 84  
ARG N   CA   sing N N 85  
ARG N   H    sing N N 86  
ARG N   H2   sing N N 87  
ARG CA  C    sing N N 88  
ARG CA  CB   sing N N 89  
ARG CA  HA   sing N N 90  
ARG C   O    doub N N 91  
ARG C   OXT  sing N N 92  
ARG CB  CG   sing N N 93  
ARG CB  HB2  sing N N 94  
ARG CB  HB3  sing N N 95  
ARG CG  CD   sing N N 96  
ARG CG  HG2  sing N N 97  
ARG CG  HG3  sing N N 98  
ARG CD  NE   sing N N 99  
ARG CD  HD2  sing N N 100 
ARG CD  HD3  sing N N 101 
ARG NE  CZ   sing N N 102 
ARG NE  HE   sing N N 103 
ARG CZ  NH1  sing N N 104 
ARG CZ  NH2  doub N N 105 
ARG NH1 HH11 sing N N 106 
ARG NH1 HH12 sing N N 107 
ARG NH2 HH21 sing N N 108 
ARG NH2 HH22 sing N N 109 
ARG OXT HXT  sing N N 110 
ASN N   CA   sing N N 111 
ASN N   H    sing N N 112 
ASN N   H2   sing N N 113 
ASN CA  C    sing N N 114 
ASN CA  CB   sing N N 115 
ASN CA  HA   sing N N 116 
ASN C   O    doub N N 117 
ASN C   OXT  sing N N 118 
ASN CB  CG   sing N N 119 
ASN CB  HB2  sing N N 120 
ASN CB  HB3  sing N N 121 
ASN CG  OD1  doub N N 122 
ASN CG  ND2  sing N N 123 
ASN ND2 HD21 sing N N 124 
ASN ND2 HD22 sing N N 125 
ASN OXT HXT  sing N N 126 
ASP N   CA   sing N N 127 
ASP N   H    sing N N 128 
ASP N   H2   sing N N 129 
ASP CA  C    sing N N 130 
ASP CA  CB   sing N N 131 
ASP CA  HA   sing N N 132 
ASP C   O    doub N N 133 
ASP C   OXT  sing N N 134 
ASP CB  CG   sing N N 135 
ASP CB  HB2  sing N N 136 
ASP CB  HB3  sing N N 137 
ASP CG  OD1  doub N N 138 
ASP CG  OD2  sing N N 139 
ASP OD2 HD2  sing N N 140 
ASP OXT HXT  sing N N 141 
GLN N   CA   sing N N 142 
GLN N   H    sing N N 143 
GLN N   H2   sing N N 144 
GLN CA  C    sing N N 145 
GLN CA  CB   sing N N 146 
GLN CA  HA   sing N N 147 
GLN C   O    doub N N 148 
GLN C   OXT  sing N N 149 
GLN CB  CG   sing N N 150 
GLN CB  HB2  sing N N 151 
GLN CB  HB3  sing N N 152 
GLN CG  CD   sing N N 153 
GLN CG  HG2  sing N N 154 
GLN CG  HG3  sing N N 155 
GLN CD  OE1  doub N N 156 
GLN CD  NE2  sing N N 157 
GLN NE2 HE21 sing N N 158 
GLN NE2 HE22 sing N N 159 
GLN OXT HXT  sing N N 160 
GLU N   CA   sing N N 161 
GLU N   H    sing N N 162 
GLU N   H2   sing N N 163 
GLU CA  C    sing N N 164 
GLU CA  CB   sing N N 165 
GLU CA  HA   sing N N 166 
GLU C   O    doub N N 167 
GLU C   OXT  sing N N 168 
GLU CB  CG   sing N N 169 
GLU CB  HB2  sing N N 170 
GLU CB  HB3  sing N N 171 
GLU CG  CD   sing N N 172 
GLU CG  HG2  sing N N 173 
GLU CG  HG3  sing N N 174 
GLU CD  OE1  doub N N 175 
GLU CD  OE2  sing N N 176 
GLU OE2 HE2  sing N N 177 
GLU OXT HXT  sing N N 178 
GLY N   CA   sing N N 179 
GLY N   H    sing N N 180 
GLY N   H2   sing N N 181 
GLY CA  C    sing N N 182 
GLY CA  HA2  sing N N 183 
GLY CA  HA3  sing N N 184 
GLY C   O    doub N N 185 
GLY C   OXT  sing N N 186 
GLY OXT HXT  sing N N 187 
HIS N   CA   sing N N 188 
HIS N   H    sing N N 189 
HIS N   H2   sing N N 190 
HIS CA  C    sing N N 191 
HIS CA  CB   sing N N 192 
HIS CA  HA   sing N N 193 
HIS C   O    doub N N 194 
HIS C   OXT  sing N N 195 
HIS CB  CG   sing N N 196 
HIS CB  HB2  sing N N 197 
HIS CB  HB3  sing N N 198 
HIS CG  ND1  sing Y N 199 
HIS CG  CD2  doub Y N 200 
HIS ND1 CE1  doub Y N 201 
HIS ND1 HD1  sing N N 202 
HIS CD2 NE2  sing Y N 203 
HIS CD2 HD2  sing N N 204 
HIS CE1 NE2  sing Y N 205 
HIS CE1 HE1  sing N N 206 
HIS NE2 HE2  sing N N 207 
HIS OXT HXT  sing N N 208 
HOH O   H1   sing N N 209 
HOH O   H2   sing N N 210 
ILE N   CA   sing N N 211 
ILE N   H    sing N N 212 
ILE N   H2   sing N N 213 
ILE CA  C    sing N N 214 
ILE CA  CB   sing N N 215 
ILE CA  HA   sing N N 216 
ILE C   O    doub N N 217 
ILE C   OXT  sing N N 218 
ILE CB  CG1  sing N N 219 
ILE CB  CG2  sing N N 220 
ILE CB  HB   sing N N 221 
ILE CG1 CD1  sing N N 222 
ILE CG1 HG12 sing N N 223 
ILE CG1 HG13 sing N N 224 
ILE CG2 HG21 sing N N 225 
ILE CG2 HG22 sing N N 226 
ILE CG2 HG23 sing N N 227 
ILE CD1 HD11 sing N N 228 
ILE CD1 HD12 sing N N 229 
ILE CD1 HD13 sing N N 230 
ILE OXT HXT  sing N N 231 
LEU N   CA   sing N N 232 
LEU N   H    sing N N 233 
LEU N   H2   sing N N 234 
LEU CA  C    sing N N 235 
LEU CA  CB   sing N N 236 
LEU CA  HA   sing N N 237 
LEU C   O    doub N N 238 
LEU C   OXT  sing N N 239 
LEU CB  CG   sing N N 240 
LEU CB  HB2  sing N N 241 
LEU CB  HB3  sing N N 242 
LEU CG  CD1  sing N N 243 
LEU CG  CD2  sing N N 244 
LEU CG  HG   sing N N 245 
LEU CD1 HD11 sing N N 246 
LEU CD1 HD12 sing N N 247 
LEU CD1 HD13 sing N N 248 
LEU CD2 HD21 sing N N 249 
LEU CD2 HD22 sing N N 250 
LEU CD2 HD23 sing N N 251 
LEU OXT HXT  sing N N 252 
LYS N   CA   sing N N 253 
LYS N   H    sing N N 254 
LYS N   H2   sing N N 255 
LYS CA  C    sing N N 256 
LYS CA  CB   sing N N 257 
LYS CA  HA   sing N N 258 
LYS C   O    doub N N 259 
LYS C   OXT  sing N N 260 
LYS CB  CG   sing N N 261 
LYS CB  HB2  sing N N 262 
LYS CB  HB3  sing N N 263 
LYS CG  CD   sing N N 264 
LYS CG  HG2  sing N N 265 
LYS CG  HG3  sing N N 266 
LYS CD  CE   sing N N 267 
LYS CD  HD2  sing N N 268 
LYS CD  HD3  sing N N 269 
LYS CE  NZ   sing N N 270 
LYS CE  HE2  sing N N 271 
LYS CE  HE3  sing N N 272 
LYS NZ  HZ1  sing N N 273 
LYS NZ  HZ2  sing N N 274 
LYS NZ  HZ3  sing N N 275 
LYS OXT HXT  sing N N 276 
MET N   CA   sing N N 277 
MET N   H    sing N N 278 
MET N   H2   sing N N 279 
MET CA  C    sing N N 280 
MET CA  CB   sing N N 281 
MET CA  HA   sing N N 282 
MET C   O    doub N N 283 
MET C   OXT  sing N N 284 
MET CB  CG   sing N N 285 
MET CB  HB2  sing N N 286 
MET CB  HB3  sing N N 287 
MET CG  SD   sing N N 288 
MET CG  HG2  sing N N 289 
MET CG  HG3  sing N N 290 
MET SD  CE   sing N N 291 
MET CE  HE1  sing N N 292 
MET CE  HE2  sing N N 293 
MET CE  HE3  sing N N 294 
MET OXT HXT  sing N N 295 
PHE N   CA   sing N N 296 
PHE N   H    sing N N 297 
PHE N   H2   sing N N 298 
PHE CA  C    sing N N 299 
PHE CA  CB   sing N N 300 
PHE CA  HA   sing N N 301 
PHE C   O    doub N N 302 
PHE C   OXT  sing N N 303 
PHE CB  CG   sing N N 304 
PHE CB  HB2  sing N N 305 
PHE CB  HB3  sing N N 306 
PHE CG  CD1  doub Y N 307 
PHE CG  CD2  sing Y N 308 
PHE CD1 CE1  sing Y N 309 
PHE CD1 HD1  sing N N 310 
PHE CD2 CE2  doub Y N 311 
PHE CD2 HD2  sing N N 312 
PHE CE1 CZ   doub Y N 313 
PHE CE1 HE1  sing N N 314 
PHE CE2 CZ   sing Y N 315 
PHE CE2 HE2  sing N N 316 
PHE CZ  HZ   sing N N 317 
PHE OXT HXT  sing N N 318 
PRO N   CA   sing N N 319 
PRO N   CD   sing N N 320 
PRO N   H    sing N N 321 
PRO CA  C    sing N N 322 
PRO CA  CB   sing N N 323 
PRO CA  HA   sing N N 324 
PRO C   O    doub N N 325 
PRO C   OXT  sing N N 326 
PRO CB  CG   sing N N 327 
PRO CB  HB2  sing N N 328 
PRO CB  HB3  sing N N 329 
PRO CG  CD   sing N N 330 
PRO CG  HG2  sing N N 331 
PRO CG  HG3  sing N N 332 
PRO CD  HD2  sing N N 333 
PRO CD  HD3  sing N N 334 
PRO OXT HXT  sing N N 335 
SER N   CA   sing N N 336 
SER N   H    sing N N 337 
SER N   H2   sing N N 338 
SER CA  C    sing N N 339 
SER CA  CB   sing N N 340 
SER CA  HA   sing N N 341 
SER C   O    doub N N 342 
SER C   OXT  sing N N 343 
SER CB  OG   sing N N 344 
SER CB  HB2  sing N N 345 
SER CB  HB3  sing N N 346 
SER OG  HG   sing N N 347 
SER OXT HXT  sing N N 348 
THR N   CA   sing N N 349 
THR N   H    sing N N 350 
THR N   H2   sing N N 351 
THR CA  C    sing N N 352 
THR CA  CB   sing N N 353 
THR CA  HA   sing N N 354 
THR C   O    doub N N 355 
THR C   OXT  sing N N 356 
THR CB  OG1  sing N N 357 
THR CB  CG2  sing N N 358 
THR CB  HB   sing N N 359 
THR OG1 HG1  sing N N 360 
THR CG2 HG21 sing N N 361 
THR CG2 HG22 sing N N 362 
THR CG2 HG23 sing N N 363 
THR OXT HXT  sing N N 364 
TRP N   CA   sing N N 365 
TRP N   H    sing N N 366 
TRP N   H2   sing N N 367 
TRP CA  C    sing N N 368 
TRP CA  CB   sing N N 369 
TRP CA  HA   sing N N 370 
TRP C   O    doub N N 371 
TRP C   OXT  sing N N 372 
TRP CB  CG   sing N N 373 
TRP CB  HB2  sing N N 374 
TRP CB  HB3  sing N N 375 
TRP CG  CD1  doub Y N 376 
TRP CG  CD2  sing Y N 377 
TRP CD1 NE1  sing Y N 378 
TRP CD1 HD1  sing N N 379 
TRP CD2 CE2  doub Y N 380 
TRP CD2 CE3  sing Y N 381 
TRP NE1 CE2  sing Y N 382 
TRP NE1 HE1  sing N N 383 
TRP CE2 CZ2  sing Y N 384 
TRP CE3 CZ3  doub Y N 385 
TRP CE3 HE3  sing N N 386 
TRP CZ2 CH2  doub Y N 387 
TRP CZ2 HZ2  sing N N 388 
TRP CZ3 CH2  sing Y N 389 
TRP CZ3 HZ3  sing N N 390 
TRP CH2 HH2  sing N N 391 
TRP OXT HXT  sing N N 392 
TYR N   CA   sing N N 393 
TYR N   H    sing N N 394 
TYR N   H2   sing N N 395 
TYR CA  C    sing N N 396 
TYR CA  CB   sing N N 397 
TYR CA  HA   sing N N 398 
TYR C   O    doub N N 399 
TYR C   OXT  sing N N 400 
TYR CB  CG   sing N N 401 
TYR CB  HB2  sing N N 402 
TYR CB  HB3  sing N N 403 
TYR CG  CD1  doub Y N 404 
TYR CG  CD2  sing Y N 405 
TYR CD1 CE1  sing Y N 406 
TYR CD1 HD1  sing N N 407 
TYR CD2 CE2  doub Y N 408 
TYR CD2 HD2  sing N N 409 
TYR CE1 CZ   doub Y N 410 
TYR CE1 HE1  sing N N 411 
TYR CE2 CZ   sing Y N 412 
TYR CE2 HE2  sing N N 413 
TYR CZ  OH   sing N N 414 
TYR OH  HH   sing N N 415 
TYR OXT HXT  sing N N 416 
VAL N   CA   sing N N 417 
VAL N   H    sing N N 418 
VAL N   H2   sing N N 419 
VAL CA  C    sing N N 420 
VAL CA  CB   sing N N 421 
VAL CA  HA   sing N N 422 
VAL C   O    doub N N 423 
VAL C   OXT  sing N N 424 
VAL CB  CG1  sing N N 425 
VAL CB  CG2  sing N N 426 
VAL CB  HB   sing N N 427 
VAL CG1 HG11 sing N N 428 
VAL CG1 HG12 sing N N 429 
VAL CG1 HG13 sing N N 430 
VAL CG2 HG21 sing N N 431 
VAL CG2 HG22 sing N N 432 
VAL CG2 HG23 sing N N 433 
VAL OXT HXT  sing N N 434 
# 
loop_
_pdbx_audit_support.funding_organization 
_pdbx_audit_support.country 
_pdbx_audit_support.grant_number 
_pdbx_audit_support.ordinal 
'Engineering and Physical Sciences Research Council' 'United Kingdom' ? 1 
'Bill & Melinda Gates Foundation'                    'United States'  ? 2 
'European Union'                                     ?                ? 3 
# 
_pdbx_initial_refinement_model.id               1 
_pdbx_initial_refinement_model.entity_id_list   ? 
_pdbx_initial_refinement_model.type             'experimental model' 
_pdbx_initial_refinement_model.source_name      PDB 
_pdbx_initial_refinement_model.accession_code   1T56 
_pdbx_initial_refinement_model.details          ? 
# 
_atom_sites.entry_id                    5F08 
_atom_sites.fract_transf_matrix[1][1]   0.00322126 
_atom_sites.fract_transf_matrix[1][2]   -0.00729950 
_atom_sites.fract_transf_matrix[1][3]   -0.00223573 
_atom_sites.fract_transf_matrix[2][1]   -0.00472680 
_atom_sites.fract_transf_matrix[2][2]   -0.00000150 
_atom_sites.fract_transf_matrix[2][3]   -0.00680553 
_atom_sites.fract_transf_matrix[3][1]   0.02144297 
_atom_sites.fract_transf_matrix[3][2]   0.01402529 
_atom_sites.fract_transf_matrix[3][3]   -0.01489635 
_atom_sites.fract_transf_vector[1]      0.286536 
_atom_sites.fract_transf_vector[2]      0.139654 
_atom_sites.fract_transf_vector[3]      -0.007089 
# 
loop_
_atom_type.symbol 
C 
N 
O 
S 
# 
loop_
_atom_site.group_PDB 
_atom_site.id 
_atom_site.type_symbol 
_atom_site.label_atom_id 
_atom_site.label_alt_id 
_atom_site.label_comp_id 
_atom_site.label_asym_id 
_atom_site.label_entity_id 
_atom_site.label_seq_id 
_atom_site.pdbx_PDB_ins_code 
_atom_site.Cartn_x 
_atom_site.Cartn_y 
_atom_site.Cartn_z 
_atom_site.occupancy 
_atom_site.B_iso_or_equiv 
_atom_site.pdbx_formal_charge 
_atom_site.auth_seq_id 
_atom_site.auth_comp_id 
_atom_site.auth_asym_id 
_atom_site.auth_atom_id 
_atom_site.pdbx_PDB_model_num 
ATOM   1    N N   . GLY A 1 26  ? 11.599  -25.001 -6.299  1.00 65.98  ? 22  GLY A N   1 
ATOM   2    C CA  . GLY A 1 26  ? 10.135  -25.201 -6.561  1.00 65.09  ? 22  GLY A CA  1 
ATOM   3    C C   . GLY A 1 26  ? 9.371   -23.942 -6.195  1.00 76.25  ? 22  GLY A C   1 
ATOM   4    O O   . GLY A 1 26  ? 8.656   -23.388 -7.030  1.00 71.67  ? 22  GLY A O   1 
ATOM   5    N N   . ASP A 1 27  ? 9.518   -23.510 -4.931  1.00 76.91  ? 23  ASP A N   1 
ATOM   6    C CA  . ASP A 1 27  ? 9.178   -22.153 -4.460  1.00 73.93  ? 23  ASP A CA  1 
ATOM   7    C C   . ASP A 1 27  ? 10.076  -21.137 -5.212  1.00 76.24  ? 23  ASP A C   1 
ATOM   8    O O   . ASP A 1 27  ? 9.773   -19.935 -5.275  1.00 72.91  ? 23  ASP A O   1 
ATOM   9    C CB  . ASP A 1 27  ? 9.327   -22.039 -2.918  1.00 62.72  ? 23  ASP A CB  1 
ATOM   10   N N   . ASP A 1 28  ? 11.166  -21.669 -5.787  1.00 73.10  ? 24  ASP A N   1 
ATOM   11   C CA  . ASP A 1 28  ? 12.094  -20.980 -6.694  1.00 68.28  ? 24  ASP A CA  1 
ATOM   12   C C   . ASP A 1 28  ? 11.452  -20.533 -7.982  1.00 57.37  ? 24  ASP A C   1 
ATOM   13   O O   . ASP A 1 28  ? 11.629  -19.385 -8.404  1.00 53.72  ? 24  ASP A O   1 
ATOM   14   C CB  . ASP A 1 28  ? 13.212  -21.936 -7.117  1.00 77.51  ? 24  ASP A CB  1 
ATOM   15   C CG  . ASP A 1 28  ? 14.193  -22.229 -6.002  1.00 95.84  ? 24  ASP A CG  1 
ATOM   16   O OD1 . ASP A 1 28  ? 14.682  -21.258 -5.371  1.00 94.52  ? 24  ASP A OD1 1 
ATOM   17   O OD2 . ASP A 1 28  ? 14.480  -23.434 -5.778  1.00 102.35 ? 24  ASP A OD2 1 
ATOM   18   N N   . ARG A 1 29  ? 10.765  -21.469 -8.643  1.00 47.64  ? 25  ARG A N   1 
ATOM   19   C CA  . ARG A 1 29  ? 10.089  -21.156 -9.889  1.00 44.97  ? 25  ARG A CA  1 
ATOM   20   C C   . ARG A 1 29  ? 8.999   -20.080 -9.614  1.00 40.55  ? 25  ARG A C   1 
ATOM   21   O O   . ARG A 1 29  ? 8.841   -19.125 -10.373 1.00 39.50  ? 25  ARG A O   1 
ATOM   22   C CB  . ARG A 1 29  ? 9.538   -22.426 -10.559 1.00 46.08  ? 25  ARG A CB  1 
ATOM   23   C CG  . ARG A 1 29  ? 10.620  -23.279 -11.252 1.00 51.98  ? 25  ARG A CG  1 
ATOM   24   N N   . GLU A 1 30  ? 8.256   -20.254 -8.538  1.00 40.14  ? 26  GLU A N   1 
ATOM   25   C CA  . GLU A 1 30  ? 7.227   -19.300 -8.199  1.00 42.93  ? 26  GLU A CA  1 
ATOM   26   C C   . GLU A 1 30  ? 7.833   -17.882 -8.015  1.00 41.13  ? 26  GLU A C   1 
ATOM   27   O O   . GLU A 1 30  ? 7.292   -16.896 -8.526  1.00 39.28  ? 26  GLU A O   1 
ATOM   28   C CB  . GLU A 1 30  ? 6.505   -19.759 -6.923  1.00 44.37  ? 26  GLU A CB  1 
ATOM   29   C CG  . GLU A 1 30  ? 5.224   -18.991 -6.709  1.00 51.85  ? 26  GLU A CG  1 
ATOM   30   C CD  . GLU A 1 30  ? 4.423   -19.477 -5.521  1.00 59.73  ? 26  GLU A CD  1 
ATOM   31   O OE1 . GLU A 1 30  ? 4.388   -20.699 -5.294  1.00 57.17  ? 26  GLU A OE1 1 
ATOM   32   O OE2 . GLU A 1 30  ? 3.812   -18.615 -4.842  1.00 65.87  ? 26  GLU A OE2 1 
ATOM   33   N N   . LEU A 1 31  ? 8.954   -17.793 -7.288  1.00 46.49  ? 27  LEU A N   1 
ATOM   34   C CA  . LEU A 1 31  ? 9.620   -16.496 -7.048  1.00 43.01  ? 27  LEU A CA  1 
ATOM   35   C C   . LEU A 1 31  ? 10.138  -15.914 -8.338  1.00 40.84  ? 27  LEU A C   1 
ATOM   36   O O   . LEU A 1 31  ? 10.062  -14.681 -8.582  1.00 35.05  ? 27  LEU A O   1 
ATOM   37   C CB  . LEU A 1 31  ? 10.714  -16.583 -5.973  1.00 45.36  ? 27  LEU A CB  1 
ATOM   38   C CG  . LEU A 1 31  ? 10.208  -16.739 -4.518  1.00 53.90  ? 27  LEU A CG  1 
ATOM   39   C CD1 . LEU A 1 31  ? 11.285  -17.248 -3.568  1.00 50.38  ? 27  LEU A CD1 1 
ATOM   40   C CD2 . LEU A 1 31  ? 9.557   -15.484 -3.924  1.00 50.52  ? 27  LEU A CD2 1 
ATOM   41   N N   . ALA A 1 32  ? 10.600  -16.791 -9.236  1.00 35.99  ? 28  ALA A N   1 
ATOM   42   C CA  . ALA A 1 32  ? 11.052  -16.328 -10.552 1.00 34.46  ? 28  ALA A CA  1 
ATOM   43   C C   . ALA A 1 32  ? 9.922   -15.741 -11.348 1.00 30.51  ? 28  ALA A C   1 
ATOM   44   O O   . ALA A 1 32  ? 10.110  -14.787 -12.051 1.00 31.82  ? 28  ALA A O   1 
ATOM   45   C CB  . ALA A 1 32  ? 11.682  -17.492 -11.368 1.00 39.18  ? 28  ALA A CB  1 
ATOM   46   N N   . ILE A 1 33  ? 8.745   -16.370 -11.281 1.00 28.83  ? 29  ILE A N   1 
ATOM   47   C CA  . ILE A 1 33  ? 7.603   -15.871 -12.009 1.00 27.65  ? 29  ILE A CA  1 
ATOM   48   C C   . ILE A 1 33  ? 7.231   -14.478 -11.386 1.00 27.29  ? 29  ILE A C   1 
ATOM   49   O O   . ILE A 1 33  ? 6.962   -13.530 -12.126 1.00 26.54  ? 29  ILE A O   1 
ATOM   50   C CB  . ILE A 1 33  ? 6.402   -16.778 -11.838 1.00 27.37  ? 29  ILE A CB  1 
ATOM   51   C CG1 . ILE A 1 33  ? 6.551   -18.050 -12.680 1.00 30.98  ? 29  ILE A CG1 1 
ATOM   52   C CG2 . ILE A 1 33  ? 5.156   -16.085 -12.377 1.00 25.00  ? 29  ILE A CG2 1 
ATOM   53   C CD1 . ILE A 1 33  ? 5.569   -19.138 -12.267 1.00 33.15  ? 29  ILE A CD1 1 
ATOM   54   N N   . LEU A 1 34  ? 7.131   -14.436 -10.054 1.00 29.80  ? 30  LEU A N   1 
ATOM   55   C CA  . LEU A 1 34  ? 6.763   -13.127 -9.383  1.00 31.09  ? 30  LEU A CA  1 
ATOM   56   C C   . LEU A 1 34  ? 7.796   -12.031 -9.737  1.00 31.19  ? 30  LEU A C   1 
ATOM   57   O O   . LEU A 1 34  ? 7.414   -10.917 -10.101 1.00 29.40  ? 30  LEU A O   1 
ATOM   58   C CB  . LEU A 1 34  ? 6.687   -13.339 -7.871  1.00 32.23  ? 30  LEU A CB  1 
ATOM   59   C CG  . LEU A 1 34  ? 5.470   -14.182 -7.483  1.00 31.78  ? 30  LEU A CG  1 
ATOM   60   C CD1 . LEU A 1 34  ? 5.730   -14.646 -6.064  1.00 31.42  ? 30  LEU A CD1 1 
ATOM   61   C CD2 . LEU A 1 34  ? 4.130   -13.388 -7.649  1.00 32.49  ? 30  LEU A CD2 1 
ATOM   62   N N   . ALA A 1 35  ? 9.099   -12.365 -9.706  1.00 32.53  ? 31  ALA A N   1 
ATOM   63   C CA  . ALA A 1 35  ? 10.126  -11.355 -10.018 1.00 34.22  ? 31  ALA A CA  1 
ATOM   64   C C   . ALA A 1 35  ? 10.088  -10.935 -11.478 1.00 35.93  ? 31  ALA A C   1 
ATOM   65   O O   . ALA A 1 35  ? 10.293  -9.730  -11.779 1.00 33.90  ? 31  ALA A O   1 
ATOM   66   C CB  . ALA A 1 35  ? 11.540  -11.791 -9.595  1.00 33.76  ? 31  ALA A CB  1 
ATOM   67   N N   . THR A 1 36  ? 9.765   -11.867 -12.399 1.00 31.74  ? 32  THR A N   1 
ATOM   68   C CA  . THR A 1 36  ? 9.569   -11.487 -13.827 1.00 32.17  ? 32  THR A CA  1 
ATOM   69   C C   . THR A 1 36  ? 8.389   -10.571 -14.012 1.00 32.70  ? 32  THR A C   1 
ATOM   70   O O   . THR A 1 36  ? 8.502   -9.602  -14.755 1.00 33.91  ? 32  THR A O   1 
ATOM   71   C CB  . THR A 1 36  ? 9.370   -12.727 -14.773 1.00 29.24  ? 32  THR A CB  1 
ATOM   72   O OG1 . THR A 1 36  ? 10.540  -13.510 -14.676 1.00 33.60  ? 32  THR A OG1 1 
ATOM   73   C CG2 . THR A 1 36  ? 9.180   -12.329 -16.193 1.00 31.20  ? 32  THR A CG2 1 
ATOM   74   N N   . ALA A 1 37  ? 7.223   -10.904 -13.434 1.00 29.11  ? 33  ALA A N   1 
ATOM   75   C CA  . ALA A 1 37  ? 6.055   -10.037 -13.554 1.00 30.07  ? 33  ALA A CA  1 
ATOM   76   C C   . ALA A 1 37  ? 6.349   -8.587  -13.011 1.00 29.29  ? 33  ALA A C   1 
ATOM   77   O O   . ALA A 1 37  ? 5.974   -7.608  -13.651 1.00 31.43  ? 33  ALA A O   1 
ATOM   78   C CB  . ALA A 1 37  ? 4.847   -10.625 -12.810 1.00 26.43  ? 33  ALA A CB  1 
ATOM   79   N N   . GLU A 1 38  ? 6.994   -8.502  -11.843 1.00 31.10  ? 34  GLU A N   1 
ATOM   80   C CA  . GLU A 1 38  ? 7.315   -7.180  -11.290 1.00 34.96  ? 34  GLU A CA  1 
ATOM   81   C C   . GLU A 1 38  ? 8.248   -6.424  -12.243 1.00 36.76  ? 34  GLU A C   1 
ATOM   82   O O   . GLU A 1 38  ? 8.001   -5.262  -12.538 1.00 31.45  ? 34  GLU A O   1 
ATOM   83   C CB  . GLU A 1 38  ? 7.916   -7.291  -9.899  1.00 36.94  ? 34  GLU A CB  1 
ATOM   84   C CG  . GLU A 1 38  ? 8.035   -5.923  -9.228  1.00 40.69  ? 34  GLU A CG  1 
ATOM   85   C CD  . GLU A 1 38  ? 8.107   -5.989  -7.700  1.00 50.93  ? 34  GLU A CD  1 
ATOM   86   O OE1 . GLU A 1 38  ? 8.390   -7.082  -7.150  1.00 46.47  ? 34  GLU A OE1 1 
ATOM   87   O OE2 . GLU A 1 38  ? 7.882   -4.944  -7.024  1.00 42.52  ? 34  GLU A OE2 1 
ATOM   88   N N   . ASN A 1 39  ? 9.246   -7.106  -12.831 1.00 34.34  ? 35  ASN A N   1 
ATOM   89   C CA  . ASN A 1 39  ? 10.139  -6.426  -13.816 1.00 39.20  ? 35  ASN A CA  1 
ATOM   90   C C   . ASN A 1 39  ? 9.388   -5.983  -15.024 1.00 36.61  ? 35  ASN A C   1 
ATOM   91   O O   . ASN A 1 39  ? 9.487   -4.812  -15.438 1.00 40.69  ? 35  ASN A O   1 
ATOM   92   C CB  . ASN A 1 39  ? 11.321  -7.272  -14.253 1.00 45.96  ? 35  ASN A CB  1 
ATOM   93   C CG  . ASN A 1 39  ? 12.189  -7.681  -13.103 1.00 57.96  ? 35  ASN A CG  1 
ATOM   94   O OD1 . ASN A 1 39  ? 12.212  -7.028  -12.048 1.00 63.08  ? 35  ASN A OD1 1 
ATOM   95   N ND2 . ASN A 1 39  ? 12.921  -8.776  -13.288 1.00 63.39  ? 35  ASN A ND2 1 
ATOM   96   N N   . LEU A 1 40  ? 8.542   -6.853  -15.573 1.00 32.31  ? 36  LEU A N   1 
ATOM   97   C CA  . LEU A 1 40  ? 7.789   -6.459  -16.780 1.00 33.86  ? 36  LEU A CA  1 
ATOM   98   C C   . LEU A 1 40  ? 6.762   -5.356  -16.485 1.00 35.40  ? 36  LEU A C   1 
ATOM   99   O O   . LEU A 1 40  ? 6.491   -4.495  -17.313 1.00 33.09  ? 36  LEU A O   1 
ATOM   100  C CB  . LEU A 1 40  ? 7.105   -7.686  -17.453 1.00 34.23  ? 36  LEU A CB  1 
ATOM   101  C CG  . LEU A 1 40  ? 8.112   -8.801  -17.872 1.00 38.97  ? 36  LEU A CG  1 
ATOM   102  C CD1 . LEU A 1 40  ? 7.340   -10.000 -18.410 1.00 36.63  ? 36  LEU A CD1 1 
ATOM   103  C CD2 . LEU A 1 40  ? 9.185   -8.319  -18.850 1.00 34.91  ? 36  LEU A CD2 1 
ATOM   104  N N   . LEU A 1 41  ? 6.198   -5.357  -15.282 1.00 31.92  ? 37  LEU A N   1 
ATOM   105  C CA  . LEU A 1 41  ? 5.199   -4.341  -14.981 1.00 33.55  ? 37  LEU A CA  1 
ATOM   106  C C   . LEU A 1 41  ? 5.847   -2.921  -14.910 1.00 34.89  ? 37  LEU A C   1 
ATOM   107  O O   . LEU A 1 41  ? 5.133   -1.957  -15.094 1.00 34.85  ? 37  LEU A O   1 
ATOM   108  C CB  . LEU A 1 41  ? 4.436   -4.636  -13.718 1.00 30.81  ? 37  LEU A CB  1 
ATOM   109  C CG  . LEU A 1 41  ? 3.370   -5.726  -13.901 1.00 32.79  ? 37  LEU A CG  1 
ATOM   110  C CD1 . LEU A 1 41  ? 3.039   -6.271  -12.518 1.00 28.89  ? 37  LEU A CD1 1 
ATOM   111  C CD2 . LEU A 1 41  ? 2.124   -5.302  -14.715 1.00 31.08  ? 37  LEU A CD2 1 
ATOM   112  N N   . GLU A 1 42  ? 7.142   -2.823  -14.613 1.00 34.85  ? 38  GLU A N   1 
ATOM   113  C CA  . GLU A 1 42  ? 7.887   -1.533  -14.749 1.00 43.94  ? 38  GLU A CA  1 
ATOM   114  C C   . GLU A 1 42  ? 7.883   -0.964  -16.143 1.00 51.02  ? 38  GLU A C   1 
ATOM   115  O O   . GLU A 1 42  ? 7.956   0.214   -16.252 1.00 50.76  ? 38  GLU A O   1 
ATOM   116  C CB  . GLU A 1 42  ? 9.310   -1.618  -14.234 1.00 48.29  ? 38  GLU A CB  1 
ATOM   117  C CG  . GLU A 1 42  ? 9.376   -1.284  -12.745 1.00 61.06  ? 38  GLU A CG  1 
ATOM   118  C CD  . GLU A 1 42  ? 9.990   -2.423  -11.955 1.00 70.86  ? 38  GLU A CD  1 
ATOM   119  O OE1 . GLU A 1 42  ? 11.166  -2.762  -12.238 1.00 82.40  ? 38  GLU A OE1 1 
ATOM   120  O OE2 . GLU A 1 42  ? 9.298   -2.996  -11.072 1.00 64.97  ? 38  GLU A OE2 1 
ATOM   121  N N   . ASP A 1 43  ? 7.702   -1.799  -17.182 1.00 57.79  ? 39  ASP A N   1 
ATOM   122  C CA  . ASP A 1 43  ? 7.690   -1.414  -18.620 1.00 56.59  ? 39  ASP A CA  1 
ATOM   123  C C   . ASP A 1 43  ? 6.324   -1.224  -19.275 1.00 54.91  ? 39  ASP A C   1 
ATOM   124  O O   . ASP A 1 43  ? 6.147   -0.328  -20.067 1.00 57.81  ? 39  ASP A O   1 
ATOM   125  C CB  . ASP A 1 43  ? 8.413   -2.468  -19.437 1.00 65.89  ? 39  ASP A CB  1 
ATOM   126  C CG  . ASP A 1 43  ? 9.894   -2.419  -19.241 1.00 79.57  ? 39  ASP A CG  1 
ATOM   127  O OD1 . ASP A 1 43  ? 10.409  -1.351  -18.836 1.00 73.90  ? 39  ASP A OD1 1 
ATOM   128  O OD2 . ASP A 1 43  ? 10.546  -3.455  -19.504 1.00 93.68  ? 39  ASP A OD2 1 
ATOM   129  N N   . ARG A 1 44  ? 5.377   -2.098  -18.973 1.00 54.57  ? 40  ARG A N   1 
ATOM   130  C CA  . ARG A 1 44  ? 4.054   -2.070  -19.579 1.00 49.42  ? 40  ARG A CA  1 
ATOM   131  C C   . ARG A 1 44  ? 3.000   -2.578  -18.620 1.00 49.48  ? 40  ARG A C   1 
ATOM   132  O O   . ARG A 1 44  ? 3.339   -3.182  -17.575 1.00 39.84  ? 40  ARG A O   1 
ATOM   133  C CB  . ARG A 1 44  ? 4.057   -2.947  -20.827 1.00 60.81  ? 40  ARG A CB  1 
ATOM   134  C CG  . ARG A 1 44  ? 5.015   -4.114  -20.744 1.00 63.47  ? 40  ARG A CG  1 
ATOM   135  C CD  . ARG A 1 44  ? 5.303   -4.577  -22.153 1.00 71.29  ? 40  ARG A CD  1 
ATOM   136  N NE  . ARG A 1 44  ? 5.370   -6.027  -22.219 1.00 64.96  ? 40  ARG A NE  1 
ATOM   137  C CZ  . ARG A 1 44  ? 6.482   -6.736  -22.094 1.00 65.05  ? 40  ARG A CZ  1 
ATOM   138  N NH1 . ARG A 1 44  ? 7.649   -6.134  -21.872 1.00 68.95  ? 40  ARG A NH1 1 
ATOM   139  N NH2 . ARG A 1 44  ? 6.414   -8.059  -22.170 1.00 59.11  ? 40  ARG A NH2 1 
ATOM   140  N N   . PRO A 1 45  ? 1.719   -2.331  -18.952 1.00 45.85  ? 41  PRO A N   1 
ATOM   141  C CA  . PRO A 1 45  ? 0.556   -2.792  -18.170 1.00 51.75  ? 41  PRO A CA  1 
ATOM   142  C C   . PRO A 1 45  ? 0.339   -4.319  -18.232 1.00 49.13  ? 41  PRO A C   1 
ATOM   143  O O   . PRO A 1 45  ? 0.933   -4.974  -19.104 1.00 51.27  ? 41  PRO A O   1 
ATOM   144  C CB  . PRO A 1 45  ? -0.634  -2.081  -18.848 1.00 53.49  ? 41  PRO A CB  1 
ATOM   145  C CG  . PRO A 1 45  ? -0.158  -1.760  -20.236 1.00 51.17  ? 41  PRO A CG  1 
ATOM   146  C CD  . PRO A 1 45  ? 1.310   -1.472  -20.088 1.00 54.99  ? 41  PRO A CD  1 
ATOM   147  N N   . LEU A 1 46  ? -0.506  -4.836  -17.327 1.00 46.86  ? 42  LEU A N   1 
ATOM   148  C CA  . LEU A 1 46  ? -0.857  -6.254  -17.250 1.00 51.93  ? 42  LEU A CA  1 
ATOM   149  C C   . LEU A 1 46  ? -1.409  -6.786  -18.606 1.00 53.15  ? 42  LEU A C   1 
ATOM   150  O O   . LEU A 1 46  ? -0.977  -7.828  -19.095 1.00 49.74  ? 42  LEU A O   1 
ATOM   151  C CB  . LEU A 1 46  ? -1.825  -6.548  -16.083 1.00 42.85  ? 42  LEU A CB  1 
ATOM   152  C CG  . LEU A 1 46  ? -1.822  -8.044  -15.648 1.00 48.40  ? 42  LEU A CG  1 
ATOM   153  C CD1 . LEU A 1 46  ? -0.423  -8.618  -15.337 1.00 46.52  ? 42  LEU A CD1 1 
ATOM   154  C CD2 . LEU A 1 46  ? -2.793  -8.338  -14.496 1.00 50.36  ? 42  LEU A CD2 1 
ATOM   155  N N   . ALA A 1 47  ? -2.345  -6.042  -19.193 1.00 59.17  ? 43  ALA A N   1 
ATOM   156  C CA  . ALA A 1 47  ? -2.854  -6.293  -20.561 1.00 56.45  ? 43  ALA A CA  1 
ATOM   157  C C   . ALA A 1 47  ? -1.744  -6.525  -21.630 1.00 61.14  ? 43  ALA A C   1 
ATOM   158  O O   . ALA A 1 47  ? -1.938  -7.312  -22.567 1.00 59.65  ? 43  ALA A O   1 
ATOM   159  C CB  . ALA A 1 47  ? -3.779  -5.160  -20.989 1.00 52.44  ? 43  ALA A CB  1 
ATOM   160  N N   . ASP A 1 48  ? -0.585  -5.865  -21.497 1.00 55.05  ? 44  ASP A N   1 
ATOM   161  C CA  . ASP A 1 48  ? 0.465   -5.995  -22.511 1.00 51.39  ? 44  ASP A CA  1 
ATOM   162  C C   . ASP A 1 48  ? 1.450   -7.069  -22.161 1.00 50.11  ? 44  ASP A C   1 
ATOM   163  O O   . ASP A 1 48  ? 2.465   -7.201  -22.833 1.00 47.72  ? 44  ASP A O   1 
ATOM   164  C CB  . ASP A 1 48  ? 1.224   -4.696  -22.727 1.00 57.46  ? 44  ASP A CB  1 
ATOM   165  C CG  . ASP A 1 48  ? 0.431   -3.657  -23.526 1.00 63.07  ? 44  ASP A CG  1 
ATOM   166  O OD1 . ASP A 1 48  ? -0.788  -3.514  -23.323 1.00 64.30  ? 44  ASP A OD1 1 
ATOM   167  O OD2 . ASP A 1 48  ? 1.050   -2.945  -24.341 1.00 72.13  ? 44  ASP A OD2 1 
ATOM   168  N N   . ILE A 1 49  ? 1.182   -7.802  -21.075 1.00 50.10  ? 45  ILE A N   1 
ATOM   169  C CA  . ILE A 1 49  ? 2.072   -8.897  -20.675 1.00 49.03  ? 45  ILE A CA  1 
ATOM   170  C C   . ILE A 1 49  ? 1.319   -10.217 -20.841 1.00 46.45  ? 45  ILE A C   1 
ATOM   171  O O   . ILE A 1 49  ? 0.172   -10.354 -20.408 1.00 49.63  ? 45  ILE A O   1 
ATOM   172  C CB  . ILE A 1 49  ? 2.587   -8.730  -19.225 1.00 46.52  ? 45  ILE A CB  1 
ATOM   173  C CG1 . ILE A 1 49  ? 3.371   -7.419  -19.063 1.00 44.72  ? 45  ILE A CG1 1 
ATOM   174  C CG2 . ILE A 1 49  ? 3.528   -9.861  -18.808 1.00 41.91  ? 45  ILE A CG2 1 
ATOM   175  C CD1 . ILE A 1 49  ? 3.519   -7.074  -17.580 1.00 42.63  ? 45  ILE A CD1 1 
ATOM   176  N N   . SER A 1 50  ? 1.961   -11.186 -21.477 1.00 49.46  ? 46  SER A N   1 
ATOM   177  C CA  . SER A 1 50  ? 1.311   -12.485 -21.685 1.00 53.96  ? 46  SER A CA  1 
ATOM   178  C C   . SER A 1 50  ? 1.920   -13.507 -20.761 1.00 48.43  ? 46  SER A C   1 
ATOM   179  O O   . SER A 1 50  ? 3.064   -13.355 -20.318 1.00 43.74  ? 46  SER A O   1 
ATOM   180  C CB  . SER A 1 50  ? 1.463   -12.960 -23.135 1.00 51.57  ? 46  SER A CB  1 
ATOM   181  O OG  . SER A 1 50  ? 2.794   -13.405 -23.319 1.00 50.25  ? 46  SER A OG  1 
ATOM   182  N N   . VAL A 1 51  ? 1.141   -14.558 -20.487 1.00 53.75  ? 47  VAL A N   1 
ATOM   183  C CA  . VAL A 1 51  ? 1.618   -15.760 -19.775 1.00 49.38  ? 47  VAL A CA  1 
ATOM   184  C C   . VAL A 1 51  ? 2.956   -16.285 -20.364 1.00 43.75  ? 47  VAL A C   1 
ATOM   185  O O   . VAL A 1 51  ? 3.883   -16.698 -19.627 1.00 41.38  ? 47  VAL A O   1 
ATOM   186  C CB  . VAL A 1 51  ? 0.506   -16.862 -19.726 1.00 52.11  ? 47  VAL A CB  1 
ATOM   187  C CG1 . VAL A 1 51  ? 1.037   -18.177 -19.119 1.00 49.50  ? 47  VAL A CG1 1 
ATOM   188  C CG2 . VAL A 1 51  ? -0.718  -16.363 -18.956 1.00 49.12  ? 47  VAL A CG2 1 
ATOM   189  N N   . ASP A 1 52  ? 3.102   -16.256 -21.687 1.00 55.36  ? 48  ASP A N   1 
ATOM   190  C CA  . ASP A 1 52  ? 4.379   -16.710 -22.259 1.00 55.12  ? 48  ASP A CA  1 
ATOM   191  C C   . ASP A 1 52  ? 5.552   -15.832 -21.836 1.00 53.90  ? 48  ASP A C   1 
ATOM   192  O O   . ASP A 1 52  ? 6.663   -16.350 -21.606 1.00 48.77  ? 48  ASP A O   1 
ATOM   193  C CB  . ASP A 1 52  ? 4.322   -16.831 -23.786 1.00 69.52  ? 48  ASP A CB  1 
ATOM   194  C CG  . ASP A 1 52  ? 3.476   -18.014 -24.256 1.00 76.21  ? 48  ASP A CG  1 
ATOM   195  O OD1 . ASP A 1 52  ? 3.439   -19.095 -23.588 1.00 74.29  ? 48  ASP A OD1 1 
ATOM   196  O OD2 . ASP A 1 52  ? 2.850   -17.849 -25.321 1.00 76.72  ? 48  ASP A OD2 1 
ATOM   197  N N   . ASP A 1 53  ? 5.310   -14.512 -21.724 1.00 52.82  ? 49  ASP A N   1 
ATOM   198  C CA  . ASP A 1 53  ? 6.372   -13.558 -21.304 1.00 49.48  ? 49  ASP A CA  1 
ATOM   199  C C   . ASP A 1 53  ? 6.798   -13.912 -19.893 1.00 38.36  ? 49  ASP A C   1 
ATOM   200  O O   . ASP A 1 53  ? 7.997   -14.013 -19.611 1.00 41.73  ? 49  ASP A O   1 
ATOM   201  C CB  . ASP A 1 53  ? 5.889   -12.108 -21.325 1.00 53.06  ? 49  ASP A CB  1 
ATOM   202  C CG  . ASP A 1 53  ? 5.532   -11.623 -22.711 1.00 61.81  ? 49  ASP A CG  1 
ATOM   203  O OD1 . ASP A 1 53  ? 6.289   -11.929 -23.653 1.00 65.68  ? 49  ASP A OD1 1 
ATOM   204  O OD2 . ASP A 1 53  ? 4.514   -10.901 -22.845 1.00 66.04  ? 49  ASP A OD2 1 
ATOM   205  N N   . LEU A 1 54  ? 5.801   -14.179 -19.025 1.00 37.38  ? 50  LEU A N   1 
ATOM   206  C CA  . LEU A 1 54  ? 6.074   -14.608 -17.653 1.00 31.89  ? 50  LEU A CA  1 
ATOM   207  C C   . LEU A 1 54  ? 6.855   -15.896 -17.589 1.00 37.90  ? 50  LEU A C   1 
ATOM   208  O O   . LEU A 1 54  ? 7.866   -15.995 -16.870 1.00 34.38  ? 50  LEU A O   1 
ATOM   209  C CB  . LEU A 1 54  ? 4.780   -14.703 -16.823 1.00 30.92  ? 50  LEU A CB  1 
ATOM   210  C CG  . LEU A 1 54  ? 4.066   -13.319 -16.741 1.00 33.05  ? 50  LEU A CG  1 
ATOM   211  C CD1 . LEU A 1 54  ? 2.840   -13.422 -15.840 1.00 34.35  ? 50  LEU A CD1 1 
ATOM   212  C CD2 . LEU A 1 54  ? 5.079   -12.308 -16.165 1.00 32.45  ? 50  LEU A CD2 1 
ATOM   213  N N   . ALA A 1 55  ? 6.370   -16.897 -18.349 1.00 37.23  ? 51  ALA A N   1 
ATOM   214  C CA  . ALA A 1 55  ? 7.036   -18.195 -18.378 1.00 39.26  ? 51  ALA A CA  1 
ATOM   215  C C   . ALA A 1 55  ? 8.484   -18.078 -18.891 1.00 33.01  ? 51  ALA A C   1 
ATOM   216  O O   . ALA A 1 55  ? 9.424   -18.649 -18.282 1.00 34.92  ? 51  ALA A O   1 
ATOM   217  C CB  . ALA A 1 55  ? 6.225   -19.159 -19.267 1.00 34.04  ? 51  ALA A CB  1 
ATOM   218  N N   . LYS A 1 56  ? 8.613   -17.388 -20.024 1.00 38.32  ? 52  LYS A N   1 
ATOM   219  C CA  . LYS A 1 56  ? 9.928   -17.180 -20.696 1.00 46.67  ? 52  LYS A CA  1 
ATOM   220  C C   . LYS A 1 56  ? 10.868  -16.539 -19.674 1.00 49.26  ? 52  LYS A C   1 
ATOM   221  O O   . LYS A 1 56  ? 11.859  -17.165 -19.299 1.00 47.80  ? 52  LYS A O   1 
ATOM   222  C CB  . LYS A 1 56  ? 9.817   -16.378 -22.019 1.00 47.52  ? 52  LYS A CB  1 
ATOM   223  N N   . GLY A 1 57  ? 10.501  -15.361 -19.120 1.00 45.65  ? 53  GLY A N   1 
ATOM   224  C CA  . GLY A 1 57  ? 11.335  -14.751 -18.082 1.00 41.88  ? 53  GLY A CA  1 
ATOM   225  C C   . GLY A 1 57  ? 11.674  -15.636 -16.898 1.00 41.74  ? 53  GLY A C   1 
ATOM   226  O O   . GLY A 1 57  ? 12.720  -15.508 -16.309 1.00 38.75  ? 53  GLY A O   1 
ATOM   227  N N   . ALA A 1 58  ? 10.804  -16.565 -16.538 1.00 38.90  ? 54  ALA A N   1 
ATOM   228  C CA  . ALA A 1 58  ? 11.042  -17.417 -15.360 1.00 34.79  ? 54  ALA A CA  1 
ATOM   229  C C   . ALA A 1 58  ? 11.768  -18.741 -15.720 1.00 34.54  ? 54  ALA A C   1 
ATOM   230  O O   . ALA A 1 58  ? 12.070  -19.617 -14.846 1.00 36.54  ? 54  ALA A O   1 
ATOM   231  C CB  . ALA A 1 58  ? 9.697   -17.694 -14.651 1.00 33.67  ? 54  ALA A CB  1 
ATOM   232  N N   . GLY A 1 59  ? 12.087  -18.883 -17.005 1.00 39.31  ? 55  GLY A N   1 
ATOM   233  C CA  . GLY A 1 59  ? 12.901  -20.064 -17.430 1.00 36.96  ? 55  GLY A CA  1 
ATOM   234  C C   . GLY A 1 59  ? 12.009  -21.316 -17.439 1.00 32.03  ? 55  GLY A C   1 
ATOM   235  O O   . GLY A 1 59  ? 12.511  -22.433 -17.236 1.00 35.84  ? 55  GLY A O   1 
ATOM   236  N N   . ILE A 1 60  ? 10.716  -21.170 -17.721 1.00 32.09  ? 56  ILE A N   1 
ATOM   237  C CA  . ILE A 1 60  ? 9.816   -22.357 -17.711 1.00 30.92  ? 56  ILE A CA  1 
ATOM   238  C C   . ILE A 1 60  ? 8.915   -22.348 -18.916 1.00 30.90  ? 56  ILE A C   1 
ATOM   239  O O   . ILE A 1 60  ? 8.764   -21.315 -19.606 1.00 32.35  ? 56  ILE A O   1 
ATOM   240  C CB  . ILE A 1 60  ? 8.923   -22.433 -16.430 1.00 32.39  ? 56  ILE A CB  1 
ATOM   241  C CG1 . ILE A 1 60  ? 8.038   -21.152 -16.315 1.00 31.21  ? 56  ILE A CG1 1 
ATOM   242  C CG2 . ILE A 1 60  ? 9.735   -22.761 -15.186 1.00 32.17  ? 56  ILE A CG2 1 
ATOM   243  C CD1 . ILE A 1 60  ? 7.073   -21.137 -15.124 1.00 31.87  ? 56  ILE A CD1 1 
ATOM   244  N N   . SER A 1 61  ? 8.194   -23.465 -19.142 1.00 33.57  ? 57  SER A N   1 
ATOM   245  C CA  . SER A 1 61  ? 7.132   -23.484 -20.216 1.00 30.06  ? 57  SER A CA  1 
ATOM   246  C C   . SER A 1 61  ? 5.832   -22.880 -19.777 1.00 30.68  ? 57  SER A C   1 
ATOM   247  O O   . SER A 1 61  ? 5.513   -22.760 -18.603 1.00 29.64  ? 57  SER A O   1 
ATOM   248  C CB  . SER A 1 61  ? 6.846   -24.953 -20.656 1.00 33.76  ? 57  SER A CB  1 
ATOM   249  O OG  . SER A 1 61  ? 6.225   -25.665 -19.598 1.00 27.49  ? 57  SER A OG  1 
ATOM   250  N N   . ARG A 1 62  ? 5.034   -22.532 -20.740 1.00 29.15  ? 58  ARG A N   1 
ATOM   251  C CA  . ARG A 1 62  ? 3.690   -22.163 -20.441 1.00 33.17  ? 58  ARG A CA  1 
ATOM   252  C C   . ARG A 1 62  ? 2.803   -23.116 -19.616 1.00 34.97  ? 58  ARG A C   1 
ATOM   253  O O   . ARG A 1 62  ? 2.173   -22.688 -18.662 1.00 28.36  ? 58  ARG A O   1 
ATOM   254  C CB  . ARG A 1 62  ? 3.069   -21.622 -21.714 1.00 34.41  ? 58  ARG A CB  1 
ATOM   255  C CG  . ARG A 1 62  ? 1.559   -21.477 -21.703 1.00 46.40  ? 58  ARG A CG  1 
ATOM   256  C CD  . ARG A 1 62  ? 1.058   -21.323 -23.140 1.00 50.60  ? 58  ARG A CD  1 
ATOM   257  N NE  . ARG A 1 62  ? -0.320  -20.886 -23.158 1.00 62.93  ? 58  ARG A NE  1 
ATOM   258  C CZ  . ARG A 1 62  ? -0.707  -19.603 -23.050 1.00 78.18  ? 58  ARG A CZ  1 
ATOM   259  N NH1 . ARG A 1 62  ? 0.201   -18.639 -22.928 1.00 86.14  ? 58  ARG A NH1 1 
ATOM   260  N NH2 . ARG A 1 62  ? -2.006  -19.270 -23.071 1.00 66.85  ? 58  ARG A NH2 1 
ATOM   261  N N   . PRO A 1 63  ? 2.704   -24.447 -19.969 1.00 30.71  ? 59  PRO A N   1 
ATOM   262  C CA  . PRO A 1 63  ? 1.927   -25.278 -19.045 1.00 27.11  ? 59  PRO A CA  1 
ATOM   263  C C   . PRO A 1 63  ? 2.557   -25.372 -17.635 1.00 23.69  ? 59  PRO A C   1 
ATOM   264  O O   . PRO A 1 63  ? 1.836   -25.492 -16.592 1.00 26.52  ? 59  PRO A O   1 
ATOM   265  C CB  . PRO A 1 63  ? 1.924   -26.720 -19.751 1.00 26.04  ? 59  PRO A CB  1 
ATOM   266  C CG  . PRO A 1 63  ? 3.012   -26.616 -20.736 1.00 24.87  ? 59  PRO A CG  1 
ATOM   267  C CD  . PRO A 1 63  ? 3.108   -25.155 -21.212 1.00 28.78  ? 59  PRO A CD  1 
ATOM   268  N N   . THR A 1 64  ? 3.866   -25.283 -17.557 1.00 22.27  ? 60  THR A N   1 
ATOM   269  C CA  . THR A 1 64  ? 4.489   -25.327 -16.198 1.00 24.71  ? 60  THR A CA  1 
ATOM   270  C C   . THR A 1 64  ? 4.071   -24.058 -15.339 1.00 25.51  ? 60  THR A C   1 
ATOM   271  O O   . THR A 1 64  ? 3.810   -24.165 -14.087 1.00 28.60  ? 60  THR A O   1 
ATOM   272  C CB  . THR A 1 64  ? 5.999   -25.467 -16.250 1.00 27.26  ? 60  THR A CB  1 
ATOM   273  O OG1 . THR A 1 64  ? 6.368   -26.775 -16.750 1.00 28.37  ? 60  THR A OG1 1 
ATOM   274  C CG2 . THR A 1 64  ? 6.659   -25.410 -14.798 1.00 25.79  ? 60  THR A CG2 1 
ATOM   275  N N   . PHE A 1 65  ? 4.012   -22.935 -16.012 1.00 28.69  ? 61  PHE A N   1 
ATOM   276  C CA  . PHE A 1 65  ? 3.450   -21.695 -15.402 1.00 33.08  ? 61  PHE A CA  1 
ATOM   277  C C   . PHE A 1 65  ? 2.095   -21.974 -14.698 1.00 40.97  ? 61  PHE A C   1 
ATOM   278  O O   . PHE A 1 65  ? 1.934   -21.704 -13.472 1.00 33.73  ? 61  PHE A O   1 
ATOM   279  C CB  . PHE A 1 65  ? 3.305   -20.587 -16.445 1.00 31.51  ? 61  PHE A CB  1 
ATOM   280  C CG  . PHE A 1 65  ? 2.544   -19.362 -15.915 1.00 32.23  ? 61  PHE A CG  1 
ATOM   281  C CD1 . PHE A 1 65  ? 3.214   -18.318 -15.289 1.00 34.42  ? 61  PHE A CD1 1 
ATOM   282  C CD2 . PHE A 1 65  ? 1.116   -19.296 -15.988 1.00 35.55  ? 61  PHE A CD2 1 
ATOM   283  C CE1 . PHE A 1 65  ? 2.499   -17.203 -14.780 1.00 30.46  ? 61  PHE A CE1 1 
ATOM   284  C CE2 . PHE A 1 65  ? 0.388   -18.196 -15.453 1.00 38.97  ? 61  PHE A CE2 1 
ATOM   285  C CZ  . PHE A 1 65  ? 1.100   -17.130 -14.864 1.00 33.73  ? 61  PHE A CZ  1 
ATOM   286  N N   . TYR A 1 66  ? 1.152   -22.569 -15.466 1.00 40.08  ? 62  TYR A N   1 
ATOM   287  C CA  . TYR A 1 66  ? -0.234  -22.813 -15.019 1.00 36.73  ? 62  TYR A CA  1 
ATOM   288  C C   . TYR A 1 66  ? -0.303  -23.727 -13.902 1.00 35.62  ? 62  TYR A C   1 
ATOM   289  O O   . TYR A 1 66  ? -1.331  -23.804 -13.264 1.00 44.41  ? 62  TYR A O   1 
ATOM   290  C CB  . TYR A 1 66  ? -1.115  -23.346 -16.112 1.00 39.25  ? 62  TYR A CB  1 
ATOM   291  C CG  . TYR A 1 66  ? -1.544  -22.287 -17.032 1.00 42.56  ? 62  TYR A CG  1 
ATOM   292  C CD1 . TYR A 1 66  ? -2.328  -21.205 -16.568 1.00 39.37  ? 62  TYR A CD1 1 
ATOM   293  C CD2 . TYR A 1 66  ? -1.136  -22.302 -18.353 1.00 42.00  ? 62  TYR A CD2 1 
ATOM   294  C CE1 . TYR A 1 66  ? -2.712  -20.217 -17.445 1.00 39.21  ? 62  TYR A CE1 1 
ATOM   295  C CE2 . TYR A 1 66  ? -1.504  -21.282 -19.210 1.00 49.10  ? 62  TYR A CE2 1 
ATOM   296  C CZ  . TYR A 1 66  ? -2.307  -20.265 -18.732 1.00 38.55  ? 62  TYR A CZ  1 
ATOM   297  O OH  . TYR A 1 66  ? -2.676  -19.293 -19.588 1.00 46.28  ? 62  TYR A OH  1 
ATOM   298  N N   . PHE A 1 67  ? 0.784   -24.410 -13.621 1.00 35.29  ? 63  PHE A N   1 
ATOM   299  C CA  . PHE A 1 67  ? 0.838   -25.182 -12.413 1.00 36.41  ? 63  PHE A CA  1 
ATOM   300  C C   . PHE A 1 67  ? 1.022   -24.321 -11.160 1.00 45.90  ? 63  PHE A C   1 
ATOM   301  O O   . PHE A 1 67  ? 0.626   -24.732 -10.055 1.00 38.90  ? 63  PHE A O   1 
ATOM   302  C CB  . PHE A 1 67  ? 2.010   -26.151 -12.466 1.00 38.94  ? 63  PHE A CB  1 
ATOM   303  C CG  . PHE A 1 67  ? 2.176   -26.993 -11.221 1.00 41.59  ? 63  PHE A CG  1 
ATOM   304  C CD1 . PHE A 1 67  ? 1.387   -28.137 -11.016 1.00 47.33  ? 63  PHE A CD1 1 
ATOM   305  C CD2 . PHE A 1 67  ? 3.149   -26.695 -10.280 1.00 39.20  ? 63  PHE A CD2 1 
ATOM   306  C CE1 . PHE A 1 67  ? 1.548   -28.917 -9.875  1.00 49.65  ? 63  PHE A CE1 1 
ATOM   307  C CE2 . PHE A 1 67  ? 3.313   -27.474 -9.132  1.00 43.68  ? 63  PHE A CE2 1 
ATOM   308  C CZ  . PHE A 1 67  ? 2.524   -28.579 -8.932  1.00 46.81  ? 63  PHE A CZ  1 
ATOM   309  N N   . TYR A 1 68  ? 1.752   -23.215 -11.286 1.00 44.81  ? 64  TYR A N   1 
ATOM   310  C CA  . TYR A 1 68  ? 2.036   -22.348 -10.098 1.00 44.42  ? 64  TYR A CA  1 
ATOM   311  C C   . TYR A 1 68  ? 0.962   -21.279 -9.930  1.00 39.18  ? 64  TYR A C   1 
ATOM   312  O O   . TYR A 1 68  ? 0.684   -20.876 -8.810  1.00 43.11  ? 64  TYR A O   1 
ATOM   313  C CB  . TYR A 1 68  ? 3.410   -21.670 -10.234 1.00 41.03  ? 64  TYR A CB  1 
ATOM   314  C CG  . TYR A 1 68  ? 4.542   -22.663 -10.098 1.00 40.70  ? 64  TYR A CG  1 
ATOM   315  C CD1 . TYR A 1 68  ? 4.919   -23.114 -8.834  1.00 38.31  ? 64  TYR A CD1 1 
ATOM   316  C CD2 . TYR A 1 68  ? 5.200   -23.183 -11.244 1.00 30.25  ? 64  TYR A CD2 1 
ATOM   317  C CE1 . TYR A 1 68  ? 5.925   -24.047 -8.689  1.00 42.41  ? 64  TYR A CE1 1 
ATOM   318  C CE2 . TYR A 1 68  ? 6.208   -24.129 -11.121 1.00 34.40  ? 64  TYR A CE2 1 
ATOM   319  C CZ  . TYR A 1 68  ? 6.574   -24.537 -9.830  1.00 37.51  ? 64  TYR A CZ  1 
ATOM   320  O OH  . TYR A 1 68  ? 7.560   -25.435 -9.631  1.00 43.58  ? 64  TYR A OH  1 
ATOM   321  N N   . PHE A 1 69  ? 0.353   -20.848 -11.027 1.00 35.95  ? 65  PHE A N   1 
ATOM   322  C CA  . PHE A 1 69  ? -0.608  -19.782 -10.993 1.00 37.05  ? 65  PHE A CA  1 
ATOM   323  C C   . PHE A 1 69  ? -1.652  -20.064 -12.000 1.00 40.17  ? 65  PHE A C   1 
ATOM   324  O O   . PHE A 1 69  ? -1.342  -20.522 -13.122 1.00 45.08  ? 65  PHE A O   1 
ATOM   325  C CB  . PHE A 1 69  ? 0.013   -18.366 -11.331 1.00 34.33  ? 65  PHE A CB  1 
ATOM   326  C CG  . PHE A 1 69  ? 0.969   -17.887 -10.303 1.00 37.65  ? 65  PHE A CG  1 
ATOM   327  C CD1 . PHE A 1 69  ? 0.492   -17.199 -9.158  1.00 37.71  ? 65  PHE A CD1 1 
ATOM   328  C CD2 . PHE A 1 69  ? 2.341   -18.105 -10.446 1.00 33.44  ? 65  PHE A CD2 1 
ATOM   329  C CE1 . PHE A 1 69  ? 1.374   -16.750 -8.192  1.00 34.10  ? 65  PHE A CE1 1 
ATOM   330  C CE2 . PHE A 1 69  ? 3.226   -17.625 -9.488  1.00 36.37  ? 65  PHE A CE2 1 
ATOM   331  C CZ  . PHE A 1 69  ? 2.742   -16.967 -8.345  1.00 35.16  ? 65  PHE A CZ  1 
ATOM   332  N N   . PRO A 1 70  ? -2.906  -19.763 -11.631 1.00 42.22  ? 66  PRO A N   1 
ATOM   333  C CA  . PRO A 1 70  ? -4.046  -19.931 -12.533 1.00 40.83  ? 66  PRO A CA  1 
ATOM   334  C C   . PRO A 1 70  ? -4.053  -18.977 -13.682 1.00 45.55  ? 66  PRO A C   1 
ATOM   335  O O   . PRO A 1 70  ? -4.674  -19.308 -14.683 1.00 38.82  ? 66  PRO A O   1 
ATOM   336  C CB  . PRO A 1 70  ? -5.269  -19.660 -11.634 1.00 44.14  ? 66  PRO A CB  1 
ATOM   337  C CG  . PRO A 1 70  ? -4.785  -19.784 -10.228 1.00 44.16  ? 66  PRO A CG  1 
ATOM   338  C CD  . PRO A 1 70  ? -3.308  -19.538 -10.217 1.00 45.03  ? 66  PRO A CD  1 
ATOM   339  N N   . SER A 1 71  ? -3.415  -17.787 -13.567 1.00 36.45  ? 67  SER A N   1 
ATOM   340  C CA  . SER A 1 71  ? -3.512  -16.759 -14.635 1.00 40.12  ? 67  SER A CA  1 
ATOM   341  C C   . SER A 1 71  ? -2.512  -15.631 -14.326 1.00 36.17  ? 67  SER A C   1 
ATOM   342  O O   . SER A 1 71  ? -1.914  -15.607 -13.243 1.00 35.85  ? 67  SER A O   1 
ATOM   343  C CB  . SER A 1 71  ? -4.893  -16.097 -14.640 1.00 43.76  ? 67  SER A CB  1 
ATOM   344  O OG  . SER A 1 71  ? -5.106  -15.553 -13.343 1.00 47.71  ? 67  SER A OG  1 
ATOM   345  N N   . LYS A 1 72  ? -2.339  -14.719 -15.268 1.00 35.95  ? 68  LYS A N   1 
ATOM   346  C CA  . LYS A 1 72  ? -1.370  -13.633 -15.013 1.00 44.05  ? 68  LYS A CA  1 
ATOM   347  C C   . LYS A 1 72  ? -1.945  -12.692 -13.908 1.00 43.60  ? 68  LYS A C   1 
ATOM   348  O O   . LYS A 1 72  ? -1.192  -12.024 -13.196 1.00 37.44  ? 68  LYS A O   1 
ATOM   349  C CB  . LYS A 1 72  ? -1.047  -12.866 -16.297 1.00 40.64  ? 68  LYS A CB  1 
ATOM   350  C CG  . LYS A 1 72  ? -2.261  -12.195 -16.870 1.00 45.49  ? 68  LYS A CG  1 
ATOM   351  C CD  . LYS A 1 72  ? -1.982  -11.650 -18.252 1.00 45.41  ? 68  LYS A CD  1 
ATOM   352  C CE  . LYS A 1 72  ? -2.951  -10.559 -18.640 1.00 45.87  ? 68  LYS A CE  1 
ATOM   353  N NZ  . LYS A 1 72  ? -2.562  -10.175 -20.028 1.00 57.28  ? 68  LYS A NZ  1 
ATOM   354  N N   . GLU A 1 73  ? -3.273  -12.702 -13.765 1.00 41.70  ? 69  GLU A N   1 
ATOM   355  C CA  . GLU A 1 73  ? -3.985  -11.872 -12.796 1.00 41.22  ? 69  GLU A CA  1 
ATOM   356  C C   . GLU A 1 73  ? -3.744  -12.429 -11.430 1.00 41.06  ? 69  GLU A C   1 
ATOM   357  O O   . GLU A 1 73  ? -3.613  -11.670 -10.482 1.00 41.41  ? 69  GLU A O   1 
ATOM   358  C CB  . GLU A 1 73  ? -5.492  -11.776 -13.124 1.00 42.24  ? 69  GLU A CB  1 
ATOM   359  C CG  . GLU A 1 73  ? -5.801  -11.002 -14.425 1.00 45.23  ? 69  GLU A CG  1 
ATOM   360  C CD  . GLU A 1 73  ? -5.707  -11.840 -15.736 1.00 56.11  ? 69  GLU A CD  1 
ATOM   361  O OE1 . GLU A 1 73  ? -5.387  -13.054 -15.722 1.00 53.96  ? 69  GLU A OE1 1 
ATOM   362  O OE2 . GLU A 1 73  ? -5.969  -11.266 -16.818 1.00 65.22  ? 69  GLU A OE2 1 
ATOM   363  N N   . ALA A 1 74  ? -3.595  -13.758 -11.300 1.00 36.15  ? 70  ALA A N   1 
ATOM   364  C CA  . ALA A 1 74  ? -3.303  -14.327 -9.984  1.00 33.06  ? 70  ALA A CA  1 
ATOM   365  C C   . ALA A 1 74  ? -1.890  -13.973 -9.635  1.00 29.13  ? 70  ALA A C   1 
ATOM   366  O O   . ALA A 1 74  ? -1.516  -13.988 -8.433  1.00 32.79  ? 70  ALA A O   1 
ATOM   367  C CB  . ALA A 1 74  ? -3.494  -15.867 -9.912  1.00 30.89  ? 70  ALA A CB  1 
ATOM   368  N N   . VAL A 1 75  ? -1.075  -13.722 -10.671 1.00 29.49  ? 71  VAL A N   1 
ATOM   369  C CA  . VAL A 1 75  ? 0.303   -13.349 -10.364 1.00 29.00  ? 71  VAL A CA  1 
ATOM   370  C C   . VAL A 1 75  ? 0.289   -11.943 -9.745  1.00 27.83  ? 71  VAL A C   1 
ATOM   371  O O   . VAL A 1 75  ? 0.952   -11.714 -8.765  1.00 28.61  ? 71  VAL A O   1 
ATOM   372  C CB  . VAL A 1 75  ? 1.272   -13.453 -11.572 1.00 30.37  ? 71  VAL A CB  1 
ATOM   373  C CG1 . VAL A 1 75  ? 2.670   -12.886 -11.183 1.00 29.45  ? 71  VAL A CG1 1 
ATOM   374  C CG2 . VAL A 1 75  ? 1.338   -14.947 -12.048 1.00 23.27  ? 71  VAL A CG2 1 
ATOM   375  N N   . LEU A 1 76  ? -0.416  -11.035 -10.373 1.00 31.75  ? 72  LEU A N   1 
ATOM   376  C CA  . LEU A 1 76  ? -0.591  -9.647  -9.799  1.00 33.35  ? 72  LEU A CA  1 
ATOM   377  C C   . LEU A 1 76  ? -1.189  -9.658  -8.397  1.00 32.69  ? 72  LEU A C   1 
ATOM   378  O O   . LEU A 1 76  ? -0.659  -9.014  -7.458  1.00 35.99  ? 72  LEU A O   1 
ATOM   379  C CB  . LEU A 1 76  ? -1.437  -8.811  -10.713 1.00 32.88  ? 72  LEU A CB  1 
ATOM   380  C CG  . LEU A 1 76  ? -1.755  -7.385  -10.195 1.00 35.60  ? 72  LEU A CG  1 
ATOM   381  C CD1 . LEU A 1 76  ? -0.422  -6.648  -10.001 1.00 32.77  ? 72  LEU A CD1 1 
ATOM   382  C CD2 . LEU A 1 76  ? -2.702  -6.690  -11.181 1.00 36.80  ? 72  LEU A CD2 1 
ATOM   383  N N   . LEU A 1 77  ? -2.254  -10.442 -8.231  1.00 33.09  ? 73  LEU A N   1 
ATOM   384  C CA  . LEU A 1 77  ? -2.838  -10.663 -6.927  1.00 32.43  ? 73  LEU A CA  1 
ATOM   385  C C   . LEU A 1 77  ? -1.846  -11.074 -5.898  1.00 32.88  ? 73  LEU A C   1 
ATOM   386  O O   . LEU A 1 77  ? -1.859  -10.531 -4.792  1.00 30.53  ? 73  LEU A O   1 
ATOM   387  C CB  . LEU A 1 77  ? -4.018  -11.684 -6.948  1.00 34.75  ? 73  LEU A CB  1 
ATOM   388  C CG  . LEU A 1 77  ? -4.799  -11.949 -5.656  1.00 41.51  ? 73  LEU A CG  1 
ATOM   389  C CD1 . LEU A 1 77  ? -5.285  -10.635 -5.019  1.00 36.74  ? 73  LEU A CD1 1 
ATOM   390  C CD2 . LEU A 1 77  ? -5.973  -12.901 -5.945  1.00 38.15  ? 73  LEU A CD2 1 
ATOM   391  N N   . THR A 1 78  ? -0.974  -12.042 -6.202  1.00 32.01  ? 74  THR A N   1 
ATOM   392  C CA  . THR A 1 78  ? 0.045   -12.418 -5.213  1.00 26.53  ? 74  THR A CA  1 
ATOM   393  C C   . THR A 1 78  ? 1.067   -11.325 -4.951  1.00 25.78  ? 74  THR A C   1 
ATOM   394  O O   . THR A 1 78  ? 1.557   -11.192 -3.834  1.00 31.23  ? 74  THR A O   1 
ATOM   395  C CB  . THR A 1 78  ? 0.802   -13.737 -5.665  1.00 29.50  ? 74  THR A CB  1 
ATOM   396  O OG1 . THR A 1 78  ? -0.191  -14.747 -5.816  1.00 36.60  ? 74  THR A OG1 1 
ATOM   397  C CG2 . THR A 1 78  ? 1.784   -14.214 -4.695  1.00 30.16  ? 74  THR A CG2 1 
ATOM   398  N N   . LEU A 1 79  ? 1.473   -10.626 -6.005  1.00 26.81  ? 75  LEU A N   1 
ATOM   399  C CA  . LEU A 1 79  ? 2.494   -9.547  -5.856  1.00 28.33  ? 75  LEU A CA  1 
ATOM   400  C C   . LEU A 1 79  ? 1.888   -8.478  -4.864  1.00 26.38  ? 75  LEU A C   1 
ATOM   401  O O   . LEU A 1 79  ? 2.569   -8.035  -3.957  1.00 27.66  ? 75  LEU A O   1 
ATOM   402  C CB  . LEU A 1 79  ? 2.763   -8.869  -7.155  1.00 29.94  ? 75  LEU A CB  1 
ATOM   403  C CG  . LEU A 1 79  ? 3.680   -9.661  -8.113  1.00 30.31  ? 75  LEU A CG  1 
ATOM   404  C CD1 . LEU A 1 79  ? 3.630   -9.053  -9.536  1.00 28.74  ? 75  LEU A CD1 1 
ATOM   405  C CD2 . LEU A 1 79  ? 5.046   -9.737  -7.464  1.00 32.15  ? 75  LEU A CD2 1 
ATOM   406  N N   . LEU A 1 80  ? 0.630   -8.150  -5.069  1.00 27.32  ? 76  LEU A N   1 
ATOM   407  C CA  . LEU A 1 80  ? 0.005   -7.047  -4.262  1.00 29.14  ? 76  LEU A CA  1 
ATOM   408  C C   . LEU A 1 80  ? -0.172  -7.570  -2.830  1.00 29.91  ? 76  LEU A C   1 
ATOM   409  O O   . LEU A 1 80  ? 0.177   -6.945  -1.830  1.00 30.91  ? 76  LEU A O   1 
ATOM   410  C CB  . LEU A 1 80  ? -1.316  -6.717  -4.912  1.00 30.71  ? 76  LEU A CB  1 
ATOM   411  C CG  . LEU A 1 80  ? -2.010  -5.628  -4.096  1.00 38.37  ? 76  LEU A CG  1 
ATOM   412  C CD1 . LEU A 1 80  ? -1.136  -4.369  -4.206  1.00 30.42  ? 76  LEU A CD1 1 
ATOM   413  C CD2 . LEU A 1 80  ? -3.378  -5.411  -4.715  1.00 38.11  ? 76  LEU A CD2 1 
ATOM   414  N N   . ASP A 1 81  ? -0.605  -8.827  -2.715  1.00 33.54  ? 77  ASP A N   1 
ATOM   415  C CA  . ASP A 1 81  ? -0.650  -9.455  -1.420  1.00 31.30  ? 77  ASP A CA  1 
ATOM   416  C C   . ASP A 1 81  ? 0.675   -9.335  -0.682  1.00 29.76  ? 77  ASP A C   1 
ATOM   417  O O   . ASP A 1 81  ? 0.689   -9.003  0.511   1.00 31.98  ? 77  ASP A O   1 
ATOM   418  C CB  . ASP A 1 81  ? -1.065  -10.944 -1.554  1.00 37.74  ? 77  ASP A CB  1 
ATOM   419  C CG  . ASP A 1 81  ? -1.350  -11.590 -0.220  1.00 47.40  ? 77  ASP A CG  1 
ATOM   420  O OD1 . ASP A 1 81  ? -2.367  -11.267 0.422   1.00 50.19  ? 77  ASP A OD1 1 
ATOM   421  O OD2 . ASP A 1 81  ? -0.548  -12.444 0.201   1.00 63.00  ? 77  ASP A OD2 1 
ATOM   422  N N   . ARG A 1 82  ? 1.810   -9.609  -1.334  1.00 27.89  ? 78  ARG A N   1 
ATOM   423  C CA  . ARG A 1 82  ? 3.068   -9.581  -0.621  1.00 28.85  ? 78  ARG A CA  1 
ATOM   424  C C   . ARG A 1 82  ? 3.398   -8.120  -0.227  1.00 28.73  ? 78  ARG A C   1 
ATOM   425  O O   . ARG A 1 82  ? 3.932   -7.880  0.827   1.00 29.21  ? 78  ARG A O   1 
ATOM   426  C CB  . ARG A 1 82  ? 4.228   -10.149 -1.502  1.00 32.06  ? 78  ARG A CB  1 
ATOM   427  C CG  . ARG A 1 82  ? 4.019   -11.669 -1.699  1.00 40.80  ? 78  ARG A CG  1 
ATOM   428  C CD  . ARG A 1 82  ? 4.730   -12.166 -2.950  1.00 44.71  ? 78  ARG A CD  1 
ATOM   429  N NE  . ARG A 1 82  ? 6.150   -11.815 -2.894  1.00 44.41  ? 78  ARG A NE  1 
ATOM   430  C CZ  . ARG A 1 82  ? 7.064   -12.575 -2.283  1.00 53.27  ? 78  ARG A CZ  1 
ATOM   431  N NH1 . ARG A 1 82  ? 6.724   -13.715 -1.680  1.00 48.34  ? 78  ARG A NH1 1 
ATOM   432  N NH2 . ARG A 1 82  ? 8.320   -12.197 -2.270  1.00 54.07  ? 78  ARG A NH2 1 
ATOM   433  N N   . VAL A 1 83  ? 3.082   -7.179  -1.114  1.00 27.77  ? 79  VAL A N   1 
ATOM   434  C CA  . VAL A 1 83  ? 3.328   -5.768  -0.846  1.00 29.55  ? 79  VAL A CA  1 
ATOM   435  C C   . VAL A 1 83  ? 2.493   -5.257  0.358   1.00 27.43  ? 79  VAL A C   1 
ATOM   436  O O   . VAL A 1 83  ? 3.019   -4.674  1.299   1.00 26.31  ? 79  VAL A O   1 
ATOM   437  C CB  . VAL A 1 83  ? 3.215   -4.862  -2.117  1.00 28.31  ? 79  VAL A CB  1 
ATOM   438  C CG1 . VAL A 1 83  ? 3.502   -3.404  -1.662  1.00 26.99  ? 79  VAL A CG1 1 
ATOM   439  C CG2 . VAL A 1 83  ? 4.297   -5.265  -3.119  1.00 28.17  ? 79  VAL A CG2 1 
ATOM   440  N N   . VAL A 1 84  ? 1.217   -5.570  0.358   1.00 23.51  ? 80  VAL A N   1 
ATOM   441  C CA  . VAL A 1 84  ? 0.315   -5.191  1.459   1.00 24.69  ? 80  VAL A CA  1 
ATOM   442  C C   . VAL A 1 84  ? 0.678   -5.839  2.786   1.00 28.34  ? 80  VAL A C   1 
ATOM   443  O O   . VAL A 1 84  ? 0.740   -5.217  3.838   1.00 25.56  ? 80  VAL A O   1 
ATOM   444  C CB  . VAL A 1 84  ? -1.073  -5.557  0.942   1.00 25.93  ? 80  VAL A CB  1 
ATOM   445  C CG1 . VAL A 1 84  ? -2.065  -5.900  2.001   1.00 28.22  ? 80  VAL A CG1 1 
ATOM   446  C CG2 . VAL A 1 84  ? -1.514  -4.599  -0.172  1.00 26.91  ? 80  VAL A CG2 1 
ATOM   447  N N   . ASN A 1 85  ? 1.099   -7.110  2.740   1.00 26.75  ? 81  ASN A N   1 
ATOM   448  C CA  . ASN A 1 85  ? 1.479   -7.738  3.968   1.00 26.43  ? 81  ASN A CA  1 
ATOM   449  C C   . ASN A 1 85  ? 2.800   -7.243  4.510   1.00 25.12  ? 81  ASN A C   1 
ATOM   450  O O   . ASN A 1 85  ? 2.958   -7.140  5.744   1.00 28.77  ? 81  ASN A O   1 
ATOM   451  C CB  . ASN A 1 85  ? 1.498   -9.289  3.754   1.00 31.78  ? 81  ASN A CB  1 
ATOM   452  C CG  . ASN A 1 85  ? 0.140   -9.891  3.997   1.00 31.51  ? 81  ASN A CG  1 
ATOM   453  O OD1 . ASN A 1 85  ? -0.258  -10.048 5.152   1.00 40.21  ? 81  ASN A OD1 1 
ATOM   454  N ND2 . ASN A 1 85  ? -0.636  -10.084 2.944   1.00 31.13  ? 81  ASN A ND2 1 
ATOM   455  N N   . GLN A 1 86  ? 3.716   -6.863  3.607   1.00 26.79  ? 82  GLN A N   1 
ATOM   456  C CA  . GLN A 1 86  ? 4.979   -6.246  4.013   1.00 28.51  ? 82  GLN A CA  1 
ATOM   457  C C   . GLN A 1 86  ? 4.725   -4.930  4.776   1.00 29.92  ? 82  GLN A C   1 
ATOM   458  O O   . GLN A 1 86  ? 5.294   -4.670  5.836   1.00 25.22  ? 82  GLN A O   1 
ATOM   459  C CB  . GLN A 1 86  ? 5.795   -5.961  2.745   1.00 32.13  ? 82  GLN A CB  1 
ATOM   460  C CG  . GLN A 1 86  ? 7.200   -5.434  2.951   1.00 42.56  ? 82  GLN A CG  1 
ATOM   461  C CD  . GLN A 1 86  ? 7.942   -5.218  1.598   1.00 48.47  ? 82  GLN A CD  1 
ATOM   462  O OE1 . GLN A 1 86  ? 7.596   -5.802  0.541   1.00 54.71  ? 82  GLN A OE1 1 
ATOM   463  N NE2 . GLN A 1 86  ? 8.949   -4.382  1.634   1.00 47.21  ? 82  GLN A NE2 1 
ATOM   464  N N   . ALA A 1 87  ? 3.807   -4.106  4.260   1.00 27.02  ? 83  ALA A N   1 
ATOM   465  C CA  . ALA A 1 87  ? 3.522   -2.824  4.918   1.00 22.62  ? 83  ALA A CA  1 
ATOM   466  C C   . ALA A 1 87  ? 2.852   -3.098  6.251   1.00 19.51  ? 83  ALA A C   1 
ATOM   467  O O   . ALA A 1 87  ? 3.161   -2.439  7.247   1.00 25.19  ? 83  ALA A O   1 
ATOM   468  C CB  . ALA A 1 87  ? 2.554   -2.007  3.992   1.00 24.35  ? 83  ALA A CB  1 
ATOM   469  N N   . ASP A 1 88  ? 1.944   -4.060  6.268   1.00 23.62  ? 84  ASP A N   1 
ATOM   470  C CA  . ASP A 1 88  ? 1.150   -4.322  7.449   1.00 25.83  ? 84  ASP A CA  1 
ATOM   471  C C   . ASP A 1 88  ? 2.072   -4.884  8.537   1.00 25.95  ? 84  ASP A C   1 
ATOM   472  O O   . ASP A 1 88  ? 2.002   -4.463  9.680   1.00 24.72  ? 84  ASP A O   1 
ATOM   473  C CB  . ASP A 1 88  ? 0.012   -5.335  7.144   1.00 28.15  ? 84  ASP A CB  1 
ATOM   474  C CG  . ASP A 1 88  ? -0.972  -5.426  8.272   1.00 36.43  ? 84  ASP A CG  1 
ATOM   475  O OD1 . ASP A 1 88  ? -1.562  -4.401  8.653   1.00 32.04  ? 84  ASP A OD1 1 
ATOM   476  O OD2 . ASP A 1 88  ? -1.131  -6.511  8.843   1.00 33.61  ? 84  ASP A OD2 1 
ATOM   477  N N   . MET A 1 89  ? 2.934   -5.837  8.163   1.00 27.99  ? 85  MET A N   1 
ATOM   478  C CA  . MET A 1 89  ? 3.982   -6.274  9.141   1.00 31.55  ? 85  MET A CA  1 
ATOM   479  C C   . MET A 1 89  ? 4.897   -5.165  9.634   1.00 30.44  ? 85  MET A C   1 
ATOM   480  O O   . MET A 1 89  ? 5.232   -5.133  10.817  1.00 31.34  ? 85  MET A O   1 
ATOM   481  C CB  . MET A 1 89  ? 4.810   -7.412  8.541   1.00 37.59  ? 85  MET A CB  1 
ATOM   482  C CG  . MET A 1 89  ? 3.992   -8.695  8.471   1.00 40.63  ? 85  MET A CG  1 
ATOM   483  S SD  . MET A 1 89  ? 4.776   -10.023 7.502   1.00 62.04  ? 85  MET A SD  1 
ATOM   484  C CE  . MET A 1 89  ? 6.425   -10.114 8.217   1.00 55.03  ? 85  MET A CE  1 
ATOM   485  N N   . ALA A 1 90  ? 5.392   -4.287  8.727   1.00 27.72  ? 86  ALA A N   1 
ATOM   486  C CA  . ALA A 1 90  ? 6.236   -3.184  9.182   1.00 28.31  ? 86  ALA A CA  1 
ATOM   487  C C   . ALA A 1 90  ? 5.468   -2.354  10.175  1.00 28.95  ? 86  ALA A C   1 
ATOM   488  O O   . ALA A 1 90  ? 5.999   -1.810  11.180  1.00 29.08  ? 86  ALA A O   1 
ATOM   489  C CB  . ALA A 1 90  ? 6.689   -2.313  7.990   1.00 29.17  ? 86  ALA A CB  1 
ATOM   490  N N   . LEU A 1 91  ? 4.196   -2.157  9.889   1.00 30.54  ? 87  LEU A N   1 
ATOM   491  C CA  . LEU A 1 91  ? 3.379   -1.329  10.796  1.00 28.77  ? 87  LEU A CA  1 
ATOM   492  C C   . LEU A 1 91  ? 3.212   -1.998  12.185  1.00 29.00  ? 87  LEU A C   1 
ATOM   493  O O   . LEU A 1 91  ? 3.254   -1.352  13.242  1.00 28.30  ? 87  LEU A O   1 
ATOM   494  C CB  . LEU A 1 91  ? 1.989   -1.047  10.131  1.00 29.97  ? 87  LEU A CB  1 
ATOM   495  C CG  . LEU A 1 91  ? 1.156   -0.022  10.860  1.00 32.62  ? 87  LEU A CG  1 
ATOM   496  C CD1 . LEU A 1 91  ? 1.908   1.332   10.735  1.00 35.02  ? 87  LEU A CD1 1 
ATOM   497  C CD2 . LEU A 1 91  ? -0.223  0.064   10.132  1.00 31.47  ? 87  LEU A CD2 1 
ATOM   498  N N   . GLN A 1 92  ? 2.973   -3.298  12.163  1.00 27.91  ? 88  GLN A N   1 
ATOM   499  C CA  . GLN A 1 92  ? 2.839   -4.028  13.461  1.00 35.78  ? 88  GLN A CA  1 
ATOM   500  C C   . GLN A 1 92  ? 4.157   -3.871  14.270  1.00 34.27  ? 88  GLN A C   1 
ATOM   501  O O   . GLN A 1 92  ? 4.134   -3.637  15.462  1.00 36.31  ? 88  GLN A O   1 
ATOM   502  C CB  . GLN A 1 92  ? 2.547   -5.482  13.166  1.00 35.35  ? 88  GLN A CB  1 
ATOM   503  C CG  . GLN A 1 92  ? 2.465   -6.403  14.372  1.00 53.32  ? 88  GLN A CG  1 
ATOM   504  C CD  . GLN A 1 92  ? 1.713   -7.678  14.024  1.00 65.10  ? 88  GLN A CD  1 
ATOM   505  O OE1 . GLN A 1 92  ? 1.118   -7.801  12.935  1.00 70.99  ? 88  GLN A OE1 1 
ATOM   506  N NE2 . GLN A 1 92  ? 1.731   -8.639  14.946  1.00 72.29  ? 88  GLN A NE2 1 
ATOM   507  N N   . THR A 1 93  ? 5.320   -3.927  13.581  1.00 36.22  ? 89  THR A N   1 
ATOM   508  C CA  . THR A 1 93  ? 6.632   -3.756  14.219  1.00 36.68  ? 89  THR A CA  1 
ATOM   509  C C   . THR A 1 93  ? 6.799   -2.417  14.865  1.00 39.06  ? 89  THR A C   1 
ATOM   510  O O   . THR A 1 93  ? 7.255   -2.268  16.040  1.00 38.69  ? 89  THR A O   1 
ATOM   511  C CB  . THR A 1 93  ? 7.768   -3.940  13.196  1.00 37.85  ? 89  THR A CB  1 
ATOM   512  O OG1 . THR A 1 93  ? 7.739   -5.287  12.769  1.00 43.52  ? 89  THR A OG1 1 
ATOM   513  C CG2 . THR A 1 93  ? 9.106   -3.649  13.791  1.00 41.06  ? 89  THR A CG2 1 
ATOM   514  N N   . LEU A 1 94  ? 6.419   -1.409  14.111  1.00 34.69  ? 90  LEU A N   1 
ATOM   515  C CA  . LEU A 1 94  ? 6.320   -0.079  14.658  1.00 33.06  ? 90  LEU A CA  1 
ATOM   516  C C   . LEU A 1 94  ? 5.426   0.021   15.878  1.00 35.04  ? 90  LEU A C   1 
ATOM   517  O O   . LEU A 1 94  ? 5.795   0.677   16.872  1.00 39.09  ? 90  LEU A O   1 
ATOM   518  C CB  . LEU A 1 94  ? 5.736   0.858   13.580  1.00 35.26  ? 90  LEU A CB  1 
ATOM   519  C CG  . LEU A 1 94  ? 6.287   2.248   13.481  1.00 42.28  ? 90  LEU A CG  1 
ATOM   520  C CD1 . LEU A 1 94  ? 7.791   2.081   13.268  1.00 43.60  ? 90  LEU A CD1 1 
ATOM   521  C CD2 . LEU A 1 94  ? 5.681   2.975   12.281  1.00 33.15  ? 90  LEU A CD2 1 
ATOM   522  N N   . ALA A 1 95  ? 4.233   -0.569  15.788  1.00 39.04  ? 91  ALA A N   1 
ATOM   523  C CA  . ALA A 1 95  ? 3.238   -0.490  16.861  1.00 45.03  ? 91  ALA A CA  1 
ATOM   524  C C   . ALA A 1 95  ? 3.829   -1.108  18.143  1.00 53.62  ? 91  ALA A C   1 
ATOM   525  O O   . ALA A 1 95  ? 3.855   -0.468  19.175  1.00 53.85  ? 91  ALA A O   1 
ATOM   526  C CB  . ALA A 1 95  ? 1.946   -1.218  16.452  1.00 40.04  ? 91  ALA A CB  1 
ATOM   527  N N   . GLU A 1 96  ? 4.363   -2.326  18.053  1.00 51.78  ? 92  GLU A N   1 
ATOM   528  C CA  . GLU A 1 96  ? 4.995   -2.965  19.222  1.00 59.91  ? 92  GLU A CA  1 
ATOM   529  C C   . GLU A 1 96  ? 6.294   -2.305  19.671  1.00 64.03  ? 92  GLU A C   1 
ATOM   530  O O   . GLU A 1 96  ? 6.832   -2.663  20.700  1.00 62.93  ? 92  GLU A O   1 
ATOM   531  C CB  . GLU A 1 96  ? 5.311   -4.419  18.928  1.00 55.31  ? 92  GLU A CB  1 
ATOM   532  C CG  . GLU A 1 96  ? 4.146   -5.238  18.433  1.00 57.33  ? 92  GLU A CG  1 
ATOM   533  C CD  . GLU A 1 96  ? 4.639   -6.494  17.769  1.00 61.60  ? 92  GLU A CD  1 
ATOM   534  O OE1 . GLU A 1 96  ? 5.872   -6.610  17.637  1.00 68.82  ? 92  GLU A OE1 1 
ATOM   535  O OE2 . GLU A 1 96  ? 3.827   -7.353  17.380  1.00 66.53  ? 92  GLU A OE2 1 
ATOM   536  N N   . ASN A 1 97  ? 6.830   -1.369  18.899  1.00 68.71  ? 93  ASN A N   1 
ATOM   537  C CA  . ASN A 1 97  ? 8.064   -0.704  19.327  1.00 69.31  ? 93  ASN A CA  1 
ATOM   538  C C   . ASN A 1 97  ? 8.002   0.781   19.210  1.00 69.80  ? 93  ASN A C   1 
ATOM   539  O O   . ASN A 1 97  ? 8.666   1.332   18.332  1.00 69.35  ? 93  ASN A O   1 
ATOM   540  C CB  . ASN A 1 97  ? 9.252   -1.184  18.511  1.00 68.37  ? 93  ASN A CB  1 
ATOM   541  C CG  . ASN A 1 97  ? 9.442   -2.669  18.615  1.00 72.57  ? 93  ASN A CG  1 
ATOM   542  O OD1 . ASN A 1 97  ? 9.571   -3.367  17.616  1.00 63.54  ? 93  ASN A OD1 1 
ATOM   543  N ND2 . ASN A 1 97  ? 9.405   -3.169  19.832  1.00 78.36  ? 93  ASN A ND2 1 
ATOM   544  N N   . PRO A 1 98  ? 7.229   1.442   20.098  1.00 69.33  ? 94  PRO A N   1 
ATOM   545  C CA  . PRO A 1 98  ? 7.166   2.923   20.064  1.00 71.17  ? 94  PRO A CA  1 
ATOM   546  C C   . PRO A 1 98  ? 8.528   3.638   19.692  1.00 70.93  ? 94  PRO A C   1 
ATOM   547  O O   . PRO A 1 98  ? 9.554   3.372   20.327  1.00 62.66  ? 94  PRO A O   1 
ATOM   548  C CB  . PRO A 1 98  ? 6.671   3.294   21.488  1.00 58.15  ? 94  PRO A CB  1 
ATOM   549  C CG  . PRO A 1 98  ? 6.541   1.979   22.247  1.00 66.53  ? 94  PRO A CG  1 
ATOM   550  C CD  . PRO A 1 98  ? 6.469   0.870   21.229  1.00 61.20  ? 94  PRO A CD  1 
ATOM   551  N N   . ALA A 1 99  ? 8.528   4.470   18.635  1.00 64.80  ? 95  ALA A N   1 
ATOM   552  C CA  . ALA A 1 99  ? 9.628   5.421   18.328  1.00 68.03  ? 95  ALA A CA  1 
ATOM   553  C C   . ALA A 1 99  ? 9.552   6.565   19.350  1.00 67.64  ? 95  ALA A C   1 
ATOM   554  O O   . ALA A 1 99  ? 8.455   7.013   19.706  1.00 70.08  ? 95  ALA A O   1 
ATOM   555  C CB  . ALA A 1 99  ? 9.546   5.962   16.885  1.00 58.73  ? 95  ALA A CB  1 
ATOM   556  N N   . ASP A 1 100 ? 10.715  7.030   19.815  1.00 64.33  ? 96  ASP A N   1 
ATOM   557  C CA  . ASP A 1 100 ? 10.822  7.925   20.982  1.00 60.42  ? 96  ASP A CA  1 
ATOM   558  C C   . ASP A 1 100 ? 11.029  9.399   20.581  1.00 63.84  ? 96  ASP A C   1 
ATOM   559  O O   . ASP A 1 100 ? 12.151  9.965   20.609  1.00 49.56  ? 96  ASP A O   1 
ATOM   560  C CB  . ASP A 1 100 ? 11.954  7.442   21.885  1.00 66.06  ? 96  ASP A CB  1 
ATOM   561  C CG  . ASP A 1 100 ? 11.892  8.021   23.273  1.00 71.88  ? 96  ASP A CG  1 
ATOM   562  O OD1 . ASP A 1 100 ? 11.561  9.225   23.427  1.00 68.89  ? 96  ASP A OD1 1 
ATOM   563  O OD2 . ASP A 1 100 ? 12.200  7.245   24.215  1.00 77.51  ? 96  ASP A OD2 1 
ATOM   564  N N   . THR A 1 101 ? 9.926   10.039  20.221  1.00 63.01  ? 97  THR A N   1 
ATOM   565  C CA  . THR A 1 101 ? 10.009  11.316  19.526  1.00 53.46  ? 97  THR A CA  1 
ATOM   566  C C   . THR A 1 101 ? 8.706   12.094  19.828  1.00 54.65  ? 97  THR A C   1 
ATOM   567  O O   . THR A 1 101 ? 7.855   11.596  20.584  1.00 54.48  ? 97  THR A O   1 
ATOM   568  C CB  . THR A 1 101 ? 10.334  11.026  18.032  1.00 47.71  ? 97  THR A CB  1 
ATOM   569  O OG1 . THR A 1 101 ? 10.530  12.253  17.297  1.00 56.78  ? 97  THR A OG1 1 
ATOM   570  C CG2 . THR A 1 101 ? 9.261   10.048  17.395  1.00 47.29  ? 97  THR A CG2 1 
ATOM   571  N N   . ASP A 1 102 ? 8.540   13.308  19.294  1.00 51.73  ? 98  ASP A N   1 
ATOM   572  C CA  . ASP A 1 102 ? 7.261   14.017  19.518  1.00 50.04  ? 98  ASP A CA  1 
ATOM   573  C C   . ASP A 1 102 ? 6.096   13.367  18.742  1.00 49.72  ? 98  ASP A C   1 
ATOM   574  O O   . ASP A 1 102 ? 6.279   12.413  17.942  1.00 42.64  ? 98  ASP A O   1 
ATOM   575  C CB  . ASP A 1 102 ? 7.385   15.505  19.142  1.00 60.85  ? 98  ASP A CB  1 
ATOM   576  C CG  . ASP A 1 102 ? 7.908   15.710  17.744  1.00 64.78  ? 98  ASP A CG  1 
ATOM   577  O OD1 . ASP A 1 102 ? 7.600   14.891  16.851  1.00 61.83  ? 98  ASP A OD1 1 
ATOM   578  O OD2 . ASP A 1 102 ? 8.628   16.703  17.543  1.00 69.94  ? 98  ASP A OD2 1 
ATOM   579  N N   . ARG A 1 103 ? 4.898   13.877  18.977  1.00 43.19  ? 99  ARG A N   1 
ATOM   580  C CA  . ARG A 1 103 ? 3.719   13.390  18.267  1.00 46.48  ? 99  ARG A CA  1 
ATOM   581  C C   . ARG A 1 103 ? 3.843   13.444  16.733  1.00 37.95  ? 99  ARG A C   1 
ATOM   582  O O   . ARG A 1 103 ? 3.517   12.471  16.060  1.00 46.91  ? 99  ARG A O   1 
ATOM   583  C CB  . ARG A 1 103 ? 2.452   14.100  18.781  1.00 52.51  ? 99  ARG A CB  1 
ATOM   584  C CG  . ARG A 1 103 ? 2.323   13.861  20.292  1.00 59.64  ? 99  ARG A CG  1 
ATOM   585  C CD  . ARG A 1 103 ? 1.110   14.491  20.953  1.00 56.09  ? 99  ARG A CD  1 
ATOM   586  N NE  . ARG A 1 103 ? 0.546   13.520  21.909  1.00 53.78  ? 99  ARG A NE  1 
ATOM   587  C CZ  . ARG A 1 103 ? 0.935   13.357  23.180  1.00 63.30  ? 99  ARG A CZ  1 
ATOM   588  N NH1 . ARG A 1 103 ? 1.909   14.124  23.686  1.00 59.60  ? 99  ARG A NH1 1 
ATOM   589  N NH2 . ARG A 1 103 ? 0.354   12.414  23.946  1.00 53.89  ? 99  ARG A NH2 1 
ATOM   590  N N   . GLU A 1 104 ? 4.324   14.566  16.216  1.00 31.20  ? 100 GLU A N   1 
ATOM   591  C CA  . GLU A 1 104 ? 4.397   14.807  14.827  1.00 36.96  ? 100 GLU A CA  1 
ATOM   592  C C   . GLU A 1 104 ? 5.296   13.760  14.174  1.00 41.50  ? 100 GLU A C   1 
ATOM   593  O O   . GLU A 1 104 ? 4.956   13.183  13.119  1.00 36.32  ? 100 GLU A O   1 
ATOM   594  C CB  . GLU A 1 104 ? 4.998   16.163  14.558  1.00 38.04  ? 100 GLU A CB  1 
ATOM   595  C CG  . GLU A 1 104 ? 5.201   16.286  13.066  1.00 43.68  ? 100 GLU A CG  1 
ATOM   596  C CD  . GLU A 1 104 ? 5.733   17.619  12.630  1.00 59.06  ? 100 GLU A CD  1 
ATOM   597  O OE1 . GLU A 1 104 ? 5.274   18.655  13.160  1.00 67.77  ? 100 GLU A OE1 1 
ATOM   598  O OE2 . GLU A 1 104 ? 6.606   17.624  11.735  1.00 62.23  ? 100 GLU A OE2 1 
ATOM   599  N N   . ASN A 1 105 ? 6.473   13.543  14.782  1.00 33.09  ? 101 ASN A N   1 
ATOM   600  C CA  . ASN A 1 105 ? 7.375   12.512  14.229  1.00 34.56  ? 101 ASN A CA  1 
ATOM   601  C C   . ASN A 1 105 ? 6.847   11.112  14.294  1.00 29.22  ? 101 ASN A C   1 
ATOM   602  O O   . ASN A 1 105 ? 7.200   10.277  13.447  1.00 30.47  ? 101 ASN A O   1 
ATOM   603  C CB  . ASN A 1 105 ? 8.827   12.569  14.760  1.00 41.83  ? 101 ASN A CB  1 
ATOM   604  C CG  . ASN A 1 105 ? 9.808   12.635  13.611  1.00 47.89  ? 101 ASN A CG  1 
ATOM   605  O OD1 . ASN A 1 105 ? 10.123  11.611  12.963  1.00 61.65  ? 101 ASN A OD1 1 
ATOM   606  N ND2 . ASN A 1 105 ? 10.196  13.859  13.253  1.00 54.44  ? 101 ASN A ND2 1 
ATOM   607  N N   . MET A 1 106 ? 5.988   10.838  15.262  1.00 28.66  ? 102 MET A N   1 
ATOM   608  C CA  . MET A 1 106 ? 5.389   9.512   15.370  1.00 31.63  ? 102 MET A CA  1 
ATOM   609  C C   . MET A 1 106 ? 4.424   9.211   14.191  1.00 33.04  ? 102 MET A C   1 
ATOM   610  O O   . MET A 1 106 ? 4.387   8.081   13.673  1.00 29.44  ? 102 MET A O   1 
ATOM   611  C CB  . MET A 1 106 ? 4.617   9.387   16.675  1.00 36.79  ? 102 MET A CB  1 
ATOM   612  C CG  . MET A 1 106 ? 5.580   9.203   17.879  1.00 56.44  ? 102 MET A CG  1 
ATOM   613  S SD  . MET A 1 106 ? 4.774   9.066   19.501  1.00 71.27  ? 102 MET A SD  1 
ATOM   614  C CE  . MET A 1 106 ? 6.026   9.449   20.757  1.00 53.52  ? 102 MET A CE  1 
ATOM   615  N N   . TRP A 1 107 ? 3.600   10.219  13.852  1.00 28.67  ? 103 TRP A N   1 
ATOM   616  C CA  . TRP A 1 107 ? 2.697   10.104  12.650  1.00 27.22  ? 103 TRP A CA  1 
ATOM   617  C C   . TRP A 1 107 ? 3.554   9.980   11.406  1.00 22.22  ? 103 TRP A C   1 
ATOM   618  O O   . TRP A 1 107 ? 3.250   9.157   10.518  1.00 25.64  ? 103 TRP A O   1 
ATOM   619  C CB  . TRP A 1 107 ? 1.763   11.318  12.584  1.00 23.44  ? 103 TRP A CB  1 
ATOM   620  C CG  . TRP A 1 107 ? 0.695   11.201  13.673  1.00 25.97  ? 103 TRP A CG  1 
ATOM   621  C CD1 . TRP A 1 107 ? 0.636   11.924  14.862  1.00 28.90  ? 103 TRP A CD1 1 
ATOM   622  C CD2 . TRP A 1 107 ? -0.421  10.249  13.763  1.00 25.12  ? 103 TRP A CD2 1 
ATOM   623  N NE1 . TRP A 1 107 ? -0.441  11.527  15.625  1.00 29.50  ? 103 TRP A NE1 1 
ATOM   624  C CE2 . TRP A 1 107 ? -1.109  10.545  15.055  1.00 26.17  ? 103 TRP A CE2 1 
ATOM   625  C CE3 . TRP A 1 107 ? -0.892  9.202   12.978  1.00 26.41  ? 103 TRP A CE3 1 
ATOM   626  C CZ2 . TRP A 1 107 ? -2.214  9.851   15.475  1.00 26.87  ? 103 TRP A CZ2 1 
ATOM   627  C CZ3 . TRP A 1 107 ? -2.039  8.492   13.431  1.00 30.10  ? 103 TRP A CZ3 1 
ATOM   628  C CH2 . TRP A 1 107 ? -2.681  8.820   14.661  1.00 26.37  ? 103 TRP A CH2 1 
ATOM   629  N N   . ARG A 1 108 ? 4.641   10.768  11.324  1.00 22.47  ? 104 ARG A N   1 
ATOM   630  C CA  . ARG A 1 108 ? 5.499   10.743  10.146  1.00 22.64  ? 104 ARG A CA  1 
ATOM   631  C C   . ARG A 1 108 ? 6.049   9.320   9.974   1.00 25.27  ? 104 ARG A C   1 
ATOM   632  O O   . ARG A 1 108 ? 6.124   8.767   8.864   1.00 22.13  ? 104 ARG A O   1 
ATOM   633  C CB  . ARG A 1 108 ? 6.674   11.705  10.335  1.00 26.51  ? 104 ARG A CB  1 
ATOM   634  C CG  . ARG A 1 108 ? 7.589   11.784  9.146   1.00 25.84  ? 104 ARG A CG  1 
ATOM   635  C CD  . ARG A 1 108 ? 8.691   12.792  9.313   1.00 29.03  ? 104 ARG A CD  1 
ATOM   636  N NE  . ARG A 1 108 ? 8.097   14.104  9.583   1.00 41.79  ? 104 ARG A NE  1 
ATOM   637  C CZ  . ARG A 1 108 ? 7.739   14.983  8.657   1.00 40.50  ? 104 ARG A CZ  1 
ATOM   638  N NH1 . ARG A 1 108 ? 7.937   14.764  7.335   1.00 39.90  ? 104 ARG A NH1 1 
ATOM   639  N NH2 . ARG A 1 108 ? 7.179   16.118  9.077   1.00 37.80  ? 104 ARG A NH2 1 
ATOM   640  N N   . THR A 1 109 ? 6.424   8.681   11.095  1.00 22.58  ? 105 THR A N   1 
ATOM   641  C CA  . THR A 1 109 ? 7.047   7.364   10.977  1.00 21.27  ? 105 THR A CA  1 
ATOM   642  C C   . THR A 1 109 ? 6.044   6.369   10.503  1.00 22.80  ? 105 THR A C   1 
ATOM   643  O O   . THR A 1 109 ? 6.367   5.473   9.749   1.00 22.64  ? 105 THR A O   1 
ATOM   644  C CB  . THR A 1 109 ? 7.616   6.960   12.440  1.00 27.27  ? 105 THR A CB  1 
ATOM   645  O OG1 . THR A 1 109 ? 8.601   7.937   12.804  1.00 26.62  ? 105 THR A OG1 1 
ATOM   646  C CG2 . THR A 1 109 ? 8.310   5.631   12.387  1.00 30.35  ? 105 THR A CG2 1 
ATOM   647  N N   . GLY A 1 110 ? 4.777   6.523   10.906  1.00 24.06  ? 106 GLY A N   1 
ATOM   648  C CA  . GLY A 1 110 ? 3.784   5.546   10.535  1.00 21.97  ? 106 GLY A CA  1 
ATOM   649  C C   . GLY A 1 110 ? 3.406   5.708   9.061   1.00 22.20  ? 106 GLY A C   1 
ATOM   650  O O   . GLY A 1 110 ? 3.288   4.712   8.282   1.00 22.39  ? 106 GLY A O   1 
ATOM   651  N N   . ILE A 1 111 ? 3.136   6.951   8.655   1.00 20.27  ? 107 ILE A N   1 
ATOM   652  C CA  . ILE A 1 111 ? 2.940   7.201   7.202   1.00 20.87  ? 107 ILE A CA  1 
ATOM   653  C C   . ILE A 1 111 ? 4.111   6.724   6.340   1.00 21.04  ? 107 ILE A C   1 
ATOM   654  O O   . ILE A 1 111 ? 3.945   6.227   5.238   1.00 20.75  ? 107 ILE A O   1 
ATOM   655  C CB  . ILE A 1 111 ? 2.624   8.711   6.955   1.00 20.00  ? 107 ILE A CB  1 
ATOM   656  C CG1 . ILE A 1 111 ? 1.304   9.079   7.770   1.00 20.52  ? 107 ILE A CG1 1 
ATOM   657  C CG2 . ILE A 1 111 ? 2.509   8.960   5.433   1.00 19.34  ? 107 ILE A CG2 1 
ATOM   658  C CD1 . ILE A 1 111 ? 1.042   10.600  7.751   1.00 23.06  ? 107 ILE A CD1 1 
ATOM   659  N N   . ASN A 1 112 ? 5.324   6.960   6.833   1.00 20.02  ? 108 ASN A N   1 
ATOM   660  C CA  . ASN A 1 112 ? 6.532   6.558   6.126   1.00 21.53  ? 108 ASN A CA  1 
ATOM   661  C C   . ASN A 1 112 ? 6.566   5.054   5.786   1.00 19.69  ? 108 ASN A C   1 
ATOM   662  O O   . ASN A 1 112 ? 7.136   4.663   4.776   1.00 23.10  ? 108 ASN A O   1 
ATOM   663  C CB  . ASN A 1 112 ? 7.771   6.932   6.954   1.00 20.84  ? 108 ASN A CB  1 
ATOM   664  C CG  . ASN A 1 112 ? 9.049   6.728   6.141   1.00 25.30  ? 108 ASN A CG  1 
ATOM   665  O OD1 . ASN A 1 112 ? 9.170   7.263   5.034   1.00 24.31  ? 108 ASN A OD1 1 
ATOM   666  N ND2 . ASN A 1 112 ? 9.964   5.873   6.650   1.00 20.39  ? 108 ASN A ND2 1 
ATOM   667  N N   . VAL A 1 113 ? 5.975   4.228   6.641   1.00 21.05  ? 109 VAL A N   1 
ATOM   668  C CA  . VAL A 1 113 ? 5.862   2.796   6.317   1.00 24.60  ? 109 VAL A CA  1 
ATOM   669  C C   . VAL A 1 113 ? 5.264   2.569   4.933   1.00 25.49  ? 109 VAL A C   1 
ATOM   670  O O   . VAL A 1 113 ? 5.736   1.764   4.132   1.00 25.74  ? 109 VAL A O   1 
ATOM   671  C CB  . VAL A 1 113 ? 5.048   2.034   7.381   1.00 25.46  ? 109 VAL A CB  1 
ATOM   672  C CG1 . VAL A 1 113 ? 4.767   0.625   6.924   1.00 29.23  ? 109 VAL A CG1 1 
ATOM   673  C CG2 . VAL A 1 113 ? 5.878   1.991   8.665   1.00 23.36  ? 109 VAL A CG2 1 
ATOM   674  N N   . PHE A 1 114 ? 4.183   3.268   4.678   1.00 21.69  ? 110 PHE A N   1 
ATOM   675  C CA  . PHE A 1 114 ? 3.490   3.180   3.416   1.00 23.73  ? 110 PHE A CA  1 
ATOM   676  C C   . PHE A 1 114 ? 4.222   3.885   2.308   1.00 21.63  ? 110 PHE A C   1 
ATOM   677  O O   . PHE A 1 114 ? 4.266   3.387   1.180   1.00 23.25  ? 110 PHE A O   1 
ATOM   678  C CB  . PHE A 1 114 ? 2.020   3.675   3.619   1.00 22.80  ? 110 PHE A CB  1 
ATOM   679  C CG  . PHE A 1 114 ? 1.262   2.759   4.515   1.00 25.86  ? 110 PHE A CG  1 
ATOM   680  C CD1 . PHE A 1 114 ? 0.519   1.742   3.977   1.00 27.78  ? 110 PHE A CD1 1 
ATOM   681  C CD2 . PHE A 1 114 ? 1.407   2.802   5.901   1.00 26.28  ? 110 PHE A CD2 1 
ATOM   682  C CE1 . PHE A 1 114 ? -0.130  0.841   4.805   1.00 28.83  ? 110 PHE A CE1 1 
ATOM   683  C CE2 . PHE A 1 114 ? 0.777   1.868   6.743   1.00 27.25  ? 110 PHE A CE2 1 
ATOM   684  C CZ  . PHE A 1 114 ? -0.032  0.904   6.173   1.00 24.23  ? 110 PHE A CZ  1 
ATOM   685  N N   . PHE A 1 115 ? 4.804   5.057   2.578   1.00 20.38  ? 111 PHE A N   1 
ATOM   686  C CA  . PHE A 1 115 ? 5.529   5.758   1.555   1.00 20.80  ? 111 PHE A CA  1 
ATOM   687  C C   . PHE A 1 115 ? 6.714   4.841   1.075   1.00 23.71  ? 111 PHE A C   1 
ATOM   688  O O   . PHE A 1 115 ? 6.997   4.746   -0.094  1.00 21.94  ? 111 PHE A O   1 
ATOM   689  C CB  . PHE A 1 115 ? 6.077   7.050   2.193   1.00 23.08  ? 111 PHE A CB  1 
ATOM   690  C CG  . PHE A 1 115 ? 6.927   7.849   1.305   1.00 23.75  ? 111 PHE A CG  1 
ATOM   691  C CD1 . PHE A 1 115 ? 6.409   8.618   0.228   1.00 25.39  ? 111 PHE A CD1 1 
ATOM   692  C CD2 . PHE A 1 115 ? 8.282   7.975   1.594   1.00 25.73  ? 111 PHE A CD2 1 
ATOM   693  C CE1 . PHE A 1 115 ? 7.269   9.415   -0.543  1.00 26.01  ? 111 PHE A CE1 1 
ATOM   694  C CE2 . PHE A 1 115 ? 9.149   8.757   0.797   1.00 31.98  ? 111 PHE A CE2 1 
ATOM   695  C CZ  . PHE A 1 115 ? 8.658   9.465   -0.287  1.00 26.08  ? 111 PHE A CZ  1 
ATOM   696  N N   . GLU A 1 116 ? 7.453   4.270   2.022   1.00 21.25  ? 112 GLU A N   1 
ATOM   697  C CA  . GLU A 1 116 ? 8.571   3.432   1.590   1.00 23.28  ? 112 GLU A CA  1 
ATOM   698  C C   . GLU A 1 116 ? 8.145   2.105   1.051   1.00 23.79  ? 112 GLU A C   1 
ATOM   699  O O   . GLU A 1 116 ? 8.830   1.600   0.145   1.00 24.23  ? 112 GLU A O   1 
ATOM   700  C CB  . GLU A 1 116 ? 9.508   3.158   2.786   1.00 26.67  ? 112 GLU A CB  1 
ATOM   701  C CG  . GLU A 1 116 ? 10.289  4.403   3.174   1.00 27.97  ? 112 GLU A CG  1 
ATOM   702  C CD  . GLU A 1 116 ? 11.273  4.860   2.101   1.00 40.32  ? 112 GLU A CD  1 
ATOM   703  O OE1 . GLU A 1 116 ? 11.713  4.033   1.291   1.00 45.07  ? 112 GLU A OE1 1 
ATOM   704  O OE2 . GLU A 1 116 ? 11.643  6.053   2.061   1.00 42.68  ? 112 GLU A OE2 1 
ATOM   705  N N   . THR A 1 117 ? 7.142   1.456   1.642   1.00 22.19  ? 113 THR A N   1 
ATOM   706  C CA  . THR A 1 117 ? 6.839   0.085   1.155   1.00 26.74  ? 113 THR A CA  1 
ATOM   707  C C   . THR A 1 117 ? 6.235   0.140   -0.233  1.00 28.32  ? 113 THR A C   1 
ATOM   708  O O   . THR A 1 117 ? 6.705   -0.553  -1.172  1.00 26.30  ? 113 THR A O   1 
ATOM   709  C CB  . THR A 1 117 ? 5.863   -0.647  2.113   1.00 28.78  ? 113 THR A CB  1 
ATOM   710  O OG1 . THR A 1 117 ? 6.489   -0.645  3.376   1.00 26.71  ? 113 THR A OG1 1 
ATOM   711  C CG2 . THR A 1 117 ? 5.561   -2.052  1.669   1.00 28.46  ? 113 THR A CG2 1 
ATOM   712  N N   . PHE A 1 118 ? 5.225   0.991   -0.416  1.00 24.01  ? 114 PHE A N   1 
ATOM   713  C CA  . PHE A 1 118 ? 4.587   1.043   -1.742  1.00 24.56  ? 114 PHE A CA  1 
ATOM   714  C C   . PHE A 1 118 ? 5.471   1.748   -2.746  1.00 25.34  ? 114 PHE A C   1 
ATOM   715  O O   . PHE A 1 118 ? 5.488   1.401   -3.953  1.00 23.87  ? 114 PHE A O   1 
ATOM   716  C CB  . PHE A 1 118 ? 3.167   1.702   -1.652  1.00 22.79  ? 114 PHE A CB  1 
ATOM   717  C CG  . PHE A 1 118 ? 2.182   0.794   -1.024  1.00 24.88  ? 114 PHE A CG  1 
ATOM   718  C CD1 . PHE A 1 118 ? 1.519   -0.206  -1.798  1.00 27.53  ? 114 PHE A CD1 1 
ATOM   719  C CD2 . PHE A 1 118 ? 2.008   0.806   0.342   1.00 26.55  ? 114 PHE A CD2 1 
ATOM   720  C CE1 . PHE A 1 118 ? 0.615   -1.088  -1.155  1.00 30.35  ? 114 PHE A CE1 1 
ATOM   721  C CE2 . PHE A 1 118 ? 1.137   -0.084  0.988   1.00 30.44  ? 114 PHE A CE2 1 
ATOM   722  C CZ  . PHE A 1 118 ? 0.445   -1.034  0.273   1.00 27.92  ? 114 PHE A CZ  1 
ATOM   723  N N   . GLY A 1 119 ? 6.210   2.760   -2.248  1.00 23.48  ? 115 GLY A N   1 
ATOM   724  C CA  . GLY A 1 119 ? 7.155   3.521   -3.090  1.00 25.08  ? 115 GLY A CA  1 
ATOM   725  C C   . GLY A 1 119 ? 8.354   2.666   -3.555  1.00 29.14  ? 115 GLY A C   1 
ATOM   726  O O   . GLY A 1 119 ? 8.991   2.993   -4.560  1.00 30.21  ? 115 GLY A O   1 
ATOM   727  N N   . SER A 1 120 ? 8.622   1.563   -2.862  1.00 26.51  ? 116 SER A N   1 
ATOM   728  C CA  . SER A 1 120 ? 9.640   0.588   -3.344  1.00 29.18  ? 116 SER A CA  1 
ATOM   729  C C   . SER A 1 120 ? 9.078   -0.431  -4.316  1.00 29.81  ? 116 SER A C   1 
ATOM   730  O O   . SER A 1 120 ? 9.841   -1.240  -4.882  1.00 31.06  ? 116 SER A O   1 
ATOM   731  C CB  . SER A 1 120 ? 10.217  -0.149  -2.148  1.00 27.73  ? 116 SER A CB  1 
ATOM   732  O OG  . SER A 1 120 ? 11.022  0.814   -1.492  1.00 34.63  ? 116 SER A OG  1 
ATOM   733  N N   . HIS A 1 121 ? 7.762   -0.415  -4.534  1.00 29.77  ? 117 HIS A N   1 
ATOM   734  C CA  . HIS A 1 121 ? 7.116   -1.288  -5.481  1.00 29.13  ? 117 HIS A CA  1 
ATOM   735  C C   . HIS A 1 121 ? 6.100   -0.563  -6.310  1.00 27.90  ? 117 HIS A C   1 
ATOM   736  O O   . HIS A 1 121 ? 4.906   -0.944  -6.356  1.00 25.42  ? 117 HIS A O   1 
ATOM   737  C CB  . HIS A 1 121 ? 6.468   -2.502  -4.780  1.00 29.18  ? 117 HIS A CB  1 
ATOM   738  C CG  . HIS A 1 121 ? 7.445   -3.358  -4.028  1.00 31.89  ? 117 HIS A CG  1 
ATOM   739  N ND1 . HIS A 1 121 ? 7.745   -3.149  -2.696  1.00 39.28  ? 117 HIS A ND1 1 
ATOM   740  C CD2 . HIS A 1 121 ? 8.184   -4.518  -4.434  1.00 29.57  ? 117 HIS A CD2 1 
ATOM   741  C CE1 . HIS A 1 121 ? 8.690   -4.061  -2.289  1.00 37.88  ? 117 HIS A CE1 1 
ATOM   742  N NE2 . HIS A 1 121 ? 8.950   -4.903  -3.355  1.00 42.24  ? 117 HIS A NE2 1 
ATOM   743  N N   . LYS A 1 122 ? 6.549   0.490   -6.966  1.00 28.30  ? 118 LYS A N   1 
ATOM   744  C CA  . LYS A 1 122 ? 5.624   1.344   -7.694  1.00 26.10  ? 118 LYS A CA  1 
ATOM   745  C C   . LYS A 1 122 ? 4.891   0.626   -8.837  1.00 27.91  ? 118 LYS A C   1 
ATOM   746  O O   . LYS A 1 122 ? 3.724   0.901   -9.109  1.00 25.01  ? 118 LYS A O   1 
ATOM   747  C CB  . LYS A 1 122 ? 6.406   2.488   -8.267  1.00 25.91  ? 118 LYS A CB  1 
ATOM   748  C CG  . LYS A 1 122 ? 6.880   3.495   -7.206  1.00 25.99  ? 118 LYS A CG  1 
ATOM   749  C CD  . LYS A 1 122 ? 7.730   4.479   -8.016  1.00 29.78  ? 118 LYS A CD  1 
ATOM   750  C CE  . LYS A 1 122 ? 8.029   5.774   -7.290  1.00 43.87  ? 118 LYS A CE  1 
ATOM   751  N NZ  . LYS A 1 122 ? 8.901   5.508   -6.114  1.00 41.65  ? 118 LYS A NZ  1 
ATOM   752  N N   . ALA A 1 123 ? 5.579   -0.292  -9.548  1.00 25.41  ? 119 ALA A N   1 
ATOM   753  C CA  . ALA A 1 123 ? 4.887   -0.952  -10.666 1.00 26.72  ? 119 ALA A CA  1 
ATOM   754  C C   . ALA A 1 123 ? 3.771   -1.804  -10.130 1.00 24.04  ? 119 ALA A C   1 
ATOM   755  O O   . ALA A 1 123 ? 2.628   -1.778  -10.683 1.00 32.14  ? 119 ALA A O   1 
ATOM   756  C CB  . ALA A 1 123 ? 5.850   -1.779  -11.533 1.00 28.91  ? 119 ALA A CB  1 
ATOM   757  N N   . VAL A 1 124 ? 4.009   -2.528  -9.072  1.00 26.48  ? 120 VAL A N   1 
ATOM   758  C CA  . VAL A 1 124 ? 2.921   -3.346  -8.478  1.00 28.28  ? 120 VAL A CA  1 
ATOM   759  C C   . VAL A 1 124 ? 1.786   -2.438  -7.926  1.00 32.21  ? 120 VAL A C   1 
ATOM   760  O O   . VAL A 1 124 ? 0.569   -2.689  -8.099  1.00 31.74  ? 120 VAL A O   1 
ATOM   761  C CB  . VAL A 1 124 ? 3.466   -4.304  -7.403  1.00 29.88  ? 120 VAL A CB  1 
ATOM   762  C CG1 . VAL A 1 124 ? 2.342   -4.973  -6.612  1.00 26.82  ? 120 VAL A CG1 1 
ATOM   763  C CG2 . VAL A 1 124 ? 4.464   -5.335  -8.019  1.00 28.87  ? 120 VAL A CG2 1 
ATOM   764  N N   . THR A 1 125 ? 2.180   -1.382  -7.225  1.00 31.87  ? 121 THR A N   1 
ATOM   765  C CA  . THR A 1 125 ? 1.163   -0.442  -6.711  1.00 28.11  ? 121 THR A CA  1 
ATOM   766  C C   . THR A 1 125 ? 0.280   0.028   -7.850  1.00 27.71  ? 121 THR A C   1 
ATOM   767  O O   . THR A 1 125 ? -0.922  -0.036  -7.712  1.00 32.04  ? 121 THR A O   1 
ATOM   768  C CB  . THR A 1 125 ? 1.879   0.743   -6.086  1.00 28.29  ? 121 THR A CB  1 
ATOM   769  O OG1 . THR A 1 125 ? 2.610   0.224   -4.973  1.00 26.49  ? 121 THR A OG1 1 
ATOM   770  C CG2 . THR A 1 125 ? 0.851   1.778   -5.554  1.00 30.43  ? 121 THR A CG2 1 
ATOM   771  N N   . ARG A 1 126 ? 0.863   0.546   -8.926  1.00 29.87  ? 122 ARG A N   1 
ATOM   772  C CA  . ARG A 1 126 ? 0.087   1.098   -10.043 1.00 33.51  ? 122 ARG A CA  1 
ATOM   773  C C   . ARG A 1 126 ? -0.831  0.015   -10.671 1.00 33.98  ? 122 ARG A C   1 
ATOM   774  O O   . ARG A 1 126 ? -2.007  0.259   -10.899 1.00 32.20  ? 122 ARG A O   1 
ATOM   775  C CB  . ARG A 1 126 ? 1.051   1.681   -11.085 1.00 35.86  ? 122 ARG A CB  1 
ATOM   776  C CG  . ARG A 1 126 ? 0.442   2.390   -12.297 1.00 50.09  ? 122 ARG A CG  1 
ATOM   777  C CD  . ARG A 1 126 ? 1.490   2.568   -13.425 1.00 55.43  ? 122 ARG A CD  1 
ATOM   778  N NE  . ARG A 1 126 ? 2.369   1.389   -13.597 1.00 70.92  ? 122 ARG A NE  1 
ATOM   779  C CZ  . ARG A 1 126 ? 2.013   0.203   -14.123 1.00 76.42  ? 122 ARG A CZ  1 
ATOM   780  N NH1 . ARG A 1 126 ? 0.773   -0.019  -14.555 1.00 85.43  ? 122 ARG A NH1 1 
ATOM   781  N NH2 . ARG A 1 126 ? 2.896   -0.787  -14.209 1.00 67.67  ? 122 ARG A NH2 1 
ATOM   782  N N   . ALA A 1 127 ? -0.295  -1.174  -10.962 1.00 32.49  ? 123 ALA A N   1 
ATOM   783  C CA  . ALA A 1 127 ? -1.099  -2.247  -11.621 1.00 30.14  ? 123 ALA A CA  1 
ATOM   784  C C   . ALA A 1 127 ? -2.167  -2.799  -10.672 1.00 33.29  ? 123 ALA A C   1 
ATOM   785  O O   . ALA A 1 127 ? -3.329  -3.047  -11.067 1.00 30.60  ? 123 ALA A O   1 
ATOM   786  C CB  . ALA A 1 127 ? -0.163  -3.367  -12.138 1.00 29.53  ? 123 ALA A CB  1 
ATOM   787  N N   . GLY A 1 128 ? -1.814  -2.927  -9.384  1.00 31.23  ? 124 GLY A N   1 
ATOM   788  C CA  . GLY A 1 128 ? -2.749  -3.388  -8.336  1.00 31.67  ? 124 GLY A CA  1 
ATOM   789  C C   . GLY A 1 128 ? -3.932  -2.461  -8.154  1.00 36.87  ? 124 GLY A C   1 
ATOM   790  O O   . GLY A 1 128 ? -5.098  -2.905  -7.980  1.00 40.82  ? 124 GLY A O   1 
ATOM   791  N N   . GLN A 1 129 ? -3.654  -1.171  -8.296  1.00 35.87  ? 125 GLN A N   1 
ATOM   792  C CA  . GLN A 1 129 ? -4.725  -0.170  -8.228  1.00 45.46  ? 125 GLN A CA  1 
ATOM   793  C C   . GLN A 1 129 ? -5.565  -0.159  -9.493  1.00 50.60  ? 125 GLN A C   1 
ATOM   794  O O   . GLN A 1 129 ? -6.770  0.020   -9.426  1.00 51.79  ? 125 GLN A O   1 
ATOM   795  C CB  . GLN A 1 129 ? -4.222  1.241   -7.854  1.00 49.60  ? 125 GLN A CB  1 
ATOM   796  C CG  . GLN A 1 129 ? -3.440  1.294   -6.499  1.00 58.58  ? 125 GLN A CG  1 
ATOM   797  C CD  . GLN A 1 129 ? -4.081  0.577   -5.270  1.00 63.72  ? 125 GLN A CD  1 
ATOM   798  O OE1 . GLN A 1 129 ? -5.210  0.886   -4.891  1.00 57.79  ? 125 GLN A OE1 1 
ATOM   799  N NE2 . GLN A 1 129 ? -3.324  -0.353  -4.619  1.00 63.35  ? 125 GLN A NE2 1 
ATOM   800  N N   . ALA A 1 130 ? -4.961  -0.344  -10.648 1.00 45.25  ? 126 ALA A N   1 
ATOM   801  C CA  . ALA A 1 130 ? -5.784  -0.371  -11.845 1.00 42.84  ? 126 ALA A CA  1 
ATOM   802  C C   . ALA A 1 130 ? -6.657  -1.657  -11.884 1.00 44.34  ? 126 ALA A C   1 
ATOM   803  O O   . ALA A 1 130 ? -7.781  -1.626  -12.376 1.00 51.69  ? 126 ALA A O   1 
ATOM   804  C CB  . ALA A 1 130 ? -4.913  -0.203  -13.092 1.00 43.06  ? 126 ALA A CB  1 
ATOM   805  N N   . ALA A 1 131 ? -6.169  -2.758  -11.306 1.00 40.91  ? 127 ALA A N   1 
ATOM   806  C CA  . ALA A 1 131 ? -6.925  -4.007  -11.205 1.00 40.88  ? 127 ALA A CA  1 
ATOM   807  C C   . ALA A 1 131 ? -8.101  -4.014  -10.215 1.00 53.15  ? 127 ALA A C   1 
ATOM   808  O O   . ALA A 1 131 ? -8.893  -4.970  -10.221 1.00 52.49  ? 127 ALA A O   1 
ATOM   809  C CB  . ALA A 1 131 ? -6.002  -5.137  -10.826 1.00 40.56  ? 127 ALA A CB  1 
ATOM   810  N N   . ARG A 1 132 ? -8.170  -3.048  -9.290  1.00 42.26  ? 128 ARG A N   1 
ATOM   811  C CA  . ARG A 1 132 ? -9.309  -2.975  -8.363  1.00 44.69  ? 128 ARG A CA  1 
ATOM   812  C C   . ARG A 1 132 ? -10.613 -2.748  -9.130  1.00 55.01  ? 128 ARG A C   1 
ATOM   813  O O   . ARG A 1 132 ? -11.662 -3.217  -8.675  1.00 59.60  ? 128 ARG A O   1 
ATOM   814  C CB  . ARG A 1 132 ? -9.160  -1.864  -7.320  1.00 37.71  ? 128 ARG A CB  1 
ATOM   815  C CG  . ARG A 1 132 ? -8.185  -2.167  -6.216  1.00 42.74  ? 128 ARG A CG  1 
ATOM   816  C CD  . ARG A 1 132 ? -7.792  -0.858  -5.548  1.00 47.63  ? 128 ARG A CD  1 
ATOM   817  N NE  . ARG A 1 132 ? -8.908  -0.426  -4.747  1.00 49.68  ? 128 ARG A NE  1 
ATOM   818  C CZ  . ARG A 1 132 ? -9.041  0.768   -4.183  1.00 54.78  ? 128 ARG A CZ  1 
ATOM   819  N NH1 . ARG A 1 132 ? -8.107  1.709   -4.325  1.00 45.09  ? 128 ARG A NH1 1 
ATOM   820  N NH2 . ARG A 1 132 ? -10.127 0.997   -3.456  1.00 49.21  ? 128 ARG A NH2 1 
ATOM   821  N N   . ALA A 1 133 ? -10.528 -2.052  -10.274 1.00 60.31  ? 129 ALA A N   1 
ATOM   822  C CA  . ALA A 1 133 ? -11.673 -1.829  -11.184 1.00 59.12  ? 129 ALA A CA  1 
ATOM   823  C C   . ALA A 1 133 ? -12.225 -3.099  -11.864 1.00 63.62  ? 129 ALA A C   1 
ATOM   824  O O   . ALA A 1 133 ? -13.286 -3.054  -12.478 1.00 75.25  ? 129 ALA A O   1 
ATOM   825  C CB  . ALA A 1 133 ? -11.338 -0.769  -12.219 1.00 52.41  ? 129 ALA A CB  1 
ATOM   826  N N   . THR A 1 134 ? -11.539 -4.231  -11.762 1.00 61.11  ? 130 THR A N   1 
ATOM   827  C CA  . THR A 1 134 ? -11.929 -5.375  -12.554 1.00 57.95  ? 130 THR A CA  1 
ATOM   828  C C   . THR A 1 134 ? -11.799 -6.680  -11.796 1.00 61.65  ? 130 THR A C   1 
ATOM   829  O O   . THR A 1 134 ? -12.436 -7.667  -12.151 1.00 68.55  ? 130 THR A O   1 
ATOM   830  C CB  . THR A 1 134 ? -11.129 -5.475  -13.885 1.00 60.68  ? 130 THR A CB  1 
ATOM   831  O OG1 . THR A 1 134 ? -9.737  -5.693  -13.603 1.00 60.95  ? 130 THR A OG1 1 
ATOM   832  C CG2 . THR A 1 134 ? -11.309 -4.227  -14.761 1.00 49.46  ? 130 THR A CG2 1 
ATOM   833  N N   . SER A 1 135 ? -10.983 -6.707  -10.757 1.00 44.88  ? 131 SER A N   1 
ATOM   834  C CA  . SER A 1 135 ? -10.748 -7.934  -10.058 1.00 46.82  ? 131 SER A CA  1 
ATOM   835  C C   . SER A 1 135 ? -11.389 -7.892  -8.668  1.00 55.52  ? 131 SER A C   1 
ATOM   836  O O   . SER A 1 135 ? -11.102 -6.994  -7.868  1.00 44.69  ? 131 SER A O   1 
ATOM   837  C CB  . SER A 1 135 ? -9.265  -8.249  -9.985  1.00 42.14  ? 131 SER A CB  1 
ATOM   838  O OG  . SER A 1 135 ? -9.041  -9.252  -9.001  1.00 48.50  ? 131 SER A OG  1 
ATOM   839  N N   . VAL A 1 136 ? -12.281 -8.849  -8.386  1.00 53.14  ? 132 VAL A N   1 
ATOM   840  C CA  . VAL A 1 136 ? -13.026 -8.783  -7.144  1.00 46.90  ? 132 VAL A CA  1 
ATOM   841  C C   . VAL A 1 136 ? -12.065 -9.153  -6.025  1.00 49.18  ? 132 VAL A C   1 
ATOM   842  O O   . VAL A 1 136 ? -12.207 -8.646  -4.915  1.00 38.68  ? 132 VAL A O   1 
ATOM   843  C CB  . VAL A 1 136 ? -14.245 -9.747  -7.116  1.00 49.11  ? 132 VAL A CB  1 
ATOM   844  C CG1 . VAL A 1 136 ? -15.107 -9.466  -5.898  1.00 44.74  ? 132 VAL A CG1 1 
ATOM   845  C CG2 . VAL A 1 136 ? -15.074 -9.615  -8.379  1.00 50.44  ? 132 VAL A CG2 1 
ATOM   846  N N   . GLU A 1 137 ? -11.114 -10.061 -6.285  1.00 38.70  ? 133 GLU A N   1 
ATOM   847  C CA  . GLU A 1 137 ? -10.202 -10.435 -5.223  1.00 38.78  ? 133 GLU A CA  1 
ATOM   848  C C   . GLU A 1 137 ? -9.233  -9.311  -4.851  1.00 35.97  ? 133 GLU A C   1 
ATOM   849  O O   . GLU A 1 137 ? -8.766  -9.283  -3.702  1.00 32.72  ? 133 GLU A O   1 
ATOM   850  C CB  . GLU A 1 137 ? -9.315  -11.608 -5.586  1.00 46.42  ? 133 GLU A CB  1 
ATOM   851  C CG  . GLU A 1 137 ? -10.009 -12.923 -5.407  1.00 60.50  ? 133 GLU A CG  1 
ATOM   852  C CD  . GLU A 1 137 ? -10.345 -13.433 -6.768  1.00 70.39  ? 133 GLU A CD  1 
ATOM   853  O OE1 . GLU A 1 137 ? -10.858 -12.615 -7.599  1.00 66.53  ? 133 GLU A OE1 1 
ATOM   854  O OE2 . GLU A 1 137 ? -10.023 -14.616 -7.008  1.00 79.52  ? 133 GLU A OE2 1 
ATOM   855  N N   . VAL A 1 138 ? -8.918  -8.449  -5.827  1.00 40.15  ? 134 VAL A N   1 
ATOM   856  C CA  . VAL A 1 138 ? -7.933  -7.406  -5.575  1.00 36.02  ? 134 VAL A CA  1 
ATOM   857  C C   . VAL A 1 138 ? -8.672  -6.342  -4.783  1.00 31.05  ? 134 VAL A C   1 
ATOM   858  O O   . VAL A 1 138 ? -8.153  -5.858  -3.795  1.00 34.06  ? 134 VAL A O   1 
ATOM   859  C CB  . VAL A 1 138 ? -7.231  -6.898  -6.848  1.00 36.89  ? 134 VAL A CB  1 
ATOM   860  C CG1 . VAL A 1 138 ? -6.470  -5.596  -6.567  1.00 31.77  ? 134 VAL A CG1 1 
ATOM   861  C CG2 . VAL A 1 138 ? -6.291  -8.002  -7.392  1.00 36.92  ? 134 VAL A CG2 1 
ATOM   862  N N   . ALA A 1 139 ? -9.898  -6.065  -5.184  1.00 32.36  ? 135 ALA A N   1 
ATOM   863  C CA  . ALA A 1 139 ? -10.779 -5.140  -4.479  1.00 33.20  ? 135 ALA A CA  1 
ATOM   864  C C   . ALA A 1 139 ? -11.016 -5.594  -3.030  1.00 33.55  ? 135 ALA A C   1 
ATOM   865  O O   . ALA A 1 139 ? -10.913 -4.810  -2.077  1.00 29.25  ? 135 ALA A O   1 
ATOM   866  C CB  . ALA A 1 139 ? -12.083 -4.959  -5.247  1.00 35.85  ? 135 ALA A CB  1 
ATOM   867  N N   . GLU A 1 140 ? -11.269 -6.889  -2.808  1.00 32.51  ? 136 GLU A N   1 
ATOM   868  C CA  . GLU A 1 140 ? -11.425 -7.363  -1.460  1.00 31.36  ? 136 GLU A CA  1 
ATOM   869  C C   . GLU A 1 140 ? -10.167 -7.360  -0.629  1.00 29.71  ? 136 GLU A C   1 
ATOM   870  O O   . GLU A 1 140 ? -10.241 -7.089  0.557   1.00 29.48  ? 136 GLU A O   1 
ATOM   871  C CB  . GLU A 1 140 ? -11.996 -8.797  -1.457  1.00 40.26  ? 136 GLU A CB  1 
ATOM   872  C CG  . GLU A 1 140 ? -13.426 -8.866  -2.001  1.00 53.22  ? 136 GLU A CG  1 
ATOM   873  C CD  . GLU A 1 140 ? -13.988 -10.318 -1.982  1.00 64.90  ? 136 GLU A CD  1 
ATOM   874  O OE1 . GLU A 1 140 ? -13.216 -11.297 -2.257  1.00 61.10  ? 136 GLU A OE1 1 
ATOM   875  O OE2 . GLU A 1 140 ? -15.202 -10.484 -1.695  1.00 62.01  ? 136 GLU A OE2 1 
ATOM   876  N N   . LEU A 1 141 ? -9.016  -7.729  -1.214  1.00 27.75  ? 137 LEU A N   1 
ATOM   877  C CA  . LEU A 1 141 ? -7.782  -7.676  -0.486  1.00 27.79  ? 137 LEU A CA  1 
ATOM   878  C C   . LEU A 1 141 ? -7.500  -6.224  -0.014  1.00 24.46  ? 137 LEU A C   1 
ATOM   879  O O   . LEU A 1 141 ? -7.129  -6.005  1.162   1.00 25.79  ? 137 LEU A O   1 
ATOM   880  C CB  . LEU A 1 141 ? -6.615  -8.151  -1.389  1.00 33.22  ? 137 LEU A CB  1 
ATOM   881  C CG  . LEU A 1 141 ? -5.186  -7.886  -0.883  1.00 30.83  ? 137 LEU A CG  1 
ATOM   882  C CD1 . LEU A 1 141 ? -4.805  -8.648  0.368   1.00 39.13  ? 137 LEU A CD1 1 
ATOM   883  C CD2 . LEU A 1 141 ? -4.170  -8.194  -1.990  1.00 35.17  ? 137 LEU A CD2 1 
ATOM   884  N N   . TRP A 1 142 ? -7.654  -5.294  -0.931  1.00 23.31  ? 138 TRP A N   1 
ATOM   885  C CA  . TRP A 1 142 ? -7.374  -3.867  -0.611  1.00 28.06  ? 138 TRP A CA  1 
ATOM   886  C C   . TRP A 1 142 ? -8.307  -3.388  0.468   1.00 24.34  ? 138 TRP A C   1 
ATOM   887  O O   . TRP A 1 142 ? -7.913  -2.773  1.493   1.00 24.74  ? 138 TRP A O   1 
ATOM   888  C CB  . TRP A 1 142 ? -7.419  -2.972  -1.881  1.00 26.63  ? 138 TRP A CB  1 
ATOM   889  C CG  . TRP A 1 142 ? -6.927  -1.617  -1.512  1.00 28.60  ? 138 TRP A CG  1 
ATOM   890  C CD1 . TRP A 1 142 ? -7.684  -0.416  -1.379  1.00 33.23  ? 138 TRP A CD1 1 
ATOM   891  C CD2 . TRP A 1 142 ? -5.539  -1.246  -1.171  1.00 30.60  ? 138 TRP A CD2 1 
ATOM   892  N NE1 . TRP A 1 142 ? -6.862  0.629   -1.003  1.00 29.71  ? 138 TRP A NE1 1 
ATOM   893  C CE2 . TRP A 1 142 ? -5.558  0.188   -0.839  1.00 30.29  ? 138 TRP A CE2 1 
ATOM   894  C CE3 . TRP A 1 142 ? -4.305  -1.948  -1.129  1.00 33.95  ? 138 TRP A CE3 1 
ATOM   895  C CZ2 . TRP A 1 142 ? -4.392  0.880   -0.454  1.00 29.72  ? 138 TRP A CZ2 1 
ATOM   896  C CZ3 . TRP A 1 142 ? -3.161  -1.246  -0.721  1.00 38.57  ? 138 TRP A CZ3 1 
ATOM   897  C CH2 . TRP A 1 142 ? -3.200  0.137   -0.415  1.00 30.67  ? 138 TRP A CH2 1 
ATOM   898  N N   . SER A 1 143 ? -9.576  -3.748  0.312   1.00 25.80  ? 139 SER A N   1 
ATOM   899  C CA  . SER A 1 143 ? -10.606 -3.315  1.247   1.00 26.60  ? 139 SER A CA  1 
ATOM   900  C C   . SER A 1 143 ? -10.388 -3.924  2.618   1.00 26.74  ? 139 SER A C   1 
ATOM   901  O O   . SER A 1 143 ? -10.538 -3.223  3.599   1.00 23.93  ? 139 SER A O   1 
ATOM   902  C CB  . SER A 1 143 ? -11.991 -3.614  0.664   1.00 29.07  ? 139 SER A CB  1 
ATOM   903  O OG  . SER A 1 143 ? -12.855 -3.614  1.728   1.00 32.72  ? 139 SER A OG  1 
ATOM   904  N N   . THR A 1 144 ? -9.968  -5.215  2.757   1.00 23.09  ? 140 THR A N   1 
ATOM   905  C CA  . THR A 1 144 ? -9.663  -5.714  4.108   1.00 22.93  ? 140 THR A CA  1 
ATOM   906  C C   . THR A 1 144 ? -8.592  -4.995  4.856   1.00 21.79  ? 140 THR A C   1 
ATOM   907  O O   . THR A 1 144 ? -8.692  -4.740  6.103   1.00 24.56  ? 140 THR A O   1 
ATOM   908  C CB  . THR A 1 144 ? -9.144  -7.206  4.008   1.00 32.07  ? 140 THR A CB  1 
ATOM   909  O OG1 . THR A 1 144 ? -10.146 -7.928  3.353   1.00 39.98  ? 140 THR A OG1 1 
ATOM   910  C CG2 . THR A 1 144 ? -8.893  -7.830  5.346   1.00 35.01  ? 140 THR A CG2 1 
ATOM   911  N N   . PHE A 1 145 ? -7.482  -4.781  4.163   1.00 20.89  ? 141 PHE A N   1 
ATOM   912  C CA  . PHE A 1 145 ? -6.387  -4.098  4.774   1.00 22.57  ? 141 PHE A CA  1 
ATOM   913  C C   . PHE A 1 145 ? -6.672  -2.638  5.080   1.00 23.61  ? 141 PHE A C   1 
ATOM   914  O O   . PHE A 1 145 ? -6.261  -2.156  6.145   1.00 21.41  ? 141 PHE A O   1 
ATOM   915  C CB  . PHE A 1 145 ? -5.129  -4.269  3.939   1.00 23.03  ? 141 PHE A CB  1 
ATOM   916  C CG  . PHE A 1 145 ? -4.485  -5.570  4.236   1.00 26.34  ? 141 PHE A CG  1 
ATOM   917  C CD1 . PHE A 1 145 ? -3.613  -5.681  5.343   1.00 25.05  ? 141 PHE A CD1 1 
ATOM   918  C CD2 . PHE A 1 145 ? -4.862  -6.707  3.510   1.00 27.55  ? 141 PHE A CD2 1 
ATOM   919  C CE1 . PHE A 1 145 ? -3.052  -6.943  5.675   1.00 33.04  ? 141 PHE A CE1 1 
ATOM   920  C CE2 . PHE A 1 145 ? -4.298  -7.985  3.845   1.00 36.16  ? 141 PHE A CE2 1 
ATOM   921  C CZ  . PHE A 1 145 ? -3.422  -8.087  4.946   1.00 32.21  ? 141 PHE A CZ  1 
ATOM   922  N N   . MET A 1 146 ? -7.395  -1.987  4.181   1.00 21.64  ? 142 MET A N   1 
ATOM   923  C CA  . MET A 1 146 ? -7.756  -0.529  4.433   1.00 21.33  ? 142 MET A CA  1 
ATOM   924  C C   . MET A 1 146 ? -8.598  -0.514  5.715   1.00 22.58  ? 142 MET A C   1 
ATOM   925  O O   . MET A 1 146 ? -8.480  0.371   6.528   1.00 23.30  ? 142 MET A O   1 
ATOM   926  C CB  . MET A 1 146 ? -8.574  0.060   3.269   1.00 24.58  ? 142 MET A CB  1 
ATOM   927  C CG  . MET A 1 146 ? -7.758  0.388   2.033   1.00 26.49  ? 142 MET A CG  1 
ATOM   928  S SD  . MET A 1 146 ? -6.596  1.761   2.408   1.00 30.56  ? 142 MET A SD  1 
ATOM   929  C CE  . MET A 1 146 ? -7.613  3.265   2.587   1.00 27.43  ? 142 MET A CE  1 
ATOM   930  N N   . GLN A 1 147 ? -9.521  -1.461  5.888   1.00 23.08  ? 143 GLN A N   1 
ATOM   931  C CA  . GLN A 1 147 ? -10.347 -1.431  7.122   1.00 26.12  ? 143 GLN A CA  1 
ATOM   932  C C   . GLN A 1 147 ? -9.492  -1.627  8.353   1.00 25.52  ? 143 GLN A C   1 
ATOM   933  O O   . GLN A 1 147 ? -9.653  -0.943  9.368   1.00 19.90  ? 143 GLN A O   1 
ATOM   934  C CB  . GLN A 1 147 ? -11.467 -2.479  7.096   1.00 27.29  ? 143 GLN A CB  1 
ATOM   935  C CG  . GLN A 1 147 ? -12.474 -2.170  5.973   1.00 34.24  ? 143 GLN A CG  1 
ATOM   936  C CD  . GLN A 1 147 ? -13.487 -3.301  5.840   1.00 46.79  ? 143 GLN A CD  1 
ATOM   937  O OE1 . GLN A 1 147 ? -13.477 -4.061  4.866   1.00 59.98  ? 143 GLN A OE1 1 
ATOM   938  N NE2 . GLN A 1 147 ? -14.311 -3.466  6.859   1.00 49.39  ? 143 GLN A NE2 1 
ATOM   939  N N   . LYS A 1 148 ? -8.521  -2.526  8.242   1.00 22.81  ? 144 LYS A N   1 
ATOM   940  C CA  . LYS A 1 148 ? -7.618  -2.739  9.351   1.00 25.09  ? 144 LYS A CA  1 
ATOM   941  C C   . LYS A 1 148 ? -6.819  -1.476  9.668   1.00 24.50  ? 144 LYS A C   1 
ATOM   942  O O   . LYS A 1 148 ? -6.646  -1.136  10.832  1.00 21.05  ? 144 LYS A O   1 
ATOM   943  C CB  . LYS A 1 148 ? -6.636  -3.916  9.016   1.00 30.38  ? 144 LYS A CB  1 
ATOM   944  C CG  . LYS A 1 148 ? -5.761  -4.300  10.195  1.00 35.12  ? 144 LYS A CG  1 
ATOM   945  C CD  . LYS A 1 148 ? -4.883  -5.545  9.833   1.00 41.17  ? 144 LYS A CD  1 
ATOM   946  C CE  . LYS A 1 148 ? -3.773  -5.758  10.862  1.00 47.84  ? 144 LYS A CE  1 
ATOM   947  N NZ  . LYS A 1 148 ? -3.116  -7.104  10.705  1.00 46.78  ? 144 LYS A NZ  1 
ATOM   948  N N   . TRP A 1 149 ? -6.283  -0.793  8.632   1.00 22.12  ? 145 TRP A N   1 
ATOM   949  C CA  . TRP A 1 149 ? -5.404  0.349   8.902   1.00 21.82  ? 145 TRP A CA  1 
ATOM   950  C C   . TRP A 1 149 ? -6.175  1.567   9.401   1.00 21.42  ? 145 TRP A C   1 
ATOM   951  O O   . TRP A 1 149 ? -5.756  2.272   10.246  1.00 20.95  ? 145 TRP A O   1 
ATOM   952  C CB  . TRP A 1 149 ? -4.709  0.737   7.598   1.00 21.27  ? 145 TRP A CB  1 
ATOM   953  C CG  . TRP A 1 149 ? -3.715  -0.347  7.201   1.00 24.69  ? 145 TRP A CG  1 
ATOM   954  C CD1 . TRP A 1 149 ? -3.011  -1.246  8.049   1.00 24.73  ? 145 TRP A CD1 1 
ATOM   955  C CD2 . TRP A 1 149 ? -3.366  -0.741  5.846   1.00 22.39  ? 145 TRP A CD2 1 
ATOM   956  N NE1 . TRP A 1 149 ? -2.282  -2.146  7.283   1.00 23.15  ? 145 TRP A NE1 1 
ATOM   957  C CE2 . TRP A 1 149 ? -2.439  -1.879  5.960   1.00 23.09  ? 145 TRP A CE2 1 
ATOM   958  C CE3 . TRP A 1 149 ? -3.725  -0.293  4.575   1.00 23.30  ? 145 TRP A CE3 1 
ATOM   959  C CZ2 . TRP A 1 149 ? -1.865  -2.458  4.819   1.00 23.94  ? 145 TRP A CZ2 1 
ATOM   960  C CZ3 . TRP A 1 149 ? -3.176  -0.909  3.438   1.00 24.85  ? 145 TRP A CZ3 1 
ATOM   961  C CH2 . TRP A 1 149 ? -2.263  -1.949  3.551   1.00 22.90  ? 145 TRP A CH2 1 
ATOM   962  N N   . ILE A 1 150 ? -7.367  1.721   8.878   1.00 19.48  ? 146 ILE A N   1 
ATOM   963  C CA  . ILE A 1 150 ? -8.296  2.746   9.446   1.00 18.82  ? 146 ILE A CA  1 
ATOM   964  C C   . ILE A 1 150 ? -8.699  2.434   10.889  1.00 19.25  ? 146 ILE A C   1 
ATOM   965  O O   . ILE A 1 150 ? -8.756  3.351   11.717  1.00 21.15  ? 146 ILE A O   1 
ATOM   966  C CB  . ILE A 1 150 ? -9.572  2.806   8.503   1.00 17.79  ? 146 ILE A CB  1 
ATOM   967  C CG1 . ILE A 1 150 ? -9.154  3.440   7.147   1.00 17.45  ? 146 ILE A CG1 1 
ATOM   968  C CG2 . ILE A 1 150 ? -10.722 3.618   9.196   1.00 18.58  ? 146 ILE A CG2 1 
ATOM   969  C CD1 . ILE A 1 150 ? -10.268 3.394   6.079   1.00 19.11  ? 146 ILE A CD1 1 
ATOM   970  N N   . ALA A 1 151 ? -8.986  1.180   11.229  1.00 19.86  ? 147 ALA A N   1 
ATOM   971  C CA  . ALA A 1 151 ? -9.350  0.854   12.627  1.00 20.59  ? 147 ALA A CA  1 
ATOM   972  C C   . ALA A 1 151 ? -8.206  1.138   13.581  1.00 23.21  ? 147 ALA A C   1 
ATOM   973  O O   . ALA A 1 151 ? -8.355  1.719   14.704  1.00 21.74  ? 147 ALA A O   1 
ATOM   974  C CB  . ALA A 1 151 ? -9.871  -0.630  12.782  1.00 24.21  ? 147 ALA A CB  1 
ATOM   975  N N   . TYR A 1 152 ? -7.010  0.807   13.105  1.00 24.40  ? 148 TYR A N   1 
ATOM   976  C CA  . TYR A 1 152 ? -5.844  1.067   13.931  1.00 25.22  ? 148 TYR A CA  1 
ATOM   977  C C   . TYR A 1 152 ? -5.628  2.621   14.105  1.00 24.97  ? 148 TYR A C   1 
ATOM   978  O O   . TYR A 1 152 ? -5.367  3.126   15.182  1.00 23.35  ? 148 TYR A O   1 
ATOM   979  C CB  . TYR A 1 152 ? -4.613  0.315   13.328  1.00 28.12  ? 148 TYR A CB  1 
ATOM   980  C CG  . TYR A 1 152 ? -3.425  0.498   14.179  1.00 35.69  ? 148 TYR A CG  1 
ATOM   981  C CD1 . TYR A 1 152 ? -3.402  0.066   15.512  1.00 39.52  ? 148 TYR A CD1 1 
ATOM   982  C CD2 . TYR A 1 152 ? -2.345  1.218   13.691  1.00 44.90  ? 148 TYR A CD2 1 
ATOM   983  C CE1 . TYR A 1 152 ? -2.292  0.348   16.323  1.00 38.78  ? 148 TYR A CE1 1 
ATOM   984  C CE2 . TYR A 1 152 ? -1.234  1.461   14.462  1.00 45.35  ? 148 TYR A CE2 1 
ATOM   985  C CZ  . TYR A 1 152 ? -1.213  1.043   15.772  1.00 45.17  ? 148 TYR A CZ  1 
ATOM   986  O OH  . TYR A 1 152 ? -0.061  1.333   16.501  1.00 52.11  ? 148 TYR A OH  1 
ATOM   987  N N   . THR A 1 153 ? -5.762  3.364   13.005  1.00 21.88  ? 149 THR A N   1 
ATOM   988  C CA  . THR A 1 153 ? -5.648  4.803   13.043  1.00 20.59  ? 149 THR A CA  1 
ATOM   989  C C   . THR A 1 153 ? -6.683  5.353   14.023  1.00 18.44  ? 149 THR A C   1 
ATOM   990  O O   . THR A 1 153 ? -6.381  6.223   14.883  1.00 24.04  ? 149 THR A O   1 
ATOM   991  C CB  . THR A 1 153 ? -5.874  5.432   11.634  1.00 17.12  ? 149 THR A CB  1 
ATOM   992  O OG1 . THR A 1 153 ? -4.859  4.987   10.753  1.00 19.99  ? 149 THR A OG1 1 
ATOM   993  C CG2 . THR A 1 153 ? -5.770  6.990   11.683  1.00 20.17  ? 149 THR A CG2 1 
ATOM   994  N N   . ALA A 1 154 ? -7.903  4.855   13.893  1.00 18.76  ? 150 ALA A N   1 
ATOM   995  C CA  . ALA A 1 154 ? -8.930  5.467   14.819  1.00 21.89  ? 150 ALA A CA  1 
ATOM   996  C C   . ALA A 1 154 ? -8.609  5.097   16.308  1.00 25.06  ? 150 ALA A C   1 
ATOM   997  O O   . ALA A 1 154 ? -8.854  5.912   17.204  1.00 23.92  ? 150 ALA A O   1 
ATOM   998  C CB  . ALA A 1 154 ? -10.267 4.859   14.497  1.00 21.68  ? 150 ALA A CB  1 
ATOM   999  N N   . ALA A 1 155 ? -8.175  3.840   16.545  1.00 28.15  ? 151 ALA A N   1 
ATOM   1000 C CA  . ALA A 1 155 ? -7.760  3.420   17.956  1.00 29.78  ? 151 ALA A CA  1 
ATOM   1001 C C   . ALA A 1 155 ? -6.700  4.359   18.486  1.00 28.50  ? 151 ALA A C   1 
ATOM   1002 O O   . ALA A 1 155 ? -6.783  4.878   19.643  1.00 28.12  ? 151 ALA A O   1 
ATOM   1003 C CB  . ALA A 1 155 ? -7.320  1.939   18.009  1.00 29.81  ? 151 ALA A CB  1 
ATOM   1004 N N   . VAL A 1 156 ? -5.742  4.745   17.630  1.00 28.26  ? 152 VAL A N   1 
ATOM   1005 C CA  . VAL A 1 156 ? -4.710  5.687   18.085  1.00 25.77  ? 152 VAL A CA  1 
ATOM   1006 C C   . VAL A 1 156 ? -5.249  7.085   18.372  1.00 29.24  ? 152 VAL A C   1 
ATOM   1007 O O   . VAL A 1 156 ? -4.910  7.677   19.380  1.00 28.37  ? 152 VAL A O   1 
ATOM   1008 C CB  . VAL A 1 156 ? -3.472  5.777   17.094  1.00 26.11  ? 152 VAL A CB  1 
ATOM   1009 C CG1 . VAL A 1 156 ? -2.426  6.817   17.547  1.00 27.69  ? 152 VAL A CG1 1 
ATOM   1010 C CG2 . VAL A 1 156 ? -2.833  4.403   16.883  1.00 33.02  ? 152 VAL A CG2 1 
ATOM   1011 N N   . ILE A 1 157 ? -6.054  7.649   17.464  1.00 26.08  ? 153 ILE A N   1 
ATOM   1012 C CA  . ILE A 1 157 ? -6.718  8.922   17.715  1.00 24.03  ? 153 ILE A CA  1 
ATOM   1013 C C   . ILE A 1 157 ? -7.566  8.875   19.031  1.00 25.53  ? 153 ILE A C   1 
ATOM   1014 O O   . ILE A 1 157 ? -7.516  9.794   19.807  1.00 29.83  ? 153 ILE A O   1 
ATOM   1015 C CB  . ILE A 1 157 ? -7.625  9.298   16.516  1.00 21.61  ? 153 ILE A CB  1 
ATOM   1016 C CG1 . ILE A 1 157 ? -6.736  9.555   15.239  1.00 21.50  ? 153 ILE A CG1 1 
ATOM   1017 C CG2 . ILE A 1 157 ? -8.436  10.573  16.888  1.00 20.99  ? 153 ILE A CG2 1 
ATOM   1018 C CD1 . ILE A 1 157 ? -7.592  9.574   13.925  1.00 24.82  ? 153 ILE A CD1 1 
ATOM   1019 N N   . ASP A 1 158 ? -8.278  7.794   19.264  1.00 26.40  ? 154 ASP A N   1 
ATOM   1020 C CA  . ASP A 1 158 ? -9.065  7.604   20.501  1.00 32.33  ? 154 ASP A CA  1 
ATOM   1021 C C   . ASP A 1 158 ? -8.209  7.581   21.747  1.00 34.32  ? 154 ASP A C   1 
ATOM   1022 O O   . ASP A 1 158 ? -8.602  8.177   22.751  1.00 35.37  ? 154 ASP A O   1 
ATOM   1023 C CB  . ASP A 1 158 ? -9.892  6.310   20.461  1.00 30.50  ? 154 ASP A CB  1 
ATOM   1024 C CG  . ASP A 1 158 ? -11.152 6.476   19.600  1.00 46.42  ? 154 ASP A CG  1 
ATOM   1025 O OD1 . ASP A 1 158 ? -11.653 7.636   19.419  1.00 45.42  ? 154 ASP A OD1 1 
ATOM   1026 O OD2 . ASP A 1 158 ? -11.634 5.443   19.089  1.00 50.54  ? 154 ASP A OD2 1 
ATOM   1027 N N   . ALA A 1 159 ? -7.066  6.915   21.664  1.00 33.46  ? 155 ALA A N   1 
ATOM   1028 C CA  . ALA A 1 159 ? -6.085  6.885   22.790  1.00 35.78  ? 155 ALA A CA  1 
ATOM   1029 C C   . ALA A 1 159 ? -5.579  8.254   23.029  1.00 33.89  ? 155 ALA A C   1 
ATOM   1030 O O   . ALA A 1 159 ? -5.521  8.725   24.194  1.00 33.46  ? 155 ALA A O   1 
ATOM   1031 C CB  . ALA A 1 159 ? -4.943  5.918   22.503  1.00 38.64  ? 155 ALA A CB  1 
ATOM   1032 N N   . GLU A 1 160 ? -5.262  8.977   21.951  1.00 30.32  ? 156 GLU A N   1 
ATOM   1033 C CA  . GLU A 1 160 ? -4.786  10.335  22.105  1.00 30.36  ? 156 GLU A CA  1 
ATOM   1034 C C   . GLU A 1 160 ? -5.849  11.232  22.722  1.00 29.04  ? 156 GLU A C   1 
ATOM   1035 O O   . GLU A 1 160 ? -5.542  12.189  23.454  1.00 39.20  ? 156 GLU A O   1 
ATOM   1036 C CB  . GLU A 1 160 ? -4.322  10.920  20.763  1.00 33.06  ? 156 GLU A CB  1 
ATOM   1037 C CG  . GLU A 1 160 ? -3.004  10.382  20.173  1.00 34.71  ? 156 GLU A CG  1 
ATOM   1038 C CD  . GLU A 1 160 ? -1.799  10.878  20.975  1.00 40.11  ? 156 GLU A CD  1 
ATOM   1039 O OE1 . GLU A 1 160 ? -1.089  11.795  20.530  1.00 35.16  ? 156 GLU A OE1 1 
ATOM   1040 O OE2 . GLU A 1 160 ? -1.602  10.407  22.123  1.00 41.11  ? 156 GLU A OE2 1 
ATOM   1041 N N   . ARG A 1 161 ? -7.116  11.014  22.356  1.00 29.94  ? 157 ARG A N   1 
ATOM   1042 C CA  . ARG A 1 161 ? -8.186  11.846  22.956  1.00 29.75  ? 157 ARG A CA  1 
ATOM   1043 C C   . ARG A 1 161 ? -8.350  11.444  24.467  1.00 35.98  ? 157 ARG A C   1 
ATOM   1044 O O   . ARG A 1 161 ? -8.461  12.317  25.326  1.00 35.67  ? 157 ARG A O   1 
ATOM   1045 C CB  . ARG A 1 161 ? -9.468  11.646  22.194  1.00 30.26  ? 157 ARG A CB  1 
ATOM   1046 C CG  . ARG A 1 161 ? -9.361  12.234  20.763  1.00 25.31  ? 157 ARG A CG  1 
ATOM   1047 C CD  . ARG A 1 161 ? -10.682 11.927  20.074  1.00 27.35  ? 157 ARG A CD  1 
ATOM   1048 N NE  . ARG A 1 161 ? -10.614 12.585  18.779  1.00 27.91  ? 157 ARG A NE  1 
ATOM   1049 C CZ  . ARG A 1 161 ? -11.589 12.536  17.879  1.00 28.28  ? 157 ARG A CZ  1 
ATOM   1050 N NH1 . ARG A 1 161 ? -12.732 11.909  18.168  1.00 24.24  ? 157 ARG A NH1 1 
ATOM   1051 N NH2 . ARG A 1 161 ? -11.429 13.212  16.744  1.00 27.62  ? 157 ARG A NH2 1 
ATOM   1052 N N   . ASP A 1 162 ? -8.330  10.141  24.755  1.00 33.66  ? 158 ASP A N   1 
ATOM   1053 C CA  . ASP A 1 162 ? -8.523  9.616   26.157  1.00 39.76  ? 158 ASP A CA  1 
ATOM   1054 C C   . ASP A 1 162 ? -7.436  10.192  27.042  1.00 43.08  ? 158 ASP A C   1 
ATOM   1055 O O   . ASP A 1 162 ? -7.724  10.655  28.153  1.00 45.68  ? 158 ASP A O   1 
ATOM   1056 C CB  . ASP A 1 162 ? -8.417  8.100   26.195  1.00 41.60  ? 158 ASP A CB  1 
ATOM   1057 C CG  . ASP A 1 162 ? -9.637  7.410   25.597  1.00 55.43  ? 158 ASP A CG  1 
ATOM   1058 O OD1 . ASP A 1 162 ? -10.699 8.077   25.440  1.00 60.19  ? 158 ASP A OD1 1 
ATOM   1059 O OD2 . ASP A 1 162 ? -9.525  6.194   25.270  1.00 60.40  ? 158 ASP A OD2 1 
ATOM   1060 N N   . ARG A 1 163 ? -6.208  10.232  26.530  1.00 39.23  ? 159 ARG A N   1 
ATOM   1061 C CA  . ARG A 1 163 ? -5.093  10.835  27.291  1.00 49.02  ? 159 ARG A CA  1 
ATOM   1062 C C   . ARG A 1 163 ? -5.126  12.369  27.347  1.00 46.73  ? 159 ARG A C   1 
ATOM   1063 O O   . ARG A 1 163 ? -4.324  13.001  28.026  1.00 44.62  ? 159 ARG A O   1 
ATOM   1064 C CB  . ARG A 1 163 ? -3.722  10.268  26.855  1.00 51.48  ? 159 ARG A CB  1 
ATOM   1065 C CG  . ARG A 1 163 ? -2.949  11.133  25.865  1.00 56.49  ? 159 ARG A CG  1 
ATOM   1066 C CD  . ARG A 1 163 ? -1.689  10.388  25.351  1.00 61.74  ? 159 ARG A CD  1 
ATOM   1067 N NE  . ARG A 1 163 ? -1.756  8.940   25.593  1.00 66.05  ? 159 ARG A NE  1 
ATOM   1068 C CZ  . ARG A 1 163 ? -1.839  7.967   24.661  1.00 77.35  ? 159 ARG A CZ  1 
ATOM   1069 N NH1 . ARG A 1 163 ? -1.854  8.223   23.336  1.00 60.50  ? 159 ARG A NH1 1 
ATOM   1070 N NH2 . ARG A 1 163 ? -1.892  6.688   25.060  1.00 69.33  ? 159 ARG A NH2 1 
ATOM   1071 N N   . GLY A 1 164 ? -6.059  13.000  26.662  1.00 44.00  ? 160 GLY A N   1 
ATOM   1072 C CA  . GLY A 1 164 ? -6.107  14.438  26.749  1.00 36.45  ? 160 GLY A CA  1 
ATOM   1073 C C   . GLY A 1 164 ? -5.184  15.158  25.809  1.00 40.25  ? 160 GLY A C   1 
ATOM   1074 O O   . GLY A 1 164 ? -5.062  16.373  25.916  1.00 37.66  ? 160 GLY A O   1 
ATOM   1075 N N   . ALA A 1 165 ? -4.569  14.450  24.845  1.00 37.41  ? 161 ALA A N   1 
ATOM   1076 C CA  . ALA A 1 165 ? -3.590  15.122  23.940  1.00 38.46  ? 161 ALA A CA  1 
ATOM   1077 C C   . ALA A 1 165 ? -4.205  15.669  22.657  1.00 37.06  ? 161 ALA A C   1 
ATOM   1078 O O   . ALA A 1 165 ? -3.638  16.537  22.017  1.00 38.93  ? 161 ALA A O   1 
ATOM   1079 C CB  . ALA A 1 165 ? -2.410  14.190  23.615  1.00 38.98  ? 161 ALA A CB  1 
ATOM   1080 N N   . ALA A 1 166 ? -5.390  15.171  22.324  1.00 35.64  ? 162 ALA A N   1 
ATOM   1081 C CA  . ALA A 1 166 ? -6.139  15.578  21.096  1.00 34.07  ? 162 ALA A CA  1 
ATOM   1082 C C   . ALA A 1 166 ? -7.596  15.941  21.467  1.00 28.23  ? 162 ALA A C   1 
ATOM   1083 O O   . ALA A 1 166 ? -8.196  15.273  22.281  1.00 30.42  ? 162 ALA A O   1 
ATOM   1084 C CB  . ALA A 1 166 ? -6.128  14.425  20.096  1.00 27.26  ? 162 ALA A CB  1 
ATOM   1085 N N   . PRO A 1 167 ? -8.172  16.967  20.839  1.00 34.08  ? 163 PRO A N   1 
ATOM   1086 C CA  . PRO A 1 167 ? -9.580  17.324  21.199  1.00 34.08  ? 163 PRO A CA  1 
ATOM   1087 C C   . PRO A 1 167 ? -10.639 16.364  20.588  1.00 35.96  ? 163 PRO A C   1 
ATOM   1088 O O   . PRO A 1 167 ? -10.384 15.720  19.545  1.00 29.25  ? 163 PRO A O   1 
ATOM   1089 C CB  . PRO A 1 167 ? -9.717  18.717  20.619  1.00 29.06  ? 163 PRO A CB  1 
ATOM   1090 C CG  . PRO A 1 167 ? -8.880  18.628  19.333  1.00 36.52  ? 163 PRO A CG  1 
ATOM   1091 C CD  . PRO A 1 167 ? -7.651  17.803  19.731  1.00 32.14  ? 163 PRO A CD  1 
ATOM   1092 N N   . ARG A 1 168 ? -11.807 16.251  21.217  1.00 28.62  ? 164 ARG A N   1 
ATOM   1093 C CA  . ARG A 1 168 ? -12.874 15.442  20.685  1.00 34.95  ? 164 ARG A CA  1 
ATOM   1094 C C   . ARG A 1 168 ? -13.631 16.230  19.580  1.00 33.30  ? 164 ARG A C   1 
ATOM   1095 O O   . ARG A 1 168 ? -14.612 16.896  19.861  1.00 29.79  ? 164 ARG A O   1 
ATOM   1096 C CB  . ARG A 1 168 ? -13.817 14.971  21.851  1.00 38.54  ? 164 ARG A CB  1 
ATOM   1097 C CG  . ARG A 1 168 ? -13.045 14.221  22.957  1.00 49.85  ? 164 ARG A CG  1 
ATOM   1098 C CD  . ARG A 1 168 ? -13.879 13.255  23.816  1.00 54.10  ? 164 ARG A CD  1 
ATOM   1099 N NE  . ARG A 1 168 ? -13.028 12.426  24.695  1.00 61.01  ? 164 ARG A NE  1 
ATOM   1100 C CZ  . ARG A 1 168 ? -12.553 11.193  24.410  1.00 61.21  ? 164 ARG A CZ  1 
ATOM   1101 N NH1 . ARG A 1 168 ? -12.815 10.566  23.257  1.00 57.48  ? 164 ARG A NH1 1 
ATOM   1102 N NH2 . ARG A 1 168 ? -11.804 10.555  25.292  1.00 55.92  ? 164 ARG A NH2 1 
ATOM   1103 N N   . THR A 1 169 ? -13.188 16.150  18.330  1.00 27.18  ? 165 THR A N   1 
ATOM   1104 C CA  . THR A 1 169 ? -13.819 16.862  17.231  1.00 29.94  ? 165 THR A CA  1 
ATOM   1105 C C   . THR A 1 169 ? -14.700 15.869  16.453  1.00 32.33  ? 165 THR A C   1 
ATOM   1106 O O   . THR A 1 169 ? -15.694 15.397  16.963  1.00 33.58  ? 165 THR A O   1 
ATOM   1107 C CB  . THR A 1 169 ? -12.719 17.478  16.327  1.00 31.29  ? 165 THR A CB  1 
ATOM   1108 O OG1 . THR A 1 169 ? -11.737 16.462  16.063  1.00 25.28  ? 165 THR A OG1 1 
ATOM   1109 C CG2 . THR A 1 169 ? -12.021 18.612  17.031  1.00 27.66  ? 165 THR A CG2 1 
ATOM   1110 N N   . LEU A 1 170 ? -14.283 15.451  15.270  1.00 27.20  ? 166 LEU A N   1 
ATOM   1111 C CA  . LEU A 1 170 ? -15.043 14.483  14.503  1.00 28.58  ? 166 LEU A CA  1 
ATOM   1112 C C   . LEU A 1 170 ? -14.936 13.136  15.210  1.00 30.44  ? 166 LEU A C   1 
ATOM   1113 O O   . LEU A 1 170 ? -13.909 12.872  15.860  1.00 28.65  ? 166 LEU A O   1 
ATOM   1114 C CB  . LEU A 1 170 ? -14.340 14.242  13.143  1.00 24.84  ? 166 LEU A CB  1 
ATOM   1115 C CG  . LEU A 1 170 ? -14.332 15.426  12.172  1.00 28.12  ? 166 LEU A CG  1 
ATOM   1116 C CD1 . LEU A 1 170 ? -13.642 14.922  10.894  1.00 24.30  ? 166 LEU A CD1 1 
ATOM   1117 C CD2 . LEU A 1 170 ? -15.764 15.957  11.930  1.00 27.34  ? 166 LEU A CD2 1 
ATOM   1118 N N   . PRO A 1 171 ? -15.918 12.260  14.966  1.00 28.58  ? 167 PRO A N   1 
ATOM   1119 C CA  . PRO A 1 171 ? -15.837 10.781  15.163  1.00 26.93  ? 167 PRO A CA  1 
ATOM   1120 C C   . PRO A 1 171 ? -14.491 10.227  14.613  1.00 27.73  ? 167 PRO A C   1 
ATOM   1121 O O   . PRO A 1 171 ? -14.143 10.445  13.450  1.00 24.67  ? 167 PRO A O   1 
ATOM   1122 C CB  . PRO A 1 171 ? -16.984 10.256  14.322  1.00 28.15  ? 167 PRO A CB  1 
ATOM   1123 C CG  . PRO A 1 171 ? -18.006 11.428  14.308  1.00 28.93  ? 167 PRO A CG  1 
ATOM   1124 C CD  . PRO A 1 171 ? -17.184 12.671  14.284  1.00 26.50  ? 167 PRO A CD  1 
ATOM   1125 N N   . ALA A 1 172 ? -13.709 9.636   15.506  1.00 26.22  ? 168 ALA A N   1 
ATOM   1126 C CA  . ALA A 1 172 ? -12.350 9.228   15.208  1.00 26.76  ? 168 ALA A CA  1 
ATOM   1127 C C   . ALA A 1 172 ? -12.351 8.335   13.977  1.00 23.12  ? 168 ALA A C   1 
ATOM   1128 O O   . ALA A 1 172 ? -11.426 8.387   13.146  1.00 24.19  ? 168 ALA A O   1 
ATOM   1129 C CB  . ALA A 1 172 ? -11.718 8.511   16.407  1.00 26.37  ? 168 ALA A CB  1 
ATOM   1130 N N   . HIS A 1 173 ? -13.349 7.487   13.844  1.00 20.60  ? 169 HIS A N   1 
ATOM   1131 C CA  . HIS A 1 173 ? -13.341 6.527   12.778  1.00 24.52  ? 169 HIS A CA  1 
ATOM   1132 C C   . HIS A 1 173 ? -13.592 7.161   11.412  1.00 23.75  ? 169 HIS A C   1 
ATOM   1133 O O   . HIS A 1 173 ? -13.027 6.733   10.393  1.00 21.45  ? 169 HIS A O   1 
ATOM   1134 C CB  . HIS A 1 173 ? -14.347 5.401   13.070  1.00 25.22  ? 169 HIS A CB  1 
ATOM   1135 C CG  . HIS A 1 173 ? -14.148 4.197   12.183  1.00 25.08  ? 169 HIS A CG  1 
ATOM   1136 N ND1 . HIS A 1 173 ? -14.752 4.058   11.004  1.00 24.61  ? 169 HIS A ND1 1 
ATOM   1137 C CD2 . HIS A 1 173 ? -13.297 3.061   12.344  1.00 24.53  ? 169 HIS A CD2 1 
ATOM   1138 C CE1 . HIS A 1 173 ? -14.308 2.894   10.381  1.00 24.18  ? 169 HIS A CE1 1 
ATOM   1139 N NE2 . HIS A 1 173 ? -13.449 2.277   11.249  1.00 26.73  ? 169 HIS A NE2 1 
ATOM   1140 N N   . GLU A 1 174 ? -14.446 8.195   11.383  1.00 18.74  ? 170 GLU A N   1 
ATOM   1141 C CA  . GLU A 1 174 ? -14.696 8.927   10.103  1.00 19.42  ? 170 GLU A CA  1 
ATOM   1142 C C   . GLU A 1 174 ? -13.449 9.772   9.737   1.00 19.12  ? 170 GLU A C   1 
ATOM   1143 O O   . GLU A 1 174 ? -13.074 9.868   8.556   1.00 20.08  ? 170 GLU A O   1 
ATOM   1144 C CB  . GLU A 1 174 ? -15.940 9.841   10.272  1.00 24.29  ? 170 GLU A CB  1 
ATOM   1145 C CG  . GLU A 1 174 ? -17.133 8.939   10.575  1.00 28.35  ? 170 GLU A CG  1 
ATOM   1146 C CD  . GLU A 1 174 ? -18.428 9.693   10.954  1.00 32.57  ? 170 GLU A CD  1 
ATOM   1147 O OE1 . GLU A 1 174 ? -18.415 10.959  10.946  1.00 28.15  ? 170 GLU A OE1 1 
ATOM   1148 O OE2 . GLU A 1 174 ? -19.450 8.959   11.252  1.00 33.87  ? 170 GLU A OE2 1 
ATOM   1149 N N   . LEU A 1 175 ? -12.839 10.380  10.749  1.00 19.48  ? 171 LEU A N   1 
ATOM   1150 C CA  . LEU A 1 175 ? -11.640 11.173  10.528  1.00 20.19  ? 171 LEU A CA  1 
ATOM   1151 C C   . LEU A 1 175 ? -10.566 10.190  9.979   1.00 19.22  ? 171 LEU A C   1 
ATOM   1152 O O   . LEU A 1 175 ? -9.871  10.488  8.974   1.00 18.45  ? 171 LEU A O   1 
ATOM   1153 C CB  . LEU A 1 175 ? -11.136 11.834  11.840  1.00 21.18  ? 171 LEU A CB  1 
ATOM   1154 C CG  . LEU A 1 175 ? -9.807  12.564  11.737  1.00 20.22  ? 171 LEU A CG  1 
ATOM   1155 C CD1 . LEU A 1 175 ? -9.797  13.587  10.575  1.00 19.59  ? 171 LEU A CD1 1 
ATOM   1156 C CD2 . LEU A 1 175 ? -9.484  13.253  13.091  1.00 24.53  ? 171 LEU A CD2 1 
ATOM   1157 N N   . ALA A 1 176 ? -10.431 9.057   10.638  1.00 19.50  ? 172 ALA A N   1 
ATOM   1158 C CA  . ALA A 1 176 ? -9.371  8.072   10.189  1.00 20.44  ? 172 ALA A CA  1 
ATOM   1159 C C   . ALA A 1 176 ? -9.651  7.608   8.762   1.00 19.12  ? 172 ALA A C   1 
ATOM   1160 O O   . ALA A 1 176 ? -8.701  7.339   7.945   1.00 18.86  ? 172 ALA A O   1 
ATOM   1161 C CB  . ALA A 1 176 ? -9.332  6.865   11.156  1.00 20.32  ? 172 ALA A CB  1 
ATOM   1162 N N   . THR A 1 177 ? -10.939 7.369   8.437   1.00 17.86  ? 173 THR A N   1 
ATOM   1163 C CA  . THR A 1 177 ? -11.300 6.968   7.043   1.00 16.70  ? 173 THR A CA  1 
ATOM   1164 C C   . THR A 1 177 ? -10.813 7.989   5.976   1.00 18.43  ? 173 THR A C   1 
ATOM   1165 O O   . THR A 1 177 ? -10.139 7.639   5.039   1.00 16.26  ? 173 THR A O   1 
ATOM   1166 C CB  . THR A 1 177 ? -12.805 6.642   6.879   1.00 21.11  ? 173 THR A CB  1 
ATOM   1167 O OG1 . THR A 1 177 ? -13.141 5.605   7.814   1.00 20.76  ? 173 THR A OG1 1 
ATOM   1168 C CG2 . THR A 1 177 ? -13.102 6.180   5.470   1.00 18.21  ? 173 THR A CG2 1 
ATOM   1169 N N   . ALA A 1 178 ? -11.120 9.252   6.161   1.00 17.96  ? 174 ALA A N   1 
ATOM   1170 C CA  . ALA A 1 178 ? -10.766 10.257  5.192   1.00 16.54  ? 174 ALA A CA  1 
ATOM   1171 C C   . ALA A 1 178 ? -9.284  10.408  5.088   1.00 16.10  ? 174 ALA A C   1 
ATOM   1172 O O   . ALA A 1 178 ? -8.759  10.611  3.961   1.00 16.75  ? 174 ALA A O   1 
ATOM   1173 C CB  . ALA A 1 178 ? -11.433 11.635  5.568   1.00 16.07  ? 174 ALA A CB  1 
ATOM   1174 N N   . LEU A 1 179 ? -8.576  10.338  6.242   1.00 16.95  ? 175 LEU A N   1 
ATOM   1175 C CA  . LEU A 1 179 ? -7.132  10.565  6.155   1.00 17.11  ? 175 LEU A CA  1 
ATOM   1176 C C   . LEU A 1 179 ? -6.460  9.393   5.455   1.00 18.44  ? 175 LEU A C   1 
ATOM   1177 O O   . LEU A 1 179 ? -5.452  9.573   4.786   1.00 18.39  ? 175 LEU A O   1 
ATOM   1178 C CB  . LEU A 1 179 ? -6.551  10.720  7.575   1.00 17.88  ? 175 LEU A CB  1 
ATOM   1179 C CG  . LEU A 1 179 ? -6.939  12.120  8.231   1.00 19.07  ? 175 LEU A CG  1 
ATOM   1180 C CD1 . LEU A 1 179 ? -6.418  12.100  9.680   1.00 18.81  ? 175 LEU A CD1 1 
ATOM   1181 C CD2 . LEU A 1 179 ? -6.353  13.358  7.520   1.00 18.61  ? 175 LEU A CD2 1 
ATOM   1182 N N   . ASN A 1 180 ? -6.918  8.186   5.713   1.00 19.13  ? 176 ASN A N   1 
ATOM   1183 C CA  . ASN A 1 180 ? -6.321  7.031   5.004   1.00 17.51  ? 176 ASN A CA  1 
ATOM   1184 C C   . ASN A 1 180 ? -6.619  7.037   3.502   1.00 20.28  ? 176 ASN A C   1 
ATOM   1185 O O   . ASN A 1 180 ? -5.804  6.597   2.677   1.00 17.64  ? 176 ASN A O   1 
ATOM   1186 C CB  . ASN A 1 180 ? -6.845  5.701   5.673   1.00 18.58  ? 176 ASN A CB  1 
ATOM   1187 C CG  . ASN A 1 180 ? -6.018  5.289   6.905   1.00 23.48  ? 176 ASN A CG  1 
ATOM   1188 O OD1 . ASN A 1 180 ? -5.120  4.444   6.756   1.00 24.88  ? 176 ASN A OD1 1 
ATOM   1189 N ND2 . ASN A 1 180 ? -6.283  5.836   8.080   1.00 20.47  ? 176 ASN A ND2 1 
ATOM   1190 N N   . LEU A 1 181 ? -7.833  7.447   3.149   1.00 17.83  ? 177 LEU A N   1 
ATOM   1191 C CA  . LEU A 1 181 ? -8.174  7.595   1.719   1.00 18.88  ? 177 LEU A CA  1 
ATOM   1192 C C   . LEU A 1 181 ? -7.311  8.682   1.057   1.00 17.72  ? 177 LEU A C   1 
ATOM   1193 O O   . LEU A 1 181 ? -6.844  8.484   -0.072  1.00 20.36  ? 177 LEU A O   1 
ATOM   1194 C CB  . LEU A 1 181 ? -9.673  7.906   1.519   1.00 17.92  ? 177 LEU A CB  1 
ATOM   1195 C CG  . LEU A 1 181 ? -10.542 6.598   1.751   1.00 20.43  ? 177 LEU A CG  1 
ATOM   1196 C CD1 . LEU A 1 181 ? -12.002 7.034   1.750   1.00 20.12  ? 177 LEU A CD1 1 
ATOM   1197 C CD2 . LEU A 1 181 ? -10.359 5.445   0.726   1.00 20.49  ? 177 LEU A CD2 1 
ATOM   1198 N N   . MET A 1 182 ? -7.149  9.809   1.752   1.00 18.38  ? 178 MET A N   1 
ATOM   1199 C CA  . MET A 1 182 ? -6.284  10.828  1.271   1.00 19.33  ? 178 MET A CA  1 
ATOM   1200 C C   . MET A 1 182 ? -4.904  10.211  0.977   1.00 19.07  ? 178 MET A C   1 
ATOM   1201 O O   . MET A 1 182 ? -4.345  10.460  -0.118  1.00 16.84  ? 178 MET A O   1 
ATOM   1202 C CB  . MET A 1 182 ? -6.104  11.971  2.276   1.00 18.34  ? 178 MET A CB  1 
ATOM   1203 C CG  . MET A 1 182 ? -4.992  12.986  1.801   1.00 20.05  ? 178 MET A CG  1 
ATOM   1204 S SD  . MET A 1 182 ? -4.814  14.372  2.925   1.00 24.13  ? 178 MET A SD  1 
ATOM   1205 C CE  . MET A 1 182 ? -4.211  13.568  4.472   1.00 19.99  ? 178 MET A CE  1 
ATOM   1206 N N   . ASN A 1 183 ? -4.317  9.553   1.982   1.00 19.65  ? 179 ASN A N   1 
ATOM   1207 C CA  . ASN A 1 183 ? -2.979  8.953   1.724   1.00 21.16  ? 179 ASN A CA  1 
ATOM   1208 C C   . ASN A 1 183 ? -2.968  8.001   0.558   1.00 21.46  ? 179 ASN A C   1 
ATOM   1209 O O   . ASN A 1 183 ? -2.022  8.044   -0.218  1.00 21.22  ? 179 ASN A O   1 
ATOM   1210 C CB  . ASN A 1 183 ? -2.438  8.219   2.969   1.00 20.43  ? 179 ASN A CB  1 
ATOM   1211 C CG  . ASN A 1 183 ? -2.043  9.193   4.036   1.00 23.23  ? 179 ASN A CG  1 
ATOM   1212 O OD1 . ASN A 1 183 ? -2.408  10.397  3.976   1.00 22.22  ? 179 ASN A OD1 1 
ATOM   1213 N ND2 . ASN A 1 183 ? -1.216  8.738   4.990   1.00 19.72  ? 179 ASN A ND2 1 
ATOM   1214 N N   . GLU A 1 184 ? -3.977  7.123   0.461   1.00 19.79  ? 180 GLU A N   1 
ATOM   1215 C CA  . GLU A 1 184 ? -3.979  6.130   -0.675  1.00 21.10  ? 180 GLU A CA  1 
ATOM   1216 C C   . GLU A 1 184 ? -3.913  6.916   -1.978  1.00 20.74  ? 180 GLU A C   1 
ATOM   1217 O O   . GLU A 1 184 ? -3.028  6.645   -2.852  1.00 20.02  ? 180 GLU A O   1 
ATOM   1218 C CB  . GLU A 1 184 ? -5.213  5.263   -0.653  1.00 23.23  ? 180 GLU A CB  1 
ATOM   1219 C CG  . GLU A 1 184 ? -5.452  4.414   -1.905  1.00 23.49  ? 180 GLU A CG  1 
ATOM   1220 C CD  . GLU A 1 184 ? -6.910  3.976   -1.998  1.00 28.02  ? 180 GLU A CD  1 
ATOM   1221 O OE1 . GLU A 1 184 ? -7.475  3.481   -1.038  1.00 25.97  ? 180 GLU A OE1 1 
ATOM   1222 O OE2 . GLU A 1 184 ? -7.519  4.078   -3.086  1.00 31.45  ? 180 GLU A OE2 1 
ATOM   1223 N N   . ARG A 1 185 ? -4.777  7.934   -2.114  1.00 18.94  ? 181 ARG A N   1 
ATOM   1224 C CA  . ARG A 1 185 ? -4.887  8.620   -3.434  1.00 19.05  ? 181 ARG A CA  1 
ATOM   1225 C C   . ARG A 1 185 ? -3.630  9.470   -3.717  1.00 20.94  ? 181 ARG A C   1 
ATOM   1226 O O   . ARG A 1 185 ? -3.165  9.516   -4.875  1.00 19.61  ? 181 ARG A O   1 
ATOM   1227 C CB  . ARG A 1 185 ? -6.100  9.543   -3.389  1.00 18.89  ? 181 ARG A CB  1 
ATOM   1228 C CG  . ARG A 1 185 ? -6.407  10.257  -4.722  1.00 20.11  ? 181 ARG A CG  1 
ATOM   1229 C CD  . ARG A 1 185 ? -6.824  9.170   -5.721  1.00 24.27  ? 181 ARG A CD  1 
ATOM   1230 N NE  . ARG A 1 185 ? -7.091  9.879   -6.964  1.00 30.92  ? 181 ARG A NE  1 
ATOM   1231 C CZ  . ARG A 1 185 ? -6.203  10.128  -7.941  1.00 36.49  ? 181 ARG A CZ  1 
ATOM   1232 N NH1 . ARG A 1 185 ? -4.966  9.692   -7.894  1.00 35.07  ? 181 ARG A NH1 1 
ATOM   1233 N NH2 . ARG A 1 185 ? -6.564  10.860  -8.980  1.00 39.81  ? 181 ARG A NH2 1 
ATOM   1234 N N   . THR A 1 186 ? -3.114  10.169  -2.672  1.00 19.32  ? 182 THR A N   1 
ATOM   1235 C CA  . THR A 1 186 ? -2.033  11.176  -2.827  1.00 17.95  ? 182 THR A CA  1 
ATOM   1236 C C   . THR A 1 186 ? -0.723  10.418  -3.010  1.00 20.12  ? 182 THR A C   1 
ATOM   1237 O O   . THR A 1 186 ? 0.007   10.691  -3.913  1.00 18.65  ? 182 THR A O   1 
ATOM   1238 C CB  . THR A 1 186 ? -1.967  12.124  -1.579  1.00 21.67  ? 182 THR A CB  1 
ATOM   1239 O OG1 . THR A 1 186 ? -3.297  12.749  -1.471  1.00 21.19  ? 182 THR A OG1 1 
ATOM   1240 C CG2 . THR A 1 186 ? -0.955  13.258  -1.862  1.00 23.06  ? 182 THR A CG2 1 
ATOM   1241 N N   . LEU A 1 187 ? -0.481  9.399   -2.179  1.00 18.94  ? 183 LEU A N   1 
ATOM   1242 C CA  . LEU A 1 187 ? 0.756   8.566   -2.363  1.00 21.17  ? 183 LEU A CA  1 
ATOM   1243 C C   . LEU A 1 187 ? 0.765   8.013   -3.742  1.00 22.42  ? 183 LEU A C   1 
ATOM   1244 O O   . LEU A 1 187 ? 1.771   8.155   -4.470  1.00 25.05  ? 183 LEU A O   1 
ATOM   1245 C CB  . LEU A 1 187 ? 0.873   7.408   -1.354  1.00 21.90  ? 183 LEU A CB  1 
ATOM   1246 C CG  . LEU A 1 187 ? 1.271   7.928   0.011   1.00 24.14  ? 183 LEU A CG  1 
ATOM   1247 C CD1 . LEU A 1 187 ? 1.150   6.734   0.958   1.00 27.05  ? 183 LEU A CD1 1 
ATOM   1248 C CD2 . LEU A 1 187 ? 2.689   8.557   0.055   1.00 26.17  ? 183 LEU A CD2 1 
ATOM   1249 N N   . PHE A 1 188 ? -0.326  7.368   -4.120  1.00 23.66  ? 184 PHE A N   1 
ATOM   1250 C CA  . PHE A 1 188 ? -0.315  6.643   -5.415  1.00 27.45  ? 184 PHE A CA  1 
ATOM   1251 C C   . PHE A 1 188 ? -0.286  7.590   -6.618  1.00 28.32  ? 184 PHE A C   1 
ATOM   1252 O O   . PHE A 1 188 ? 0.426   7.327   -7.605  1.00 24.03  ? 184 PHE A O   1 
ATOM   1253 C CB  . PHE A 1 188 ? -1.469  5.589   -5.486  1.00 29.08  ? 184 PHE A CB  1 
ATOM   1254 C CG  . PHE A 1 188 ? -1.377  4.521   -4.353  1.00 36.66  ? 184 PHE A CG  1 
ATOM   1255 C CD1 . PHE A 1 188 ? -0.215  4.437   -3.514  1.00 34.47  ? 184 PHE A CD1 1 
ATOM   1256 C CD2 . PHE A 1 188 ? -2.397  3.616   -4.120  1.00 34.86  ? 184 PHE A CD2 1 
ATOM   1257 C CE1 . PHE A 1 188 ? -0.113  3.511   -2.448  1.00 35.10  ? 184 PHE A CE1 1 
ATOM   1258 C CE2 . PHE A 1 188 ? -2.284  2.664   -3.072  1.00 33.30  ? 184 PHE A CE2 1 
ATOM   1259 C CZ  . PHE A 1 188 ? -1.163  2.632   -2.237  1.00 34.80  ? 184 PHE A CZ  1 
ATOM   1260 N N   . ALA A 1 189 ? -0.944  8.741   -6.516  1.00 23.96  ? 185 ALA A N   1 
ATOM   1261 C CA  . ALA A 1 189 ? -0.723  9.779   -7.576  1.00 24.42  ? 185 ALA A CA  1 
ATOM   1262 C C   . ALA A 1 189 ? 0.771   10.229  -7.671  1.00 25.21  ? 185 ALA A C   1 
ATOM   1263 O O   . ALA A 1 189 ? 1.280   10.450  -8.824  1.00 25.27  ? 185 ALA A O   1 
ATOM   1264 C CB  . ALA A 1 189 ? -1.582  11.013  -7.290  1.00 22.46  ? 185 ALA A CB  1 
ATOM   1265 N N   . SER A 1 190 ? 1.440   10.413  -6.511  1.00 21.94  ? 186 SER A N   1 
ATOM   1266 C CA  . SER A 1 190 ? 2.825   10.856  -6.505  1.00 24.68  ? 186 SER A CA  1 
ATOM   1267 C C   . SER A 1 190 ? 3.679   9.805   -7.154  1.00 27.24  ? 186 SER A C   1 
ATOM   1268 O O   . SER A 1 190 ? 4.597   10.172  -7.931  1.00 27.76  ? 186 SER A O   1 
ATOM   1269 C CB  . SER A 1 190 ? 3.383   11.189  -5.071  1.00 23.31  ? 186 SER A CB  1 
ATOM   1270 O OG  . SER A 1 190 ? 2.716   12.335  -4.609  1.00 35.40  ? 186 SER A OG  1 
ATOM   1271 N N   . PHE A 1 191 ? 3.432   8.531   -6.814  1.00 24.09  ? 187 PHE A N   1 
ATOM   1272 C CA  . PHE A 1 191 ? 4.286   7.444   -7.343  1.00 27.81  ? 187 PHE A CA  1 
ATOM   1273 C C   . PHE A 1 191 ? 4.129   7.303   -8.824  1.00 37.56  ? 187 PHE A C   1 
ATOM   1274 O O   . PHE A 1 191 ? 5.099   7.006   -9.510  1.00 33.49  ? 187 PHE A O   1 
ATOM   1275 C CB  . PHE A 1 191 ? 3.930   6.107   -6.723  1.00 25.07  ? 187 PHE A CB  1 
ATOM   1276 C CG  . PHE A 1 191 ? 4.226   6.070   -5.227  1.00 25.04  ? 187 PHE A CG  1 
ATOM   1277 C CD1 . PHE A 1 191 ? 5.188   6.955   -4.697  1.00 26.43  ? 187 PHE A CD1 1 
ATOM   1278 C CD2 . PHE A 1 191 ? 3.638   5.133   -4.423  1.00 27.23  ? 187 PHE A CD2 1 
ATOM   1279 C CE1 . PHE A 1 191 ? 5.498   6.910   -3.315  1.00 27.84  ? 187 PHE A CE1 1 
ATOM   1280 C CE2 . PHE A 1 191 ? 3.895   5.105   -3.080  1.00 28.58  ? 187 PHE A CE2 1 
ATOM   1281 C CZ  . PHE A 1 191 ? 4.843   5.978   -2.528  1.00 28.86  ? 187 PHE A CZ  1 
ATOM   1282 N N   . ALA A 1 192 ? 2.910   7.459   -9.317  1.00 32.37  ? 188 ALA A N   1 
ATOM   1283 C CA  . ALA A 1 192 ? 2.713   7.354   -10.791 1.00 35.90  ? 188 ALA A CA  1 
ATOM   1284 C C   . ALA A 1 192 ? 3.098   8.625   -11.551 1.00 36.56  ? 188 ALA A C   1 
ATOM   1285 O O   . ALA A 1 192 ? 3.020   8.651   -12.765 1.00 42.90  ? 188 ALA A O   1 
ATOM   1286 C CB  . ALA A 1 192 ? 1.289   6.915   -11.091 1.00 37.85  ? 188 ALA A CB  1 
ATOM   1287 N N   . GLY A 1 193 ? 3.509   9.670   -10.839 1.00 35.67  ? 189 GLY A N   1 
ATOM   1288 C CA  . GLY A 1 193 ? 3.708   10.999  -11.389 1.00 37.63  ? 189 GLY A CA  1 
ATOM   1289 C C   . GLY A 1 193 ? 2.482   11.502  -12.169 1.00 42.71  ? 189 GLY A C   1 
ATOM   1290 O O   . GLY A 1 193 ? 2.648   12.045  -13.289 1.00 38.89  ? 189 GLY A O   1 
ATOM   1291 N N   . GLU A 1 194 ? 1.267   11.331  -11.600 1.00 35.04  ? 190 GLU A N   1 
ATOM   1292 C CA  . GLU A 1 194 ? 0.032   11.819  -12.242 1.00 32.57  ? 190 GLU A CA  1 
ATOM   1293 C C   . GLU A 1 194 ? 0.035   13.308  -12.298 1.00 31.76  ? 190 GLU A C   1 
ATOM   1294 O O   . GLU A 1 194 ? 0.699   13.991  -11.521 1.00 30.19  ? 190 GLU A O   1 
ATOM   1295 C CB  . GLU A 1 194 ? -1.229  11.376  -11.514 1.00 33.10  ? 190 GLU A CB  1 
ATOM   1296 C CG  . GLU A 1 194 ? -1.540  9.921   -11.659 1.00 35.79  ? 190 GLU A CG  1 
ATOM   1297 C CD  . GLU A 1 194 ? -2.776  9.554   -10.859 1.00 41.36  ? 190 GLU A CD  1 
ATOM   1298 O OE1 . GLU A 1 194 ? -3.471  10.484  -10.378 1.00 43.33  ? 190 GLU A OE1 1 
ATOM   1299 O OE2 . GLU A 1 194 ? -3.066  8.344   -10.736 1.00 46.41  ? 190 GLU A OE2 1 
ATOM   1300 N N   . GLN A 1 195 ? -0.765  13.852  -13.200 1.00 32.84  ? 191 GLN A N   1 
ATOM   1301 C CA  . GLN A 1 195 ? -0.927  15.288  -13.222 1.00 37.34  ? 191 GLN A CA  1 
ATOM   1302 C C   . GLN A 1 195 ? -2.398  15.537  -12.862 1.00 36.06  ? 191 GLN A C   1 
ATOM   1303 O O   . GLN A 1 195 ? -3.305  15.143  -13.621 1.00 36.81  ? 191 GLN A O   1 
ATOM   1304 C CB  . GLN A 1 195 ? -0.592  15.736  -14.650 1.00 43.39  ? 191 GLN A CB  1 
ATOM   1305 C CG  . GLN A 1 195 ? -0.747  17.202  -14.899 1.00 58.28  ? 191 GLN A CG  1 
ATOM   1306 C CD  . GLN A 1 195 ? 0.612   17.830  -14.936 1.00 71.54  ? 191 GLN A CD  1 
ATOM   1307 O OE1 . GLN A 1 195 ? 1.288   17.897  -13.908 1.00 70.51  ? 191 GLN A OE1 1 
ATOM   1308 N NE2 . GLN A 1 195 ? 1.052   18.238  -16.129 1.00 67.93  ? 191 GLN A NE2 1 
ATOM   1309 N N   . PRO A 1 196 ? -2.681  16.135  -11.698 1.00 33.78  ? 192 PRO A N   1 
ATOM   1310 C CA  . PRO A 1 196 ? -1.822  16.690  -10.647 1.00 31.17  ? 192 PRO A CA  1 
ATOM   1311 C C   . PRO A 1 196 ? -1.363  15.651  -9.604  1.00 25.67  ? 192 PRO A C   1 
ATOM   1312 O O   . PRO A 1 196 ? -2.004  14.589  -9.368  1.00 24.19  ? 192 PRO A O   1 
ATOM   1313 C CB  . PRO A 1 196 ? -2.767  17.683  -9.942  1.00 29.14  ? 192 PRO A CB  1 
ATOM   1314 C CG  . PRO A 1 196 ? -4.079  16.921  -9.960  1.00 33.46  ? 192 PRO A CG  1 
ATOM   1315 C CD  . PRO A 1 196 ? -4.122  16.253  -11.344 1.00 33.71  ? 192 PRO A CD  1 
ATOM   1316 N N   . SER A 1 197 ? -0.253  15.970  -8.931  1.00 24.63  ? 193 SER A N   1 
ATOM   1317 C CA  . SER A 1 197 ? 0.208   15.093  -7.851  1.00 23.80  ? 193 SER A CA  1 
ATOM   1318 C C   . SER A 1 197 ? 1.163   15.963  -7.058  1.00 23.71  ? 193 SER A C   1 
ATOM   1319 O O   . SER A 1 197 ? 1.617   16.976  -7.578  1.00 26.27  ? 193 SER A O   1 
ATOM   1320 C CB  . SER A 1 197 ? 0.932   13.831  -8.367  1.00 25.20  ? 193 SER A CB  1 
ATOM   1321 O OG  . SER A 1 197 ? 2.029   14.238  -9.182  1.00 23.77  ? 193 SER A OG  1 
ATOM   1322 N N   . VAL A 1 198 ? 1.394   15.615  -5.808  1.00 22.98  ? 194 VAL A N   1 
ATOM   1323 C CA  . VAL A 1 198 ? 2.433   16.269  -4.978  1.00 21.17  ? 194 VAL A CA  1 
ATOM   1324 C C   . VAL A 1 198 ? 3.732   15.604  -5.381  1.00 23.02  ? 194 VAL A C   1 
ATOM   1325 O O   . VAL A 1 198 ? 3.742   14.391  -5.546  1.00 20.59  ? 194 VAL A O   1 
ATOM   1326 C CB  . VAL A 1 198 ? 2.121   15.953  -3.490  1.00 19.28  ? 194 VAL A CB  1 
ATOM   1327 C CG1 . VAL A 1 198 ? 3.116   16.629  -2.572  1.00 20.48  ? 194 VAL A CG1 1 
ATOM   1328 C CG2 . VAL A 1 198 ? 0.749   16.563  -3.095  1.00 21.32  ? 194 VAL A CG2 1 
ATOM   1329 N N   . PRO A 1 199 ? 4.791   16.371  -5.602  1.00 22.78  ? 195 PRO A N   1 
ATOM   1330 C CA  . PRO A 1 199 ? 6.081   15.702  -5.952  1.00 24.93  ? 195 PRO A CA  1 
ATOM   1331 C C   . PRO A 1 199 ? 6.461   14.688  -4.843  1.00 23.62  ? 195 PRO A C   1 
ATOM   1332 O O   . PRO A 1 199 ? 6.235   14.888  -3.631  1.00 19.77  ? 195 PRO A O   1 
ATOM   1333 C CB  . PRO A 1 199 ? 7.093   16.856  -5.922  1.00 24.24  ? 195 PRO A CB  1 
ATOM   1334 C CG  . PRO A 1 199 ? 6.269   18.132  -6.111  1.00 27.55  ? 195 PRO A CG  1 
ATOM   1335 C CD  . PRO A 1 199 ? 4.890   17.870  -5.527  1.00 24.74  ? 195 PRO A CD  1 
ATOM   1336 N N   . GLU A 1 200 ? 7.060   13.588  -5.251  1.00 20.59  ? 196 GLU A N   1 
ATOM   1337 C CA  . GLU A 1 200 ? 7.294   12.555  -4.301  1.00 22.34  ? 196 GLU A CA  1 
ATOM   1338 C C   . GLU A 1 200 ? 8.236   12.942  -3.138  1.00 21.69  ? 196 GLU A C   1 
ATOM   1339 O O   . GLU A 1 200 ? 8.034   12.520  -1.989  1.00 22.09  ? 196 GLU A O   1 
ATOM   1340 C CB  . GLU A 1 200 ? 7.839   11.381  -5.115  1.00 29.93  ? 196 GLU A CB  1 
ATOM   1341 C CG  . GLU A 1 200 ? 8.243   10.222  -4.270  1.00 38.19  ? 196 GLU A CG  1 
ATOM   1342 C CD  . GLU A 1 200 ? 8.754   9.067   -5.127  1.00 46.79  ? 196 GLU A CD  1 
ATOM   1343 O OE1 . GLU A 1 200 ? 8.219   8.838   -6.254  1.00 49.68  ? 196 GLU A OE1 1 
ATOM   1344 O OE2 . GLU A 1 200 ? 9.683   8.414   -4.645  1.00 54.01  ? 196 GLU A OE2 1 
ATOM   1345 N N   . ALA A 1 201 ? 9.195   13.820  -3.400  1.00 22.35  ? 197 ALA A N   1 
ATOM   1346 C CA  . ALA A 1 201 ? 10.025  14.429  -2.351  1.00 23.80  ? 197 ALA A CA  1 
ATOM   1347 C C   . ALA A 1 201 ? 9.270   15.313  -1.371  1.00 25.40  ? 197 ALA A C   1 
ATOM   1348 O O   . ALA A 1 201 ? 9.837   15.751  -0.377  1.00 25.37  ? 197 ALA A O   1 
ATOM   1349 C CB  . ALA A 1 201 ? 11.155  15.250  -3.017  1.00 25.03  ? 197 ALA A CB  1 
ATOM   1350 N N   . ARG A 1 202 ? 8.009   15.641  -1.658  1.00 20.47  ? 198 ARG A N   1 
ATOM   1351 C CA  . ARG A 1 202 ? 7.251   16.585  -0.784  1.00 17.78  ? 198 ARG A CA  1 
ATOM   1352 C C   . ARG A 1 202 ? 6.001   15.905  -0.177  1.00 19.87  ? 198 ARG A C   1 
ATOM   1353 O O   . ARG A 1 202 ? 5.354   16.471  0.748   1.00 20.21  ? 198 ARG A O   1 
ATOM   1354 C CB  . ARG A 1 202 ? 6.798   17.810  -1.600  1.00 22.18  ? 198 ARG A CB  1 
ATOM   1355 C CG  . ARG A 1 202 ? 8.000   18.729  -1.971  1.00 24.97  ? 198 ARG A CG  1 
ATOM   1356 C CD  . ARG A 1 202 ? 8.658   19.419  -0.750  1.00 24.56  ? 198 ARG A CD  1 
ATOM   1357 N NE  . ARG A 1 202 ? 7.580   20.035  0.062   1.00 30.06  ? 198 ARG A NE  1 
ATOM   1358 C CZ  . ARG A 1 202 ? 7.621   20.137  1.394   1.00 35.52  ? 198 ARG A CZ  1 
ATOM   1359 N NH1 . ARG A 1 202 ? 8.739   19.788  2.025   1.00 34.23  ? 198 ARG A NH1 1 
ATOM   1360 N NH2 . ARG A 1 202 ? 6.589   20.616  2.107   1.00 32.72  ? 198 ARG A NH2 1 
ATOM   1361 N N   . VAL A 1 203 ? 5.727   14.682  -0.600  1.00 19.83  ? 199 VAL A N   1 
ATOM   1362 C CA  . VAL A 1 203 ? 4.422   14.068  -0.256  1.00 21.16  ? 199 VAL A CA  1 
ATOM   1363 C C   . VAL A 1 203 ? 4.361   13.677  1.260   1.00 21.08  ? 199 VAL A C   1 
ATOM   1364 O O   . VAL A 1 203 ? 3.357   13.891  1.955   1.00 19.27  ? 199 VAL A O   1 
ATOM   1365 C CB  . VAL A 1 203 ? 4.000   13.019  -1.312  1.00 24.33  ? 199 VAL A CB  1 
ATOM   1366 C CG1 . VAL A 1 203 ? 4.810   11.809  -1.156  1.00 23.36  ? 199 VAL A CG1 1 
ATOM   1367 C CG2 . VAL A 1 203 ? 2.482   12.672  -1.109  1.00 24.83  ? 199 VAL A CG2 1 
ATOM   1368 N N   . LEU A 1 204 ? 5.489   13.177  1.803   1.00 21.79  ? 200 LEU A N   1 
ATOM   1369 C CA  . LEU A 1 204 ? 5.455   12.818  3.213   1.00 22.77  ? 200 LEU A CA  1 
ATOM   1370 C C   . LEU A 1 204 ? 5.153   14.019  4.099   1.00 23.25  ? 200 LEU A C   1 
ATOM   1371 O O   . LEU A 1 204 ? 4.213   13.933  4.943   1.00 26.13  ? 200 LEU A O   1 
ATOM   1372 C CB  . LEU A 1 204 ? 6.787   12.134  3.655   1.00 24.53  ? 200 LEU A CB  1 
ATOM   1373 C CG  . LEU A 1 204 ? 6.779   11.458  5.015   1.00 29.00  ? 200 LEU A CG  1 
ATOM   1374 C CD1 . LEU A 1 204 ? 5.622   10.423  5.148   1.00 24.23  ? 200 LEU A CD1 1 
ATOM   1375 C CD2 . LEU A 1 204 ? 8.222   10.833  5.101   1.00 27.36  ? 200 LEU A CD2 1 
ATOM   1376 N N   . ASP A 1 205 ? 5.892   15.132  3.926   1.00 22.18  ? 201 ASP A N   1 
ATOM   1377 C CA  . ASP A 1 205 ? 5.679   16.356  4.684   1.00 22.78  ? 201 ASP A CA  1 
ATOM   1378 C C   . ASP A 1 205 ? 4.230   16.887  4.557   1.00 23.57  ? 201 ASP A C   1 
ATOM   1379 O O   . ASP A 1 205 ? 3.648   17.431  5.515   1.00 20.47  ? 201 ASP A O   1 
ATOM   1380 C CB  . ASP A 1 205 ? 6.572   17.525  4.245   1.00 28.46  ? 201 ASP A CB  1 
ATOM   1381 C CG  . ASP A 1 205 ? 8.030   17.465  4.800   1.00 39.37  ? 201 ASP A CG  1 
ATOM   1382 O OD1 . ASP A 1 205 ? 8.348   16.602  5.644   1.00 32.05  ? 201 ASP A OD1 1 
ATOM   1383 O OD2 . ASP A 1 205 ? 8.851   18.340  4.371   1.00 42.97  ? 201 ASP A OD2 1 
ATOM   1384 N N   . THR A 1 206 ? 3.718   16.854  3.322   1.00 21.36  ? 202 THR A N   1 
ATOM   1385 C CA  . THR A 1 206 ? 2.394   17.364  3.044   1.00 19.12  ? 202 THR A CA  1 
ATOM   1386 C C   . THR A 1 206 ? 1.327   16.564  3.832   1.00 17.90  ? 202 THR A C   1 
ATOM   1387 O O   . THR A 1 206 ? 0.506   17.140  4.575   1.00 18.72  ? 202 THR A O   1 
ATOM   1388 C CB  . THR A 1 206 ? 2.131   17.225  1.509   1.00 21.66  ? 202 THR A CB  1 
ATOM   1389 O OG1 . THR A 1 206 ? 3.109   17.993  0.811   1.00 22.52  ? 202 THR A OG1 1 
ATOM   1390 C CG2 . THR A 1 206 ? 0.727   17.742  1.130   1.00 22.80  ? 202 THR A CG2 1 
ATOM   1391 N N   . LEU A 1 207 ? 1.356   15.219  3.761   1.00 16.70  ? 203 LEU A N   1 
ATOM   1392 C CA  . LEU A 1 207 ? 0.400   14.384  4.479   1.00 16.61  ? 203 LEU A CA  1 
ATOM   1393 C C   . LEU A 1 207 ? 0.546   14.467  5.969   1.00 18.01  ? 203 LEU A C   1 
ATOM   1394 O O   . LEU A 1 207 ? -0.449  14.561  6.728   1.00 16.86  ? 203 LEU A O   1 
ATOM   1395 C CB  . LEU A 1 207 ? 0.604   12.928  4.079   1.00 16.62  ? 203 LEU A CB  1 
ATOM   1396 C CG  . LEU A 1 207 ? 0.312   12.644  2.540   1.00 19.41  ? 203 LEU A CG  1 
ATOM   1397 C CD1 . LEU A 1 207 ? 0.580   11.166  2.226   1.00 21.20  ? 203 LEU A CD1 1 
ATOM   1398 C CD2 . LEU A 1 207 ? -1.141  12.968  2.091   1.00 21.52  ? 203 LEU A CD2 1 
ATOM   1399 N N   . VAL A 1 208 ? 1.784   14.534  6.447   1.00 18.78  ? 204 VAL A N   1 
ATOM   1400 C CA  . VAL A 1 208 ? 1.950   14.585  7.926   1.00 17.20  ? 204 VAL A CA  1 
ATOM   1401 C C   . VAL A 1 208 ? 1.298   15.908  8.468   1.00 18.85  ? 204 VAL A C   1 
ATOM   1402 O O   . VAL A 1 208 ? 0.605   15.943  9.515   1.00 20.79  ? 204 VAL A O   1 
ATOM   1403 C CB  . VAL A 1 208 ? 3.435   14.581  8.305   1.00 20.54  ? 204 VAL A CB  1 
ATOM   1404 C CG1 . VAL A 1 208 ? 3.542   15.009  9.794   1.00 19.75  ? 204 VAL A CG1 1 
ATOM   1405 C CG2 . VAL A 1 208 ? 4.074   13.177  8.068   1.00 22.11  ? 204 VAL A CG2 1 
ATOM   1406 N N   . HIS A 1 209 ? 1.498   16.994  7.739   1.00 18.46  ? 205 HIS A N   1 
ATOM   1407 C CA  . HIS A 1 209 ? 0.894   18.271  8.194   1.00 19.55  ? 205 HIS A CA  1 
ATOM   1408 C C   . HIS A 1 209 ? -0.623  18.172  8.265   1.00 19.64  ? 205 HIS A C   1 
ATOM   1409 O O   . HIS A 1 209 ? -1.231  18.606  9.264   1.00 19.80  ? 205 HIS A O   1 
ATOM   1410 C CB  . HIS A 1 209 ? 1.280   19.412  7.213   1.00 22.21  ? 205 HIS A CB  1 
ATOM   1411 C CG  . HIS A 1 209 ? 0.444   20.683  7.402   1.00 24.53  ? 205 HIS A CG  1 
ATOM   1412 N ND1 . HIS A 1 209 ? 0.753   21.660  8.328   1.00 23.54  ? 205 HIS A ND1 1 
ATOM   1413 C CD2 . HIS A 1 209 ? -0.772  21.057  6.818   1.00 23.60  ? 205 HIS A CD2 1 
ATOM   1414 C CE1 . HIS A 1 209 ? -0.223  22.615  8.348   1.00 25.04  ? 205 HIS A CE1 1 
ATOM   1415 N NE2 . HIS A 1 209 ? -1.162  22.265  7.402   1.00 23.60  ? 205 HIS A NE2 1 
ATOM   1416 N N   . ILE A 1 210 ? -1.263  17.641  7.202   1.00 18.86  ? 206 ILE A N   1 
ATOM   1417 C CA  . ILE A 1 210 ? -2.723  17.415  7.224   1.00 17.68  ? 206 ILE A CA  1 
ATOM   1418 C C   . ILE A 1 210 ? -3.155  16.487  8.371   1.00 20.89  ? 206 ILE A C   1 
ATOM   1419 O O   . ILE A 1 210 ? -4.119  16.785  9.017   1.00 20.01  ? 206 ILE A O   1 
ATOM   1420 C CB  . ILE A 1 210 ? -3.239  16.966  5.810   1.00 18.26  ? 206 ILE A CB  1 
ATOM   1421 C CG1 . ILE A 1 210 ? -2.883  18.104  4.844   1.00 19.20  ? 206 ILE A CG1 1 
ATOM   1422 C CG2 . ILE A 1 210 ? -4.776  16.829  5.839   1.00 16.77  ? 206 ILE A CG2 1 
ATOM   1423 C CD1 . ILE A 1 210 ? -2.994  17.635  3.338   1.00 20.05  ? 206 ILE A CD1 1 
ATOM   1424 N N   . TRP A 1 211 ? -2.472  15.361  8.580   1.00 19.12  ? 207 TRP A N   1 
ATOM   1425 C CA  . TRP A 1 211 ? -2.790  14.448  9.698   1.00 20.76  ? 207 TRP A CA  1 
ATOM   1426 C C   . TRP A 1 211 ? -2.687  15.138  11.046  1.00 22.45  ? 207 TRP A C   1 
ATOM   1427 O O   . TRP A 1 211 ? -3.652  15.123  11.827  1.00 21.99  ? 207 TRP A O   1 
ATOM   1428 C CB  . TRP A 1 211 ? -1.901  13.248  9.695   1.00 20.94  ? 207 TRP A CB  1 
ATOM   1429 C CG  . TRP A 1 211 ? -2.316  12.229  8.674   1.00 18.44  ? 207 TRP A CG  1 
ATOM   1430 C CD1 . TRP A 1 211 ? -2.348  12.352  7.252   1.00 18.63  ? 207 TRP A CD1 1 
ATOM   1431 C CD2 . TRP A 1 211 ? -2.686  10.866  8.942   1.00 20.82  ? 207 TRP A CD2 1 
ATOM   1432 N NE1 . TRP A 1 211 ? -2.791  11.211  6.726   1.00 19.20  ? 207 TRP A NE1 1 
ATOM   1433 C CE2 . TRP A 1 211 ? -2.975  10.268  7.678   1.00 19.54  ? 207 TRP A CE2 1 
ATOM   1434 C CE3 . TRP A 1 211 ? -2.849  10.093  10.143  1.00 19.43  ? 207 TRP A CE3 1 
ATOM   1435 C CZ2 . TRP A 1 211 ? -3.383  8.894   7.557   1.00 20.64  ? 207 TRP A CZ2 1 
ATOM   1436 C CZ3 . TRP A 1 211 ? -3.294  8.747   10.008  1.00 20.83  ? 207 TRP A CZ3 1 
ATOM   1437 C CH2 . TRP A 1 211 ? -3.562  8.177   8.768   1.00 17.75  ? 207 TRP A CH2 1 
ATOM   1438 N N   . VAL A 1 212 ? -1.579  15.851  11.286  1.00 22.08  ? 208 VAL A N   1 
ATOM   1439 C CA  . VAL A 1 212 ? -1.368  16.415  12.652  1.00 23.15  ? 208 VAL A CA  1 
ATOM   1440 C C   . VAL A 1 212 ? -2.294  17.604  12.872  1.00 21.62  ? 208 VAL A C   1 
ATOM   1441 O O   . VAL A 1 212 ? -2.898  17.736  13.942  1.00 24.12  ? 208 VAL A O   1 
ATOM   1442 C CB  . VAL A 1 212 ? 0.126   16.812  12.854  1.00 27.54  ? 208 VAL A CB  1 
ATOM   1443 C CG1 . VAL A 1 212 ? 0.306   17.498  14.213  1.00 33.58  ? 208 VAL A CG1 1 
ATOM   1444 C CG2 . VAL A 1 212 ? 0.956   15.494  12.761  1.00 26.37  ? 208 VAL A CG2 1 
ATOM   1445 N N   . THR A 1 213 ? -2.521  18.412  11.837  1.00 18.66  ? 209 THR A N   1 
ATOM   1446 C CA  . THR A 1 213 ? -3.469  19.487  12.079  1.00 21.79  ? 209 THR A CA  1 
ATOM   1447 C C   . THR A 1 213 ? -4.870  19.026  12.282  1.00 24.26  ? 209 THR A C   1 
ATOM   1448 O O   . THR A 1 213 ? -5.579  19.600  13.133  1.00 23.26  ? 209 THR A O   1 
ATOM   1449 C CB  . THR A 1 213 ? -3.452  20.564  11.019  1.00 23.84  ? 209 THR A CB  1 
ATOM   1450 O OG1 . THR A 1 213 ? -3.669  19.997  9.710   1.00 24.28  ? 209 THR A OG1 1 
ATOM   1451 C CG2 . THR A 1 213 ? -2.124  21.382  11.144  1.00 24.65  ? 209 THR A CG2 1 
ATOM   1452 N N   . SER A 1 214 ? -5.266  17.958  11.572  1.00 21.42  ? 210 SER A N   1 
ATOM   1453 C CA  . SER A 1 214 ? -6.648  17.563  11.620  1.00 20.43  ? 210 SER A CA  1 
ATOM   1454 C C   . SER A 1 214 ? -6.913  16.736  12.843  1.00 23.29  ? 210 SER A C   1 
ATOM   1455 O O   . SER A 1 214 ? -8.038  16.745  13.429  1.00 22.06  ? 210 SER A O   1 
ATOM   1456 C CB  . SER A 1 214 ? -7.052  16.894  10.324  1.00 22.11  ? 210 SER A CB  1 
ATOM   1457 O OG  . SER A 1 214 ? -6.578  15.585  10.264  1.00 22.66  ? 210 SER A OG  1 
ATOM   1458 N N   . ILE A 1 215 ? -5.874  16.058  13.310  1.00 22.55  ? 211 ILE A N   1 
ATOM   1459 C CA  . ILE A 1 215 ? -6.063  15.207  14.506  1.00 24.67  ? 211 ILE A CA  1 
ATOM   1460 C C   . ILE A 1 215 ? -5.995  16.078  15.788  1.00 26.17  ? 211 ILE A C   1 
ATOM   1461 O O   . ILE A 1 215 ? -6.749  15.839  16.748  1.00 24.49  ? 211 ILE A O   1 
ATOM   1462 C CB  . ILE A 1 215 ? -5.047  14.043  14.557  1.00 24.89  ? 211 ILE A CB  1 
ATOM   1463 C CG1 . ILE A 1 215 ? -5.443  13.056  13.454  1.00 22.02  ? 211 ILE A CG1 1 
ATOM   1464 C CG2 . ILE A 1 215 ? -5.008  13.355  15.946  1.00 26.16  ? 211 ILE A CG2 1 
ATOM   1465 C CD1 . ILE A 1 215 ? -4.370  12.032  13.145  1.00 21.33  ? 211 ILE A CD1 1 
ATOM   1466 N N   . TYR A 1 216 ? -5.045  16.998  15.845  1.00 25.59  ? 212 TYR A N   1 
ATOM   1467 C CA  . TYR A 1 216 ? -4.824  17.754  17.096  1.00 29.17  ? 212 TYR A CA  1 
ATOM   1468 C C   . TYR A 1 216 ? -5.480  19.138  17.060  1.00 31.11  ? 212 TYR A C   1 
ATOM   1469 O O   . TYR A 1 216 ? -5.490  19.824  18.084  1.00 28.55  ? 212 TYR A O   1 
ATOM   1470 C CB  . TYR A 1 216 ? -3.297  17.940  17.348  1.00 25.27  ? 212 TYR A CB  1 
ATOM   1471 C CG  . TYR A 1 216 ? -2.705  16.624  17.606  1.00 27.45  ? 212 TYR A CG  1 
ATOM   1472 C CD1 . TYR A 1 216 ? -2.836  16.017  18.878  1.00 26.37  ? 212 TYR A CD1 1 
ATOM   1473 C CD2 . TYR A 1 216 ? -2.012  15.939  16.585  1.00 26.98  ? 212 TYR A CD2 1 
ATOM   1474 C CE1 . TYR A 1 216 ? -2.366  14.725  19.051  1.00 23.99  ? 212 TYR A CE1 1 
ATOM   1475 C CE2 . TYR A 1 216 ? -1.501  14.686  16.779  1.00 26.09  ? 212 TYR A CE2 1 
ATOM   1476 C CZ  . TYR A 1 216 ? -1.648  14.121  18.033  1.00 26.53  ? 212 TYR A CZ  1 
ATOM   1477 O OH  . TYR A 1 216 ? -1.188  12.872  18.204  1.00 27.97  ? 212 TYR A OH  1 
ATOM   1478 N N   . GLY A 1 217 ? -5.972  19.597  15.895  1.00 29.11  ? 213 GLY A N   1 
ATOM   1479 C CA  . GLY A 1 217 ? -6.453  21.011  15.736  1.00 27.68  ? 213 GLY A CA  1 
ATOM   1480 C C   . GLY A 1 217 ? -7.932  21.178  16.207  1.00 34.28  ? 213 GLY A C   1 
ATOM   1481 O O   . GLY A 1 217 ? -8.738  20.262  16.045  1.00 32.74  ? 213 GLY A O   1 
ATOM   1482 N N   . GLU A 1 218 ? -8.278  22.299  16.843  1.00 43.10  ? 214 GLU A N   1 
ATOM   1483 C CA  . GLU A 1 218 ? -9.520  22.337  17.684  1.00 52.20  ? 214 GLU A CA  1 
ATOM   1484 C C   . GLU A 1 218 ? -10.687 22.830  16.877  1.00 50.73  ? 214 GLU A C   1 
ATOM   1485 O O   . GLU A 1 218 ? -10.474 23.521  15.880  1.00 57.51  ? 214 GLU A O   1 
ATOM   1486 C CB  . GLU A 1 218 ? -9.322  23.169  18.969  1.00 54.59  ? 214 GLU A CB  1 
ATOM   1487 C CG  . GLU A 1 218 ? -10.199 22.731  20.152  1.00 60.19  ? 214 GLU A CG  1 
HETATM 1488 N N   . 5TG B 2 .   ? -1.963  4.403   3.986   1.00 27.42  ? 301 5TG A N   1 
HETATM 1489 C C   . 5TG B 2 .   ? -1.651  4.587   2.565   1.00 25.31  ? 301 5TG A C   1 
HETATM 1490 O O2  . 5TG B 2 .   ? -0.579  6.099   4.644   1.00 25.89  ? 301 5TG A O2  1 
HETATM 1491 C C4  . 5TG B 2 .   ? -1.397  5.140   4.902   1.00 23.78  ? 301 5TG A C4  1 
HETATM 1492 C C3  . 5TG B 2 .   ? -2.959  3.379   4.339   1.00 29.99  ? 301 5TG A C3  1 
HETATM 1493 C C2  . 5TG B 2 .   ? -3.336  2.824   2.958   1.00 32.53  ? 301 5TG A C2  1 
HETATM 1494 C C1  . 5TG B 2 .   ? -2.364  3.412   1.940   1.00 35.54  ? 301 5TG A C1  1 
HETATM 1495 C C5  . 5TG B 2 .   ? -1.715  4.701   6.311   1.00 24.20  ? 301 5TG A C5  1 
HETATM 1496 C C6  . 5TG B 2 .   ? -1.021  5.628   7.275   1.00 27.15  ? 301 5TG A C6  1 
HETATM 1497 C C7  . 5TG B 2 .   ? -1.321  5.328   8.730   1.00 28.66  ? 301 5TG A C7  1 
HETATM 1498 C C11 . 5TG B 2 .   ? -0.465  6.315   9.474   1.00 30.75  ? 301 5TG A C11 1 
HETATM 1499 C C10 . 5TG B 2 .   ? -0.732  6.151   10.973  1.00 34.98  ? 301 5TG A C10 1 
HETATM 1500 N N1  . 5TG B 2 .   ? -0.535  4.776   11.406  1.00 36.49  ? 301 5TG A N1  1 
HETATM 1501 C C9  . 5TG B 2 .   ? -1.279  3.735   10.732  1.00 35.31  ? 301 5TG A C9  1 
HETATM 1502 C C8  . 5TG B 2 .   ? -0.979  3.898   9.216   1.00 39.55  ? 301 5TG A C8  1 
HETATM 1503 C C12 . 5TG B 2 .   ? 0.388   4.660   12.536  1.00 37.28  ? 301 5TG A C12 1 
HETATM 1504 C C17 . 5TG B 2 .   ? 0.836   3.486   13.046  1.00 43.30  ? 301 5TG A C17 1 
HETATM 1505 C C16 . 5TG B 2 .   ? 1.719   3.487   14.151  1.00 55.38  ? 301 5TG A C16 1 
HETATM 1506 C C15 . 5TG B 2 .   ? 2.139   4.699   14.746  1.00 61.95  ? 301 5TG A C15 1 
HETATM 1507 C C14 . 5TG B 2 .   ? 1.671   5.902   14.249  1.00 53.57  ? 301 5TG A C14 1 
HETATM 1508 C C13 . 5TG B 2 .   ? 0.812   5.835   13.145  1.00 38.56  ? 301 5TG A C13 1 
HETATM 1509 C C18 . 5TG B 2 .   ? 3.087   4.709   15.938  1.00 68.89  ? 301 5TG A C18 1 
HETATM 1510 O O   . HOH C 3 .   ? -19.212 6.704   11.057  0.50 23.24  ? 401 HOH A O   1 
HETATM 1511 O O   . HOH C 3 .   ? -4.099  12.836  -10.081 1.00 31.39  ? 402 HOH A O   1 
HETATM 1512 O O   . HOH C 3 .   ? 5.016   18.079  7.599   1.00 27.01  ? 403 HOH A O   1 
HETATM 1513 O O   . HOH C 3 .   ? 11.411  7.940   3.931   1.00 26.11  ? 404 HOH A O   1 
HETATM 1514 O O   . HOH C 3 .   ? -1.082  -1.543  -15.545 1.00 53.13  ? 405 HOH A O   1 
HETATM 1515 O O   . HOH C 3 .   ? -10.044 -6.100  7.864   1.00 37.72  ? 406 HOH A O   1 
HETATM 1516 O O   . HOH C 3 .   ? 6.773   -2.861  -8.256  1.00 28.49  ? 407 HOH A O   1 
HETATM 1517 O O   . HOH C 3 .   ? 8.153   12.868  0.656   1.00 21.95  ? 408 HOH A O   1 
HETATM 1518 O O   . HOH C 3 .   ? -8.991  14.491  17.499  1.00 29.87  ? 409 HOH A O   1 
HETATM 1519 O O   . HOH C 3 .   ? 0.079   13.337  -5.093  1.00 25.18  ? 410 HOH A O   1 
HETATM 1520 O O   . HOH C 3 .   ? 8.849   -25.889 -17.607 1.00 35.18  ? 411 HOH A O   1 
HETATM 1521 O O   . HOH C 3 .   ? -12.278 -0.001  9.915   1.00 24.71  ? 412 HOH A O   1 
HETATM 1522 O O   . HOH C 3 .   ? -21.276 9.824   13.252  1.00 38.81  ? 413 HOH A O   1 
HETATM 1523 O O   . HOH C 3 .   ? 8.207   15.215  2.198   1.00 24.43  ? 414 HOH A O   1 
HETATM 1524 O O   . HOH C 3 .   ? 9.081   4.675   9.133   1.00 27.33  ? 415 HOH A O   1 
HETATM 1525 O O   . HOH C 3 .   ? 10.237  14.350  -6.094  1.00 25.81  ? 416 HOH A O   1 
HETATM 1526 O O   . HOH C 3 .   ? 9.411   1.022   -7.371  1.00 33.72  ? 417 HOH A O   1 
HETATM 1527 O O   . HOH C 3 .   ? -14.995 9.179   18.141  1.00 39.03  ? 418 HOH A O   1 
# 
